data_8D33
#
_entry.id   8D33
#
_cell.length_a   1.00
_cell.length_b   1.00
_cell.length_c   1.00
_cell.angle_alpha   90.00
_cell.angle_beta   90.00
_cell.angle_gamma   90.00
#
_symmetry.space_group_name_H-M   'P 1'
#
loop_
_entity.id
_entity.type
_entity.pdbx_description
1 polymer 'DNA polymerase subunit gamma-1'
2 polymer 'DNA polymerase subunit gamma-2, mitochondrial'
3 polymer "DNA (5'-D(P*AP*AP*AP*AP*CP*GP*AP*CP*GP*GP*CP*CP*AP*GP*TP*GP*CP*CP*AP*TP*AP*C)-3')"
4 polymer 'DNA (25-MER)'
5 non-polymer 'CALCIUM ION'
6 non-polymer "2'-DEOXYCYTIDINE-5'-TRIPHOSPHATE"
#
loop_
_entity_poly.entity_id
_entity_poly.type
_entity_poly.pdbx_seq_one_letter_code
_entity_poly.pdbx_strand_id
1 'polypeptide(L)'
;MSRLLWRKVAGATVGPGPVPAPGRWVSSSVPASDPSDGQRRRQQQQQQQQQQQQQPQQPQVLSSEGGQLRHNPLDIQMLS
RGLHEQIFGQGGEMPGEAAVRRSVEHLQKHGLWGQPAVPLPDVELRLPPLYGDNLDQHFRLLAQKQSLPYLEAANLLLQA
QLPPKPPAWAWAEGWTRYGPEGEAVPVAIPEERALVFDVEVCLAEGTCPTLAVAISPSAWYSWCSQRLVEERYSWTSQLS
PADLIPLEVPTGASSPTQRDWQEQLVVGHNVSFDRAHIREQYLIQGSRMRFLDTMSMHMAISGLSSFQRSLWIAAKQGKH
KVQPPTKQGQKSQRKARRGPAISSWDWLDISSVNSLAEVHRLYVGGPPLEKEPRELFVKGTMKDIRENFQDLMQYCAQDV
WATHEVFQQQLPLFLERCPHPVTLAGMLEMGVSYLPVNQNWERYLAEAQGTYEELQREMKKSLMDLANDACQLLSGERYK
EDPWLWDLEWDLQEFKQKKAKKVKKEPATASKLPIEGAGAPGDPMDQEDLGPCSEEEEFQQDVMARACLQKLKGTTELLP
KRPQHLPGHPGWYRKLCPRLDDPAWTPGPSLLSLQMRVTPKLMALTWDGFPLHYSERHGWGYLVPGRRDNLAKLPTGTTL
ESAGVVCPYRAIESLYRKHCLEQGKQQLMPQEAGLAEEFLLTDNSAIWQTVEELDYLEVEAEAKMENLRAAVPGQPLALT
ARGGPKDTQPSYHHGNGPYNDVDIPGCWFFKLPHKDGNSCNVGSPFAKDFLPKMEDGTLQAGPGGASGPRALEINKMISF
WRNAHKRISSQMVVWLPRSALPRAVIRHPDYDEEGLYGAILPQVVTAGTITRRAVEPTWLTASNARPDRVGSELKAMVQA
PPGYTLVGADVDSQELWIAAVLGDAHFAGMHGCTAFGWMTLQGRKSRGTDLHSKTATTVGISREHAKIFNYGRIYGAGQP
FAERLLMQFNHRLTQQEAAEKAQQMYAATKGLRWYRLSDEGEWLVRELNLPVDRTEGGWISLQDLRKVQRETARKSQWKK
WEVVAERAWKGGTESEMFNKLESIATSDIPRTPVLGCCISRALEPSAVQEEFMTSRVNWVVQSSAVDYLHLMLVAMKWLF
EEFAIDGRFCISIHDEVRYLVREEDRYRAALALQITNLLTRCMFAYKLGLNDLPQSVAFFSAVDIDRCLRKEVTMDCKTP
SNPTGMERRYGIPQGEALDIYQIIELTKGSLEKRSQPGPHHHHHH
;
A
2 'polypeptide(L)'
;MRSRVAVRACHKVCRCLLSGFGGRVDAGQPELLTERSSPKGGHVKSHAELEGNGEHPEAPGSGEGSEALLEICQRRHFLS
GSKQQLSRDSLLSGCHPGFGPLGVELRKNLAAEWWTSVVVFREQVFPVDALHHKPGPLLPGDSAFRLVSAETLREILQDK
ELSKEQLVAFLENVLKTSGKLRENLLHGALEHYVNCLDLVNKRLPYGLAQIGVCFHPVFDTKQIRNGVKSIGEKTEASLV
WFTPPRTSNQWLDFWLRHRLQWWRKFAMSPSNFSSSDCQDEEGRKGNKLYYNFPWGKELIETLWNLGDHELLHMYPGNVS
KLHGRDGRKNVVPCVLSVNGDLDRGMLAYLYDSFQLTENSFTRKKNLHRKVLKLHPCLAPIKVALDVGRGPTLELRQVCQ
GLFNELLENGISVWPGYLETMQSSLEQLYSKYDEMSILFTVLVTETTLENGLIHLRSRDTTMKEMMHISKLKDFLIKYIS
SAKNVHHHHHH
;
B,C
3 'polydeoxyribonucleotide'
;(DC)(DG)(DA)(DA)(DA)(DA)(DC)(DG)(DA)(DC)(DG)(DG)(DC)(DC)(DA)(DG)(DT)(DG)(DC)(DC)
(DA)(DT)(DA)(DC)
;
P
4 'polydeoxyribonucleotide'
;(DC)(DG)(DA)(DG)(DG)(DT)(DA)(DT)(DG)(DG)(DC)(DA)(DC)(DT)(DG)(DG)(DC)(DC)(DG)(DT)
(DC)(DG)(DT)(DT)(DT)(DT)(DC)(DG)
;
T
#
# COMPACT_ATOMS: atom_id res chain seq x y z
N LEU A 69 27.69 52.36 -16.84
CA LEU A 69 29.13 52.43 -16.66
C LEU A 69 29.62 51.34 -15.71
N ARG A 70 30.93 51.31 -15.47
CA ARG A 70 31.54 50.22 -14.71
C ARG A 70 31.37 50.37 -13.21
N HIS A 71 31.05 51.56 -12.71
CA HIS A 71 30.93 51.77 -11.27
C HIS A 71 30.01 52.96 -11.02
N ASN A 72 29.54 53.05 -9.78
CA ASN A 72 28.73 54.16 -9.32
C ASN A 72 29.52 54.94 -8.27
N PRO A 73 29.05 56.11 -7.84
CA PRO A 73 29.84 56.92 -6.91
C PRO A 73 30.28 56.17 -5.67
N LEU A 74 29.62 55.06 -5.36
CA LEU A 74 29.96 54.23 -4.21
C LEU A 74 30.74 52.99 -4.61
N ASP A 75 31.32 52.97 -5.81
CA ASP A 75 32.22 51.90 -6.25
C ASP A 75 31.53 50.53 -6.17
N ILE A 76 30.31 50.47 -6.69
CA ILE A 76 29.57 49.22 -6.82
C ILE A 76 29.45 48.89 -8.30
N GLN A 77 29.88 47.68 -8.68
CA GLN A 77 29.84 47.27 -10.07
C GLN A 77 28.42 47.35 -10.61
N MET A 78 28.18 48.25 -11.55
CA MET A 78 26.86 48.46 -12.12
C MET A 78 26.73 47.64 -13.40
N LEU A 79 25.64 47.84 -14.13
CA LEU A 79 25.40 47.09 -15.36
C LEU A 79 26.47 47.42 -16.39
N SER A 80 26.74 46.44 -17.26
CA SER A 80 27.70 46.64 -18.34
C SER A 80 27.38 47.89 -19.12
N ARG A 81 28.40 48.46 -19.75
CA ARG A 81 28.22 49.71 -20.50
C ARG A 81 27.24 49.53 -21.65
N GLY A 82 27.43 48.47 -22.45
CA GLY A 82 26.56 48.27 -23.60
C GLY A 82 25.13 47.98 -23.19
N LEU A 83 24.94 47.12 -22.19
CA LEU A 83 23.59 46.81 -21.74
C LEU A 83 22.91 48.03 -21.14
N HIS A 84 23.65 48.81 -20.34
CA HIS A 84 23.08 50.03 -19.77
C HIS A 84 22.68 51.00 -20.86
N GLU A 85 23.52 51.14 -21.90
CA GLU A 85 23.17 52.01 -23.01
C GLU A 85 21.91 51.54 -23.73
N GLN A 86 21.80 50.23 -23.94
CA GLN A 86 20.63 49.70 -24.64
C GLN A 86 19.36 49.83 -23.80
N ILE A 87 19.49 49.80 -22.47
CA ILE A 87 18.32 49.76 -21.61
C ILE A 87 17.95 51.16 -21.14
N PHE A 88 18.86 51.83 -20.43
CA PHE A 88 18.56 53.11 -19.82
C PHE A 88 18.82 54.27 -20.78
N GLY A 89 18.38 55.45 -20.36
CA GLY A 89 18.57 56.64 -21.18
C GLY A 89 19.95 57.25 -21.02
N GLN A 90 20.43 57.84 -22.10
CA GLN A 90 21.76 58.44 -22.10
C GLN A 90 21.81 59.65 -21.17
N GLY A 91 20.74 60.45 -21.15
CA GLY A 91 20.74 61.69 -20.40
C GLY A 91 20.27 61.54 -18.96
N GLY A 92 20.57 60.40 -18.35
CA GLY A 92 20.23 60.21 -16.95
C GLY A 92 20.89 61.24 -16.05
N GLU A 93 20.11 61.85 -15.17
CA GLU A 93 20.65 62.85 -14.26
C GLU A 93 21.57 62.20 -13.23
N MET A 94 22.64 62.91 -12.88
CA MET A 94 23.60 62.42 -11.92
C MET A 94 23.17 62.77 -10.50
N PRO A 95 23.62 62.00 -9.51
CA PRO A 95 23.35 62.37 -8.12
C PRO A 95 24.07 63.65 -7.72
N GLY A 96 23.48 64.38 -6.78
CA GLY A 96 24.10 65.57 -6.27
C GLY A 96 25.20 65.26 -5.27
N GLU A 97 25.97 66.29 -4.94
CA GLU A 97 27.06 66.13 -3.98
C GLU A 97 26.54 65.79 -2.59
N ALA A 98 25.46 66.44 -2.17
CA ALA A 98 24.94 66.22 -0.82
C ALA A 98 24.48 64.78 -0.63
N ALA A 99 23.80 64.21 -1.63
CA ALA A 99 23.33 62.84 -1.52
C ALA A 99 24.51 61.87 -1.38
N VAL A 100 25.56 62.07 -2.19
CA VAL A 100 26.72 61.20 -2.11
C VAL A 100 27.39 61.34 -0.74
N ARG A 101 27.48 62.57 -0.23
CA ARG A 101 28.08 62.76 1.08
C ARG A 101 27.29 62.04 2.16
N ARG A 102 25.96 62.16 2.12
CA ARG A 102 25.12 61.48 3.12
C ARG A 102 25.29 59.96 3.03
N SER A 103 25.29 59.42 1.81
CA SER A 103 25.44 57.97 1.66
C SER A 103 26.79 57.50 2.17
N VAL A 104 27.86 58.23 1.86
CA VAL A 104 29.18 57.85 2.31
C VAL A 104 29.27 57.92 3.83
N GLU A 105 28.71 58.98 4.42
CA GLU A 105 28.71 59.10 5.87
C GLU A 105 27.99 57.91 6.51
N HIS A 106 26.82 57.56 5.96
CA HIS A 106 26.06 56.43 6.48
C HIS A 106 26.87 55.15 6.40
N LEU A 107 27.44 54.84 5.24
CA LEU A 107 28.18 53.60 5.07
C LEU A 107 29.39 53.56 5.98
N GLN A 108 30.13 54.67 6.09
CA GLN A 108 31.29 54.69 6.97
C GLN A 108 30.89 54.49 8.42
N LYS A 109 29.81 55.15 8.87
CA LYS A 109 29.38 54.98 10.25
C LYS A 109 29.00 53.54 10.53
N HIS A 110 28.30 52.88 9.60
CA HIS A 110 28.01 51.48 9.81
C HIS A 110 29.25 50.61 9.66
N GLY A 111 30.19 51.01 8.81
CA GLY A 111 31.47 50.33 8.72
C GLY A 111 31.61 49.45 7.50
N LEU A 112 31.10 49.92 6.36
CA LEU A 112 31.13 49.15 5.12
C LEU A 112 31.89 49.85 4.00
N TRP A 113 32.45 51.04 4.25
CA TRP A 113 33.07 51.81 3.19
C TRP A 113 34.42 51.26 2.74
N GLY A 114 34.98 50.29 3.46
CA GLY A 114 36.30 49.78 3.12
C GLY A 114 36.30 48.55 2.24
N GLN A 115 35.33 47.66 2.43
CA GLN A 115 35.37 46.34 1.82
C GLN A 115 35.42 46.45 0.30
N PRO A 116 36.47 45.94 -0.36
CA PRO A 116 36.45 45.86 -1.83
C PRO A 116 35.88 44.54 -2.31
N ALA A 117 34.95 44.58 -3.27
CA ALA A 117 34.37 43.38 -3.84
C ALA A 117 35.08 43.03 -5.14
N VAL A 118 35.36 41.75 -5.31
CA VAL A 118 35.99 41.30 -6.56
C VAL A 118 34.98 41.42 -7.69
N PRO A 119 35.32 42.10 -8.80
CA PRO A 119 34.32 42.30 -9.84
C PRO A 119 33.92 41.01 -10.53
N LEU A 120 32.71 40.99 -11.05
CA LEU A 120 32.21 39.88 -11.84
C LEU A 120 32.50 40.10 -13.31
N PRO A 121 32.53 39.04 -14.12
CA PRO A 121 32.76 39.23 -15.56
C PRO A 121 31.71 40.10 -16.20
N ASP A 122 31.86 40.41 -17.48
CA ASP A 122 30.96 41.30 -18.20
C ASP A 122 30.17 40.52 -19.24
N VAL A 123 28.96 40.99 -19.50
CA VAL A 123 28.03 40.37 -20.44
C VAL A 123 27.72 41.39 -21.53
N GLU A 124 27.75 40.93 -22.78
CA GLU A 124 27.44 41.77 -23.93
C GLU A 124 26.40 41.07 -24.78
N LEU A 125 25.20 41.64 -24.86
CA LEU A 125 24.08 41.07 -25.58
C LEU A 125 23.47 42.13 -26.49
N ARG A 126 23.13 41.73 -27.71
CA ARG A 126 22.36 42.58 -28.62
C ARG A 126 20.89 42.25 -28.40
N LEU A 127 20.26 43.02 -27.52
CA LEU A 127 18.89 42.73 -27.12
C LEU A 127 17.93 43.04 -28.26
N PRO A 128 16.76 42.42 -28.26
CA PRO A 128 15.76 42.75 -29.28
C PRO A 128 15.34 44.21 -29.15
N PRO A 129 14.99 44.85 -30.26
CA PRO A 129 14.62 46.26 -30.20
C PRO A 129 13.42 46.47 -29.30
N LEU A 130 13.43 47.59 -28.57
CA LEU A 130 12.36 47.95 -27.67
C LEU A 130 11.43 48.97 -28.32
N TYR A 131 10.29 49.19 -27.70
CA TYR A 131 9.29 50.12 -28.18
C TYR A 131 9.13 51.26 -27.17
N GLY A 132 8.76 52.43 -27.69
CA GLY A 132 8.61 53.60 -26.86
C GLY A 132 9.93 54.26 -26.56
N ASP A 133 9.88 55.23 -25.64
CA ASP A 133 11.05 56.00 -25.26
C ASP A 133 11.76 55.46 -24.03
N ASN A 134 11.13 54.57 -23.26
CA ASN A 134 11.73 54.05 -22.05
C ASN A 134 11.05 52.72 -21.69
N LEU A 135 11.46 52.15 -20.56
CA LEU A 135 10.97 50.84 -20.17
C LEU A 135 9.46 50.84 -19.93
N ASP A 136 8.95 51.88 -19.27
CA ASP A 136 7.53 51.91 -18.93
C ASP A 136 6.68 51.86 -20.18
N GLN A 137 7.02 52.66 -21.19
CA GLN A 137 6.26 52.64 -22.44
C GLN A 137 6.36 51.28 -23.12
N HIS A 138 7.55 50.69 -23.11
CA HIS A 138 7.74 49.37 -23.70
C HIS A 138 6.79 48.34 -23.07
N PHE A 139 6.79 48.28 -21.74
CA PHE A 139 5.94 47.32 -21.05
C PHE A 139 4.47 47.62 -21.27
N ARG A 140 4.09 48.90 -21.25
CA ARG A 140 2.69 49.25 -21.48
C ARG A 140 2.24 48.80 -22.86
N LEU A 141 3.05 49.06 -23.88
CA LEU A 141 2.68 48.66 -25.24
C LEU A 141 2.60 47.15 -25.36
N LEU A 142 3.55 46.43 -24.77
CA LEU A 142 3.49 44.97 -24.82
C LEU A 142 2.21 44.45 -24.16
N ALA A 143 1.88 44.98 -22.98
CA ALA A 143 0.70 44.52 -22.27
C ALA A 143 -0.58 44.83 -23.05
N GLN A 144 -0.66 46.04 -23.62
CA GLN A 144 -1.85 46.39 -24.39
C GLN A 144 -1.98 45.51 -25.63
N LYS A 145 -0.87 45.25 -26.33
CA LYS A 145 -0.93 44.38 -27.48
C LYS A 145 -1.38 42.98 -27.10
N GLN A 146 -0.91 42.48 -25.96
CA GLN A 146 -1.33 41.16 -25.50
C GLN A 146 -2.82 41.14 -25.15
N SER A 147 -3.31 42.18 -24.48
CA SER A 147 -4.60 42.14 -23.82
C SER A 147 -5.73 42.84 -24.57
N LEU A 148 -5.49 43.37 -25.78
CA LEU A 148 -6.53 44.11 -26.47
C LEU A 148 -7.76 43.27 -26.78
N PRO A 149 -7.66 42.13 -27.46
CA PRO A 149 -8.89 41.41 -27.87
C PRO A 149 -9.77 40.99 -26.70
N TYR A 150 -9.16 40.56 -25.59
CA TYR A 150 -9.95 40.10 -24.46
C TYR A 150 -10.66 41.27 -23.76
N LEU A 151 -10.02 42.43 -23.70
CA LEU A 151 -10.70 43.61 -23.21
C LEU A 151 -11.87 43.98 -24.12
N GLU A 152 -11.68 43.85 -25.43
CA GLU A 152 -12.79 44.09 -26.35
C GLU A 152 -13.94 43.15 -26.09
N ALA A 153 -13.64 41.86 -25.86
CA ALA A 153 -14.70 40.89 -25.57
C ALA A 153 -15.41 41.23 -24.26
N ALA A 154 -14.66 41.64 -23.24
CA ALA A 154 -15.29 42.03 -21.99
C ALA A 154 -16.23 43.23 -22.20
N ASN A 155 -15.80 44.20 -23.00
CA ASN A 155 -16.67 45.33 -23.32
C ASN A 155 -17.92 44.87 -24.04
N LEU A 156 -17.78 43.93 -24.98
CA LEU A 156 -18.95 43.36 -25.64
C LEU A 156 -19.92 42.78 -24.62
N LEU A 157 -19.39 42.07 -23.63
CA LEU A 157 -20.24 41.53 -22.56
C LEU A 157 -20.93 42.64 -21.78
N LEU A 158 -20.22 43.74 -21.52
CA LEU A 158 -20.78 44.81 -20.70
C LEU A 158 -22.03 45.41 -21.33
N GLN A 159 -22.15 45.38 -22.65
CA GLN A 159 -23.24 46.03 -23.38
C GLN A 159 -24.19 45.01 -23.98
N ALA A 160 -24.46 43.92 -23.27
CA ALA A 160 -25.27 42.84 -23.79
C ALA A 160 -26.72 42.98 -23.34
N GLN A 161 -27.65 42.63 -24.23
CA GLN A 161 -29.08 42.60 -23.95
C GLN A 161 -29.55 41.16 -24.06
N LEU A 162 -29.85 40.53 -22.93
CA LEU A 162 -30.16 39.10 -22.89
C LEU A 162 -31.67 38.89 -22.80
N PRO A 163 -32.27 38.08 -23.66
CA PRO A 163 -33.70 37.80 -23.54
C PRO A 163 -34.01 37.07 -22.25
N PRO A 164 -35.28 36.84 -21.95
CA PRO A 164 -35.62 36.08 -20.74
C PRO A 164 -35.25 34.61 -20.89
N LYS A 165 -35.26 33.92 -19.75
CA LYS A 165 -34.86 32.52 -19.73
C LYS A 165 -35.84 31.68 -20.56
N PRO A 166 -35.37 30.58 -21.15
CA PRO A 166 -36.27 29.72 -21.93
C PRO A 166 -37.39 29.18 -21.07
N PRO A 167 -38.59 29.04 -21.63
CA PRO A 167 -39.69 28.47 -20.82
C PRO A 167 -39.42 27.06 -20.33
N ALA A 168 -38.74 26.25 -21.14
CA ALA A 168 -38.45 24.86 -20.79
C ALA A 168 -37.10 24.47 -21.36
N TRP A 169 -36.35 23.66 -20.60
CA TRP A 169 -35.00 23.27 -20.99
C TRP A 169 -35.03 21.99 -21.82
N ALA A 170 -34.24 21.96 -22.88
CA ALA A 170 -34.18 20.82 -23.76
C ALA A 170 -33.51 19.63 -23.08
N TRP A 171 -33.79 18.43 -23.60
CA TRP A 171 -33.30 17.19 -23.01
C TRP A 171 -32.22 16.51 -23.83
N ALA A 172 -32.06 16.87 -25.10
CA ALA A 172 -31.08 16.22 -25.96
C ALA A 172 -29.68 16.38 -25.37
N GLU A 173 -28.74 15.63 -25.93
CA GLU A 173 -27.34 15.66 -25.52
C GLU A 173 -26.53 16.54 -26.45
N GLY A 174 -25.48 17.14 -25.90
CA GLY A 174 -24.66 18.07 -26.66
C GLY A 174 -25.01 19.50 -26.33
N TRP A 175 -24.89 20.39 -27.32
CA TRP A 175 -25.14 21.83 -27.15
C TRP A 175 -26.43 22.22 -27.85
N THR A 176 -27.29 22.95 -27.13
CA THR A 176 -28.50 23.51 -27.70
C THR A 176 -28.55 25.00 -27.45
N ARG A 177 -28.86 25.76 -28.50
CA ARG A 177 -28.99 27.21 -28.45
C ARG A 177 -30.46 27.57 -28.46
N TYR A 178 -30.88 28.43 -27.53
CA TYR A 178 -32.28 28.80 -27.38
C TYR A 178 -32.55 30.11 -28.11
N GLY A 179 -33.39 30.05 -29.12
CA GLY A 179 -33.75 31.23 -29.88
C GLY A 179 -34.78 32.08 -29.16
N PRO A 180 -35.23 33.13 -29.82
CA PRO A 180 -36.23 34.01 -29.22
C PRO A 180 -37.53 33.28 -28.93
N GLU A 181 -38.20 33.71 -27.87
CA GLU A 181 -39.45 33.13 -27.40
C GLU A 181 -39.42 31.60 -27.47
N GLY A 182 -38.34 31.02 -26.94
CA GLY A 182 -38.31 29.63 -26.53
C GLY A 182 -37.76 28.65 -27.56
N GLU A 183 -37.62 29.05 -28.81
CA GLU A 183 -37.17 28.12 -29.84
C GLU A 183 -35.80 27.55 -29.46
N ALA A 184 -35.67 26.23 -29.59
CA ALA A 184 -34.44 25.52 -29.27
C ALA A 184 -33.91 24.81 -30.50
N VAL A 185 -32.61 24.97 -30.77
CA VAL A 185 -31.99 24.37 -31.95
C VAL A 185 -30.67 23.72 -31.55
N PRO A 186 -30.34 22.53 -32.07
CA PRO A 186 -29.05 21.91 -31.70
C PRO A 186 -27.91 22.52 -32.49
N VAL A 187 -26.83 22.88 -31.77
CA VAL A 187 -25.64 23.46 -32.38
C VAL A 187 -24.42 22.72 -31.86
N ALA A 188 -23.41 22.59 -32.73
CA ALA A 188 -22.20 21.88 -32.33
C ALA A 188 -21.46 22.62 -31.22
N ILE A 189 -21.31 23.94 -31.35
CA ILE A 189 -20.60 24.74 -30.36
C ILE A 189 -21.29 26.10 -30.24
N PRO A 190 -21.17 26.78 -29.09
CA PRO A 190 -21.77 28.13 -28.98
C PRO A 190 -21.25 29.10 -30.03
N GLU A 191 -19.95 29.08 -30.31
CA GLU A 191 -19.35 29.96 -31.32
C GLU A 191 -19.63 31.43 -30.99
N GLU A 192 -19.06 31.88 -29.87
CA GLU A 192 -19.19 33.25 -29.41
C GLU A 192 -17.83 33.76 -28.95
N ARG A 193 -17.64 35.07 -29.03
CA ARG A 193 -16.38 35.66 -28.59
C ARG A 193 -16.31 35.75 -27.07
N ALA A 194 -17.44 35.87 -26.39
CA ALA A 194 -17.47 35.98 -24.94
C ALA A 194 -18.64 35.18 -24.39
N LEU A 195 -18.51 34.74 -23.13
CA LEU A 195 -19.53 33.92 -22.51
C LEU A 195 -19.49 34.11 -21.00
N VAL A 196 -20.62 33.80 -20.36
CA VAL A 196 -20.64 33.50 -18.93
C VAL A 196 -21.09 32.05 -18.82
N PHE A 197 -20.27 31.22 -18.17
CA PHE A 197 -20.31 29.77 -18.31
C PHE A 197 -20.25 29.13 -16.94
N ASP A 198 -21.10 28.11 -16.72
CA ASP A 198 -21.08 27.36 -15.47
C ASP A 198 -21.35 25.89 -15.75
N VAL A 199 -20.77 25.03 -14.92
CA VAL A 199 -20.85 23.59 -15.09
C VAL A 199 -21.24 22.94 -13.76
N GLU A 200 -21.88 21.78 -13.85
CA GLU A 200 -22.27 20.98 -12.71
C GLU A 200 -21.86 19.54 -12.95
N VAL A 201 -21.32 18.92 -11.91
CA VAL A 201 -20.75 17.57 -11.96
C VAL A 201 -21.44 16.71 -10.91
N CYS A 202 -21.84 15.51 -11.30
CA CYS A 202 -22.40 14.54 -10.36
C CYS A 202 -21.24 13.88 -9.61
N LEU A 203 -21.05 14.26 -8.36
CA LEU A 203 -19.88 13.80 -7.61
C LEU A 203 -19.92 12.30 -7.35
N ALA A 204 -21.11 11.67 -7.39
CA ALA A 204 -21.18 10.24 -7.15
C ALA A 204 -20.59 9.44 -8.29
N GLU A 205 -20.72 9.92 -9.52
CA GLU A 205 -20.20 9.23 -10.70
C GLU A 205 -18.73 9.50 -10.96
N GLY A 206 -18.09 10.35 -10.16
CA GLY A 206 -16.68 10.64 -10.33
C GLY A 206 -16.40 12.10 -10.64
N THR A 207 -15.70 12.34 -11.75
CA THR A 207 -15.29 13.69 -12.13
C THR A 207 -15.80 14.10 -13.51
N CYS A 208 -16.59 13.26 -14.18
CA CYS A 208 -17.12 13.63 -15.49
C CYS A 208 -18.10 14.79 -15.34
N PRO A 209 -18.05 15.79 -16.21
CA PRO A 209 -19.04 16.87 -16.14
C PRO A 209 -20.44 16.35 -16.44
N THR A 210 -21.43 16.94 -15.76
CA THR A 210 -22.82 16.51 -15.88
C THR A 210 -23.62 17.41 -16.82
N LEU A 211 -23.69 18.71 -16.53
CA LEU A 211 -24.44 19.60 -17.42
C LEU A 211 -23.98 21.04 -17.22
N ALA A 212 -24.09 21.83 -18.27
CA ALA A 212 -23.57 23.19 -18.24
C ALA A 212 -24.58 24.18 -18.81
N VAL A 213 -24.46 25.43 -18.37
CA VAL A 213 -25.29 26.53 -18.85
C VAL A 213 -24.39 27.70 -19.20
N ALA A 214 -24.60 28.29 -20.37
CA ALA A 214 -23.81 29.42 -20.85
C ALA A 214 -24.73 30.51 -21.39
N ILE A 215 -24.26 31.75 -21.32
CA ILE A 215 -24.99 32.88 -21.87
C ILE A 215 -24.03 33.75 -22.66
N SER A 216 -24.45 34.18 -23.84
CA SER A 216 -23.74 35.13 -24.68
C SER A 216 -24.70 36.25 -25.05
N PRO A 217 -24.18 37.39 -25.48
CA PRO A 217 -25.07 38.47 -25.93
C PRO A 217 -26.09 37.96 -26.93
N SER A 218 -27.36 38.00 -26.55
CA SER A 218 -28.51 37.63 -27.38
C SER A 218 -28.77 36.13 -27.46
N ALA A 219 -28.18 35.30 -26.61
CA ALA A 219 -28.44 33.87 -26.72
C ALA A 219 -28.16 33.16 -25.39
N TRP A 220 -29.01 32.18 -25.11
CA TRP A 220 -28.81 31.20 -24.05
C TRP A 220 -28.38 29.87 -24.66
N TYR A 221 -27.51 29.15 -23.94
CA TYR A 221 -26.99 27.87 -24.39
C TYR A 221 -27.03 26.89 -23.23
N SER A 222 -27.43 25.66 -23.54
CA SER A 222 -27.43 24.57 -22.56
C SER A 222 -26.66 23.40 -23.11
N TRP A 223 -25.94 22.69 -22.22
CA TRP A 223 -25.16 21.53 -22.61
C TRP A 223 -25.51 20.36 -21.72
N CYS A 224 -25.82 19.23 -22.35
CA CYS A 224 -26.16 18.00 -21.66
C CYS A 224 -25.12 16.92 -21.96
N SER A 225 -24.75 16.18 -20.94
CA SER A 225 -23.76 15.11 -21.04
C SER A 225 -24.40 13.83 -21.56
N GLN A 226 -23.59 13.01 -22.23
CA GLN A 226 -24.06 11.72 -22.71
C GLN A 226 -24.36 10.77 -21.57
N ARG A 227 -23.67 10.92 -20.43
CA ARG A 227 -23.91 10.09 -19.26
C ARG A 227 -25.12 10.53 -18.47
N LEU A 228 -25.75 11.64 -18.83
CA LEU A 228 -26.95 12.12 -18.15
C LEU A 228 -28.23 11.67 -18.84
N VAL A 229 -28.24 11.63 -20.17
CA VAL A 229 -29.45 11.29 -20.90
C VAL A 229 -29.59 9.78 -21.09
N GLU A 230 -28.50 9.09 -21.42
CA GLU A 230 -28.55 7.66 -21.67
C GLU A 230 -28.21 6.89 -20.41
N GLU A 231 -28.67 5.63 -20.37
CA GLU A 231 -28.43 4.74 -19.25
C GLU A 231 -27.72 3.50 -19.76
N ARG A 232 -26.61 3.15 -19.12
CA ARG A 232 -25.84 1.97 -19.49
C ARG A 232 -25.23 1.39 -18.23
N TYR A 233 -24.81 0.12 -18.33
CA TYR A 233 -24.29 -0.57 -17.16
C TYR A 233 -22.90 -0.07 -16.77
N SER A 234 -22.05 0.19 -17.76
CA SER A 234 -20.64 0.52 -17.49
C SER A 234 -20.26 1.83 -18.17
N TRP A 235 -19.62 2.72 -17.41
CA TRP A 235 -18.99 3.92 -17.93
C TRP A 235 -17.50 3.87 -17.59
N THR A 236 -16.66 4.12 -18.59
CA THR A 236 -15.22 4.06 -18.37
C THR A 236 -14.79 5.04 -17.29
N SER A 237 -13.85 4.61 -16.45
CA SER A 237 -13.32 5.46 -15.40
C SER A 237 -12.18 6.34 -15.88
N GLN A 238 -11.42 5.90 -16.87
CA GLN A 238 -10.41 6.75 -17.49
C GLN A 238 -11.10 7.80 -18.36
N LEU A 239 -10.67 9.06 -18.23
CA LEU A 239 -11.32 10.17 -18.89
C LEU A 239 -10.53 10.57 -20.13
N SER A 240 -11.20 10.59 -21.27
CA SER A 240 -10.66 11.02 -22.54
C SER A 240 -11.20 12.39 -22.91
N PRO A 241 -10.56 13.10 -23.85
CA PRO A 241 -11.11 14.38 -24.29
C PRO A 241 -12.51 14.27 -24.85
N ALA A 242 -12.89 13.10 -25.36
CA ALA A 242 -14.22 12.93 -25.95
C ALA A 242 -15.34 13.02 -24.92
N ASP A 243 -15.03 12.97 -23.63
CA ASP A 243 -16.05 13.02 -22.58
C ASP A 243 -16.09 14.38 -21.88
N LEU A 244 -15.56 15.43 -22.51
CA LEU A 244 -15.61 16.78 -21.98
C LEU A 244 -16.38 17.68 -22.93
N ILE A 245 -16.59 18.91 -22.49
CA ILE A 245 -17.42 19.88 -23.21
C ILE A 245 -16.60 20.55 -24.31
N PRO A 246 -17.04 20.51 -25.57
CA PRO A 246 -16.31 21.22 -26.64
C PRO A 246 -16.66 22.70 -26.64
N LEU A 247 -15.64 23.55 -26.57
CA LEU A 247 -15.87 24.99 -26.41
C LEU A 247 -15.02 25.87 -27.31
N GLU A 248 -14.05 25.34 -28.04
CA GLU A 248 -13.14 26.16 -28.85
C GLU A 248 -13.52 26.06 -30.32
N VAL A 249 -13.59 27.21 -30.98
CA VAL A 249 -13.91 27.24 -32.41
C VAL A 249 -12.71 26.72 -33.21
N PRO A 250 -12.91 25.87 -34.20
CA PRO A 250 -11.76 25.37 -34.98
C PRO A 250 -11.04 26.49 -35.71
N THR A 251 -9.95 26.14 -36.35
CA THR A 251 -9.16 27.09 -37.13
C THR A 251 -9.98 27.67 -38.27
N ASP A 260 -15.90 36.20 -33.67
CA ASP A 260 -15.78 35.28 -34.80
C ASP A 260 -14.32 35.01 -35.13
N TRP A 261 -13.42 35.78 -34.52
CA TRP A 261 -12.01 35.73 -34.82
C TRP A 261 -11.26 34.95 -33.74
N GLN A 262 -9.93 35.01 -33.77
CA GLN A 262 -9.11 34.03 -33.07
C GLN A 262 -9.40 34.01 -31.58
N GLU A 263 -9.32 35.17 -30.93
CA GLU A 263 -9.34 35.21 -29.47
C GLU A 263 -10.75 34.97 -28.94
N GLN A 264 -10.83 34.23 -27.84
CA GLN A 264 -12.08 33.99 -27.14
C GLN A 264 -11.88 34.22 -25.65
N LEU A 265 -12.92 34.72 -24.99
CA LEU A 265 -12.89 35.01 -23.57
C LEU A 265 -14.02 34.28 -22.87
N VAL A 266 -13.72 33.73 -21.69
CA VAL A 266 -14.69 33.00 -20.89
C VAL A 266 -14.68 33.57 -19.48
N VAL A 267 -15.85 33.88 -18.96
CA VAL A 267 -16.00 34.49 -17.64
C VAL A 267 -16.82 33.55 -16.76
N GLY A 268 -16.41 33.42 -15.50
CA GLY A 268 -17.15 32.58 -14.57
C GLY A 268 -16.73 32.85 -13.15
N HIS A 269 -17.47 32.25 -12.23
CA HIS A 269 -17.17 32.31 -10.80
C HIS A 269 -16.43 31.03 -10.43
N ASN A 270 -15.23 31.17 -9.85
CA ASN A 270 -14.32 30.05 -9.68
C ASN A 270 -14.07 29.38 -11.02
N VAL A 271 -13.76 30.21 -12.03
CA VAL A 271 -13.79 29.78 -13.42
C VAL A 271 -12.79 28.67 -13.71
N SER A 272 -11.77 28.48 -12.86
CA SER A 272 -10.78 27.44 -13.12
C SER A 272 -11.40 26.05 -13.08
N PHE A 273 -12.30 25.81 -12.14
CA PHE A 273 -12.97 24.51 -12.07
C PHE A 273 -13.75 24.24 -13.36
N ASP A 274 -14.45 25.25 -13.88
CA ASP A 274 -15.17 25.08 -15.13
C ASP A 274 -14.22 24.86 -16.30
N ARG A 275 -13.10 25.60 -16.31
CA ARG A 275 -12.09 25.38 -17.36
C ARG A 275 -11.58 23.96 -17.35
N ALA A 276 -11.52 23.34 -16.16
CA ALA A 276 -10.99 21.99 -16.06
C ALA A 276 -11.80 20.98 -16.87
N HIS A 277 -13.04 21.31 -17.24
CA HIS A 277 -13.92 20.38 -17.94
C HIS A 277 -14.06 20.71 -19.42
N ILE A 278 -13.04 21.30 -20.04
CA ILE A 278 -13.06 21.66 -21.45
C ILE A 278 -12.07 20.78 -22.18
N ARG A 279 -12.52 20.11 -23.23
CA ARG A 279 -11.69 19.11 -23.90
C ARG A 279 -10.46 19.74 -24.54
N GLU A 280 -10.63 20.89 -25.19
CA GLU A 280 -9.51 21.48 -25.92
C GLU A 280 -8.44 22.04 -25.00
N GLN A 281 -8.74 22.24 -23.72
CA GLN A 281 -7.76 22.78 -22.79
C GLN A 281 -6.62 21.79 -22.50
N TYR A 282 -6.78 20.51 -22.85
CA TYR A 282 -5.81 19.50 -22.51
C TYR A 282 -4.83 19.19 -23.64
N LEU A 283 -4.91 19.91 -24.75
CA LEU A 283 -3.94 19.74 -25.83
C LEU A 283 -2.60 20.31 -25.40
N ILE A 284 -1.52 19.63 -25.81
CA ILE A 284 -0.18 20.10 -25.45
C ILE A 284 0.07 21.48 -26.01
N GLN A 285 -0.30 21.70 -27.27
CA GLN A 285 -0.22 23.02 -27.85
C GLN A 285 -1.11 23.99 -27.09
N GLY A 286 -0.67 25.24 -26.97
CA GLY A 286 -1.47 26.25 -26.31
C GLY A 286 -2.69 26.63 -27.14
N SER A 287 -3.60 27.35 -26.48
CA SER A 287 -4.82 27.82 -27.11
C SER A 287 -4.95 29.32 -26.87
N ARG A 288 -5.68 29.98 -27.77
CA ARG A 288 -5.91 31.42 -27.62
C ARG A 288 -6.91 31.74 -26.52
N MET A 289 -7.72 30.78 -26.10
CA MET A 289 -8.76 31.06 -25.12
C MET A 289 -8.15 31.49 -23.80
N ARG A 290 -8.80 32.45 -23.15
CA ARG A 290 -8.38 32.95 -21.85
C ARG A 290 -9.60 33.05 -20.95
N PHE A 291 -9.36 33.15 -19.64
CA PHE A 291 -10.42 33.04 -18.66
C PHE A 291 -10.29 34.14 -17.62
N LEU A 292 -11.43 34.71 -17.24
CA LEU A 292 -11.51 35.71 -16.18
C LEU A 292 -12.39 35.19 -15.06
N ASP A 293 -12.03 35.53 -13.83
CA ASP A 293 -12.67 35.00 -12.64
C ASP A 293 -13.26 36.14 -11.82
N THR A 294 -14.55 36.03 -11.49
CA THR A 294 -15.20 37.05 -10.69
C THR A 294 -14.65 37.07 -9.26
N MET A 295 -14.31 35.89 -8.72
CA MET A 295 -13.76 35.85 -7.37
C MET A 295 -12.41 36.56 -7.30
N SER A 296 -11.59 36.40 -8.34
CA SER A 296 -10.30 37.09 -8.36
C SER A 296 -10.47 38.60 -8.38
N MET A 297 -11.40 39.09 -9.21
CA MET A 297 -11.64 40.54 -9.23
C MET A 297 -12.24 41.02 -7.93
N HIS A 298 -13.08 40.22 -7.28
CA HIS A 298 -13.57 40.60 -5.97
C HIS A 298 -12.42 40.73 -4.97
N MET A 299 -11.49 39.79 -4.99
CA MET A 299 -10.33 39.88 -4.11
C MET A 299 -9.52 41.13 -4.42
N ALA A 300 -9.35 41.44 -5.70
CA ALA A 300 -8.57 42.62 -6.09
C ALA A 300 -9.24 43.91 -5.61
N ILE A 301 -10.57 43.98 -5.72
CA ILE A 301 -11.29 45.22 -5.46
C ILE A 301 -11.57 45.40 -3.96
N SER A 302 -12.29 44.44 -3.37
CA SER A 302 -12.74 44.56 -1.99
C SER A 302 -12.59 43.24 -1.23
N GLY A 303 -11.47 42.55 -1.41
CA GLY A 303 -11.25 41.31 -0.70
C GLY A 303 -10.93 41.51 0.77
N LEU A 304 -10.98 40.40 1.51
CA LEU A 304 -10.68 40.40 2.93
C LEU A 304 -9.67 39.31 3.24
N SER A 305 -8.95 39.49 4.35
CA SER A 305 -8.01 38.48 4.82
C SER A 305 -8.74 37.39 5.60
N SER A 306 -8.02 36.31 5.87
CA SER A 306 -8.63 35.17 6.56
C SER A 306 -9.19 35.58 7.92
N PHE A 307 -8.42 36.35 8.69
CA PHE A 307 -8.92 36.89 9.95
C PHE A 307 -10.12 37.80 9.71
N GLN A 308 -10.03 38.65 8.69
CA GLN A 308 -11.16 39.50 8.34
C GLN A 308 -12.36 38.67 7.90
N ARG A 309 -12.12 37.61 7.12
CA ARG A 309 -13.22 36.74 6.71
C ARG A 309 -13.92 36.14 7.93
N SER A 310 -13.15 35.64 8.88
CA SER A 310 -13.74 35.03 10.07
C SER A 310 -14.55 36.06 10.84
N LEU A 311 -14.00 37.26 11.04
CA LEU A 311 -14.74 38.29 11.77
C LEU A 311 -16.01 38.67 11.03
N TRP A 312 -15.92 38.82 9.71
CA TRP A 312 -17.09 39.19 8.91
C TRP A 312 -18.19 38.15 9.04
N ILE A 313 -17.83 36.87 8.96
CA ILE A 313 -18.83 35.82 9.08
C ILE A 313 -19.40 35.79 10.49
N ALA A 314 -18.57 36.05 11.50
CA ALA A 314 -19.03 36.04 12.89
C ALA A 314 -19.82 37.29 13.26
N ALA A 315 -19.84 38.31 12.40
CA ALA A 315 -20.59 39.54 12.67
C ALA A 315 -22.08 39.40 12.38
N LYS A 316 -22.59 38.17 12.30
CA LYS A 316 -24.02 37.95 12.10
C LYS A 316 -24.67 37.42 13.38
N ILE A 342 -10.95 45.22 15.91
CA ILE A 342 -11.42 45.02 17.26
C ILE A 342 -12.12 46.28 17.77
N SER A 343 -11.78 47.42 17.18
CA SER A 343 -12.37 48.70 17.54
C SER A 343 -13.04 49.43 16.40
N SER A 344 -12.57 49.26 15.17
CA SER A 344 -13.16 49.89 13.99
C SER A 344 -13.96 48.87 13.20
N TRP A 345 -15.13 49.31 12.70
CA TRP A 345 -16.01 48.40 11.99
C TRP A 345 -16.65 49.04 10.76
N ASP A 346 -16.13 50.17 10.28
CA ASP A 346 -16.68 50.79 9.09
C ASP A 346 -16.37 50.02 7.81
N TRP A 347 -15.50 49.00 7.89
CA TRP A 347 -15.13 48.24 6.70
C TRP A 347 -16.11 47.13 6.40
N LEU A 348 -17.02 46.82 7.33
CA LEU A 348 -17.94 45.70 7.13
C LEU A 348 -18.86 45.91 5.94
N ASP A 349 -19.39 47.12 5.79
CA ASP A 349 -20.44 47.37 4.79
C ASP A 349 -19.90 47.41 3.37
N ILE A 350 -18.59 47.38 3.17
CA ILE A 350 -17.99 47.49 1.84
C ILE A 350 -17.29 46.20 1.44
N SER A 351 -17.42 45.13 2.21
CA SER A 351 -16.68 43.90 2.00
C SER A 351 -17.64 42.71 2.07
N SER A 352 -17.13 41.54 1.70
CA SER A 352 -17.89 40.30 1.76
C SER A 352 -16.94 39.13 1.51
N VAL A 353 -17.42 37.93 1.83
CA VAL A 353 -16.67 36.71 1.59
C VAL A 353 -16.79 36.33 0.11
N ASN A 354 -16.04 35.31 -0.30
CA ASN A 354 -15.94 34.95 -1.71
C ASN A 354 -17.13 34.14 -2.21
N SER A 355 -18.09 33.81 -1.36
CA SER A 355 -19.26 33.09 -1.82
C SER A 355 -20.03 33.92 -2.84
N LEU A 356 -20.61 33.24 -3.84
CA LEU A 356 -21.27 33.95 -4.93
C LEU A 356 -22.43 34.79 -4.45
N ALA A 357 -23.23 34.27 -3.51
CA ALA A 357 -24.39 35.00 -3.03
C ALA A 357 -23.98 36.30 -2.36
N GLU A 358 -22.97 36.26 -1.50
CA GLU A 358 -22.51 37.46 -0.84
C GLU A 358 -21.93 38.47 -1.83
N VAL A 359 -21.22 37.97 -2.84
CA VAL A 359 -20.68 38.86 -3.86
C VAL A 359 -21.81 39.57 -4.61
N HIS A 360 -22.83 38.81 -5.00
CA HIS A 360 -23.96 39.42 -5.69
C HIS A 360 -24.66 40.44 -4.81
N ARG A 361 -24.82 40.13 -3.52
CA ARG A 361 -25.45 41.09 -2.61
C ARG A 361 -24.63 42.36 -2.49
N LEU A 362 -23.31 42.22 -2.43
CA LEU A 362 -22.45 43.39 -2.23
C LEU A 362 -22.42 44.28 -3.47
N TYR A 363 -22.29 43.68 -4.65
CA TYR A 363 -22.09 44.46 -5.87
C TYR A 363 -23.37 44.78 -6.61
N VAL A 364 -24.46 44.07 -6.34
CA VAL A 364 -25.73 44.24 -7.07
C VAL A 364 -26.88 44.52 -6.13
N GLY A 365 -27.01 43.71 -5.07
CA GLY A 365 -28.16 43.84 -4.19
C GLY A 365 -29.42 43.29 -4.84
N GLY A 366 -30.54 43.62 -4.22
CA GLY A 366 -31.84 43.20 -4.71
C GLY A 366 -32.29 41.90 -4.06
N PRO A 367 -33.11 41.12 -4.76
CA PRO A 367 -33.59 39.85 -4.20
C PRO A 367 -32.42 38.94 -3.88
N PRO A 368 -32.44 38.27 -2.73
CA PRO A 368 -31.37 37.32 -2.41
C PRO A 368 -31.30 36.19 -3.42
N LEU A 369 -30.23 35.40 -3.31
CA LEU A 369 -30.03 34.20 -4.12
C LEU A 369 -30.24 32.98 -3.24
N GLU A 370 -31.02 32.03 -3.73
CA GLU A 370 -31.39 30.84 -2.96
C GLU A 370 -30.72 29.63 -3.57
N LYS A 371 -30.25 28.73 -2.70
CA LYS A 371 -29.57 27.52 -3.12
C LYS A 371 -30.60 26.43 -3.42
N GLU A 372 -30.13 25.22 -3.67
CA GLU A 372 -30.99 24.05 -3.79
C GLU A 372 -30.88 23.25 -2.51
N PRO A 373 -31.92 23.18 -1.67
CA PRO A 373 -31.73 22.58 -0.34
C PRO A 373 -31.27 21.14 -0.37
N ARG A 374 -31.69 20.35 -1.35
CA ARG A 374 -31.31 18.94 -1.39
C ARG A 374 -29.80 18.78 -1.53
N GLU A 375 -29.18 19.59 -2.39
CA GLU A 375 -27.76 19.44 -2.72
C GLU A 375 -27.52 18.12 -3.46
N LEU A 376 -28.29 17.91 -4.53
CA LEU A 376 -28.25 16.62 -5.22
C LEU A 376 -26.88 16.34 -5.83
N PHE A 377 -26.26 17.34 -6.44
CA PHE A 377 -25.00 17.11 -7.14
C PHE A 377 -23.89 16.65 -6.22
N VAL A 378 -24.00 16.92 -4.92
CA VAL A 378 -22.98 16.52 -3.96
C VAL A 378 -23.38 15.26 -3.21
N LYS A 379 -24.68 15.06 -2.97
CA LYS A 379 -25.16 13.94 -2.17
C LYS A 379 -26.07 12.99 -2.94
N GLY A 380 -26.74 13.46 -3.99
CA GLY A 380 -27.69 12.64 -4.71
C GLY A 380 -27.01 11.65 -5.64
N THR A 381 -27.84 10.97 -6.42
CA THR A 381 -27.40 9.99 -7.40
C THR A 381 -27.83 10.44 -8.79
N MET A 382 -27.37 9.69 -9.81
CA MET A 382 -27.67 10.08 -11.18
C MET A 382 -29.17 10.06 -11.45
N LYS A 383 -29.88 9.07 -10.91
CA LYS A 383 -31.34 9.05 -11.09
C LYS A 383 -31.98 10.27 -10.45
N ASP A 384 -31.52 10.67 -9.26
CA ASP A 384 -32.05 11.86 -8.63
C ASP A 384 -31.87 13.09 -9.52
N ILE A 385 -30.74 13.16 -10.23
CA ILE A 385 -30.53 14.25 -11.17
C ILE A 385 -31.47 14.12 -12.35
N ARG A 386 -31.70 12.91 -12.82
CA ARG A 386 -32.61 12.70 -13.95
C ARG A 386 -34.02 13.17 -13.62
N GLU A 387 -34.49 12.90 -12.41
CA GLU A 387 -35.85 13.26 -12.05
C GLU A 387 -36.02 14.77 -11.90
N ASN A 388 -35.01 15.45 -11.35
CA ASN A 388 -35.10 16.88 -11.04
C ASN A 388 -34.40 17.74 -12.09
N PHE A 389 -34.47 17.33 -13.36
CA PHE A 389 -33.72 18.00 -14.41
C PHE A 389 -34.04 19.49 -14.48
N GLN A 390 -35.34 19.83 -14.54
CA GLN A 390 -35.74 21.21 -14.77
C GLN A 390 -35.27 22.13 -13.64
N ASP A 391 -35.44 21.69 -12.39
CA ASP A 391 -35.05 22.54 -11.27
C ASP A 391 -33.56 22.80 -11.26
N LEU A 392 -32.75 21.76 -11.51
CA LEU A 392 -31.31 21.94 -11.53
C LEU A 392 -30.88 22.86 -12.66
N MET A 393 -31.49 22.72 -13.84
CA MET A 393 -31.19 23.64 -14.93
C MET A 393 -31.54 25.08 -14.55
N GLN A 394 -32.68 25.25 -13.88
CA GLN A 394 -33.09 26.59 -13.46
C GLN A 394 -32.08 27.19 -12.49
N TYR A 395 -31.61 26.39 -11.53
CA TYR A 395 -30.63 26.89 -10.57
C TYR A 395 -29.32 27.25 -11.26
N CYS A 396 -28.89 26.43 -12.22
CA CYS A 396 -27.67 26.72 -12.96
C CYS A 396 -27.80 28.04 -13.72
N ALA A 397 -28.94 28.24 -14.38
CA ALA A 397 -29.16 29.49 -15.10
C ALA A 397 -29.17 30.67 -14.15
N GLN A 398 -29.78 30.50 -12.97
CA GLN A 398 -29.78 31.57 -11.98
C GLN A 398 -28.37 31.97 -11.57
N ASP A 399 -27.53 30.97 -11.29
CA ASP A 399 -26.15 31.26 -10.92
C ASP A 399 -25.42 31.97 -12.04
N VAL A 400 -25.63 31.53 -13.28
CA VAL A 400 -24.97 32.18 -14.42
C VAL A 400 -25.39 33.64 -14.52
N TRP A 401 -26.69 33.90 -14.38
CA TRP A 401 -27.19 35.28 -14.48
C TRP A 401 -26.61 36.15 -13.38
N ALA A 402 -26.57 35.63 -12.14
CA ALA A 402 -26.00 36.39 -11.04
C ALA A 402 -24.54 36.72 -11.30
N THR A 403 -23.77 35.74 -11.80
CA THR A 403 -22.37 35.99 -12.10
C THR A 403 -22.22 37.05 -13.19
N HIS A 404 -23.09 37.01 -14.20
CA HIS A 404 -23.03 37.99 -15.28
C HIS A 404 -23.25 39.40 -14.74
N GLU A 405 -24.25 39.56 -13.87
CA GLU A 405 -24.50 40.87 -13.27
C GLU A 405 -23.30 41.30 -12.42
N VAL A 406 -22.72 40.37 -11.66
CA VAL A 406 -21.57 40.70 -10.82
C VAL A 406 -20.42 41.20 -11.68
N PHE A 407 -20.14 40.53 -12.80
CA PHE A 407 -19.08 40.98 -13.68
C PHE A 407 -19.36 42.36 -14.25
N GLN A 408 -20.61 42.59 -14.68
CA GLN A 408 -20.98 43.90 -15.19
C GLN A 408 -20.67 44.99 -14.17
N GLN A 409 -21.01 44.75 -12.90
CA GLN A 409 -20.72 45.76 -11.89
C GLN A 409 -19.22 45.87 -11.60
N GLN A 410 -18.50 44.75 -11.62
CA GLN A 410 -17.12 44.74 -11.15
C GLN A 410 -16.16 45.37 -12.15
N LEU A 411 -16.32 45.10 -13.44
CA LEU A 411 -15.25 45.43 -14.40
C LEU A 411 -14.77 46.88 -14.31
N PRO A 412 -15.64 47.89 -14.30
CA PRO A 412 -15.14 49.28 -14.23
C PRO A 412 -14.32 49.56 -12.99
N LEU A 413 -14.73 49.02 -11.84
CA LEU A 413 -13.99 49.28 -10.61
C LEU A 413 -12.59 48.68 -10.69
N PHE A 414 -12.46 47.47 -11.24
CA PHE A 414 -11.14 46.87 -11.39
C PHE A 414 -10.29 47.68 -12.36
N LEU A 415 -10.86 48.07 -13.50
CA LEU A 415 -10.10 48.87 -14.44
C LEU A 415 -9.67 50.21 -13.84
N GLU A 416 -10.43 50.73 -12.87
CA GLU A 416 -10.06 51.99 -12.24
C GLU A 416 -8.98 51.80 -11.17
N ARG A 417 -9.10 50.76 -10.35
CA ARG A 417 -8.20 50.60 -9.21
C ARG A 417 -6.88 49.94 -9.58
N CYS A 418 -6.78 49.28 -10.74
CA CYS A 418 -5.53 48.74 -11.26
C CYS A 418 -5.41 49.16 -12.71
N PRO A 419 -5.05 50.42 -12.98
CA PRO A 419 -5.10 50.94 -14.35
C PRO A 419 -4.02 50.41 -15.28
N HIS A 420 -2.93 49.86 -14.76
CA HIS A 420 -1.82 49.44 -15.63
C HIS A 420 -2.20 48.19 -16.40
N PRO A 421 -2.07 48.18 -17.73
CA PRO A 421 -2.47 46.98 -18.50
C PRO A 421 -1.69 45.73 -18.13
N VAL A 422 -0.49 45.87 -17.57
CA VAL A 422 0.31 44.69 -17.26
C VAL A 422 -0.39 43.81 -16.25
N THR A 423 -1.14 44.40 -15.32
CA THR A 423 -1.86 43.59 -14.34
C THR A 423 -2.86 42.67 -15.02
N LEU A 424 -3.66 43.21 -15.94
CA LEU A 424 -4.64 42.40 -16.64
C LEU A 424 -3.94 41.35 -17.52
N ALA A 425 -2.86 41.73 -18.19
CA ALA A 425 -2.15 40.75 -19.01
C ALA A 425 -1.62 39.61 -18.16
N GLY A 426 -1.03 39.92 -17.01
CA GLY A 426 -0.52 38.88 -16.14
C GLY A 426 -1.62 37.99 -15.60
N MET A 427 -2.75 38.59 -15.21
CA MET A 427 -3.87 37.78 -14.73
C MET A 427 -4.38 36.85 -15.82
N LEU A 428 -4.45 37.34 -17.05
CA LEU A 428 -4.87 36.49 -18.16
C LEU A 428 -3.88 35.35 -18.36
N GLU A 429 -2.59 35.62 -18.26
CA GLU A 429 -1.59 34.58 -18.49
C GLU A 429 -1.52 33.58 -17.35
N MET A 430 -1.89 33.97 -16.13
CA MET A 430 -1.78 33.07 -14.99
C MET A 430 -2.84 31.99 -14.98
N GLY A 431 -3.90 32.12 -15.79
CA GLY A 431 -5.00 31.19 -15.79
C GLY A 431 -4.91 30.05 -16.78
N VAL A 432 -3.74 29.81 -17.37
CA VAL A 432 -3.59 28.77 -18.38
C VAL A 432 -2.55 27.75 -17.95
N SER A 433 -2.46 27.49 -16.64
CA SER A 433 -1.53 26.49 -16.13
C SER A 433 -1.72 25.15 -16.83
N TYR A 434 -0.72 24.27 -16.72
CA TYR A 434 -0.71 23.02 -17.47
C TYR A 434 0.34 22.07 -16.92
N LEU A 435 -0.02 20.83 -16.62
CA LEU A 435 0.92 19.86 -16.06
C LEU A 435 0.86 18.56 -16.87
N PRO A 436 1.97 18.11 -17.46
CA PRO A 436 1.96 16.80 -18.13
C PRO A 436 2.24 15.66 -17.19
N VAL A 437 1.69 14.49 -17.53
CA VAL A 437 1.87 13.27 -16.76
C VAL A 437 1.78 12.08 -17.70
N ASN A 438 2.18 10.91 -17.21
CA ASN A 438 2.11 9.67 -17.98
C ASN A 438 1.65 8.56 -17.06
N GLN A 439 1.76 7.31 -17.53
CA GLN A 439 1.26 6.17 -16.77
C GLN A 439 1.89 6.08 -15.39
N ASN A 440 3.13 6.57 -15.25
CA ASN A 440 3.81 6.51 -13.96
C ASN A 440 2.95 7.10 -12.86
N TRP A 441 2.19 8.15 -13.18
CA TRP A 441 1.32 8.77 -12.19
C TRP A 441 0.44 7.73 -11.51
N GLU A 442 -0.21 6.87 -12.30
CA GLU A 442 -1.04 5.82 -11.73
C GLU A 442 -0.25 5.01 -10.71
N ARG A 443 0.94 4.54 -11.10
CA ARG A 443 1.75 3.75 -10.19
C ARG A 443 2.07 4.56 -8.93
N TYR A 444 2.39 5.84 -9.10
CA TYR A 444 2.70 6.66 -7.94
C TYR A 444 1.54 6.67 -6.95
N LEU A 445 0.31 6.66 -7.45
CA LEU A 445 -0.84 6.63 -6.55
C LEU A 445 -0.88 5.32 -5.76
N ALA A 446 -0.56 4.21 -6.41
CA ALA A 446 -0.61 2.91 -5.74
C ALA A 446 0.54 2.76 -4.76
N GLU A 447 1.78 2.91 -5.25
CA GLU A 447 2.95 2.67 -4.41
C GLU A 447 2.84 3.44 -3.10
N ALA A 448 2.49 4.72 -3.17
CA ALA A 448 2.34 5.50 -1.95
C ALA A 448 1.22 4.92 -1.08
N GLN A 449 0.03 4.75 -1.67
CA GLN A 449 -1.11 4.32 -0.87
C GLN A 449 -0.79 3.03 -0.13
N GLY A 450 -0.37 2.00 -0.85
CA GLY A 450 0.00 0.76 -0.21
C GLY A 450 1.02 0.99 0.89
N THR A 451 2.08 1.73 0.58
CA THR A 451 3.09 2.02 1.58
C THR A 451 2.43 2.59 2.82
N TYR A 452 1.59 3.61 2.64
CA TYR A 452 0.90 4.22 3.77
C TYR A 452 0.22 3.15 4.60
N GLU A 453 -0.56 2.29 3.95
CA GLU A 453 -1.28 1.26 4.67
C GLU A 453 -0.34 0.42 5.52
N GLU A 454 0.78 -0.01 4.94
CA GLU A 454 1.74 -0.79 5.70
C GLU A 454 2.14 -0.03 6.96
N LEU A 455 2.57 1.22 6.80
CA LEU A 455 3.00 1.99 7.95
C LEU A 455 1.84 2.20 8.92
N GLN A 456 0.61 2.31 8.39
CA GLN A 456 -0.55 2.34 9.28
C GLN A 456 -0.66 1.04 10.06
N ARG A 457 -0.61 -0.09 9.34
CA ARG A 457 -0.85 -1.38 9.99
C ARG A 457 0.14 -1.61 11.12
N GLU A 458 1.43 -1.48 10.82
CA GLU A 458 2.45 -1.67 11.85
C GLU A 458 2.15 -0.82 13.07
N MET A 459 1.67 0.41 12.85
CA MET A 459 1.34 1.26 13.98
C MET A 459 0.16 0.70 14.76
N LYS A 460 -0.94 0.39 14.06
CA LYS A 460 -2.14 -0.08 14.75
C LYS A 460 -1.86 -1.37 15.51
N LYS A 461 -1.19 -2.32 14.85
CA LYS A 461 -0.83 -3.56 15.53
C LYS A 461 -0.09 -3.28 16.83
N SER A 462 0.80 -2.28 16.82
CA SER A 462 1.54 -1.97 18.03
C SER A 462 0.62 -1.47 19.13
N LEU A 463 -0.37 -0.65 18.79
CA LEU A 463 -1.24 -0.08 19.80
C LEU A 463 -2.38 -1.03 20.16
N MET A 464 -3.00 -1.66 19.15
CA MET A 464 -4.10 -2.57 19.42
C MET A 464 -3.71 -3.62 20.47
N ASP A 465 -2.53 -4.22 20.29
CA ASP A 465 -2.05 -5.20 21.27
C ASP A 465 -2.05 -4.60 22.67
N LEU A 466 -1.48 -3.41 22.82
CA LEU A 466 -1.44 -2.77 24.13
C LEU A 466 -2.85 -2.61 24.69
N ALA A 467 -3.83 -2.34 23.83
CA ALA A 467 -5.20 -2.24 24.30
C ALA A 467 -5.69 -3.58 24.85
N ASN A 468 -5.42 -4.67 24.11
CA ASN A 468 -5.94 -5.97 24.52
C ASN A 468 -5.50 -6.32 25.93
N ASP A 469 -4.20 -6.24 26.20
CA ASP A 469 -3.70 -6.56 27.53
C ASP A 469 -4.37 -5.69 28.58
N ALA A 470 -4.65 -4.42 28.24
CA ALA A 470 -5.28 -3.52 29.21
C ALA A 470 -6.62 -4.06 29.67
N CYS A 471 -7.35 -4.76 28.79
CA CYS A 471 -8.65 -5.29 29.19
C CYS A 471 -8.51 -6.26 30.36
N GLN A 472 -7.35 -6.90 30.49
CA GLN A 472 -7.14 -7.84 31.59
C GLN A 472 -7.10 -7.14 32.95
N LEU A 473 -6.99 -5.82 32.97
CA LEU A 473 -6.93 -5.09 34.24
C LEU A 473 -8.30 -4.88 34.88
N LEU A 474 -9.38 -5.26 34.19
CA LEU A 474 -10.71 -5.10 34.77
C LEU A 474 -10.87 -5.96 36.02
N SER A 475 -10.34 -7.19 35.98
CA SER A 475 -10.50 -8.11 37.09
C SER A 475 -9.86 -7.56 38.36
N GLY A 476 -10.62 -7.58 39.45
CA GLY A 476 -10.09 -7.16 40.73
C GLY A 476 -9.90 -5.67 40.90
N GLU A 477 -10.41 -4.86 39.97
CA GLU A 477 -10.26 -3.40 40.03
C GLU A 477 -8.79 -3.00 39.99
N ARG A 478 -7.95 -3.84 39.39
CA ARG A 478 -6.54 -3.52 39.28
C ARG A 478 -6.32 -2.19 38.57
N TYR A 479 -7.24 -1.81 37.69
CA TYR A 479 -7.10 -0.54 36.97
C TYR A 479 -7.06 0.65 37.91
N LYS A 480 -7.56 0.51 39.14
CA LYS A 480 -7.49 1.60 40.10
C LYS A 480 -6.06 1.90 40.53
N GLU A 481 -5.10 1.05 40.18
CA GLU A 481 -3.70 1.26 40.55
C GLU A 481 -2.82 1.67 39.37
N ASP A 482 -3.36 1.75 38.17
CA ASP A 482 -2.56 2.14 37.01
C ASP A 482 -2.40 3.65 36.99
N PRO A 483 -1.17 4.18 36.95
CA PRO A 483 -1.00 5.64 36.90
C PRO A 483 -1.59 6.30 35.67
N TRP A 484 -1.81 5.57 34.59
CA TRP A 484 -2.29 6.15 33.34
C TRP A 484 -3.75 5.87 33.04
N LEU A 485 -4.30 4.76 33.51
CA LEU A 485 -5.63 4.32 33.11
C LEU A 485 -6.67 4.40 34.22
N TRP A 486 -6.31 4.95 35.38
CA TRP A 486 -7.23 4.92 36.51
C TRP A 486 -8.51 5.71 36.24
N ASP A 487 -8.44 6.73 35.38
CA ASP A 487 -9.55 7.66 35.18
C ASP A 487 -10.38 7.33 33.94
N LEU A 488 -10.19 6.16 33.33
CA LEU A 488 -11.00 5.76 32.20
C LEU A 488 -12.35 5.23 32.67
N GLU A 489 -13.24 4.98 31.70
CA GLU A 489 -14.56 4.43 31.97
C GLU A 489 -14.49 2.91 31.90
N TRP A 490 -14.56 2.25 33.05
CA TRP A 490 -14.47 0.80 33.12
C TRP A 490 -15.80 0.12 33.36
N ASP A 491 -16.91 0.85 33.38
CA ASP A 491 -18.20 0.26 33.68
C ASP A 491 -18.65 -0.68 32.57
N LEU A 492 -19.32 -1.75 32.97
CA LEU A 492 -19.93 -2.69 32.05
C LEU A 492 -21.43 -2.42 31.91
N GLN A 493 -22.02 -2.99 30.87
CA GLN A 493 -23.44 -2.83 30.59
C GLN A 493 -24.11 -4.19 30.51
N GLU A 494 -25.25 -4.32 31.17
CA GLU A 494 -25.97 -5.58 31.21
C GLU A 494 -26.52 -5.93 29.82
N PHE A 495 -26.56 -7.22 29.53
CA PHE A 495 -27.16 -7.70 28.30
C PHE A 495 -28.68 -7.57 28.39
N LYS A 496 -29.28 -6.96 27.38
CA LYS A 496 -30.69 -6.58 27.42
C LYS A 496 -31.56 -7.59 26.71
N GLN A 497 -32.69 -7.93 27.33
CA GLN A 497 -33.70 -8.78 26.73
C GLN A 497 -35.07 -8.19 27.00
N LYS A 498 -36.02 -8.50 26.12
CA LYS A 498 -37.37 -8.00 26.27
C LYS A 498 -38.04 -8.64 27.48
N LYS A 499 -39.08 -7.97 27.97
CA LYS A 499 -39.76 -8.38 29.19
C LYS A 499 -40.23 -9.82 29.13
N LEU A 530 -19.68 -48.80 27.85
CA LEU A 530 -18.70 -47.73 27.73
C LEU A 530 -17.63 -48.09 26.70
N GLY A 531 -18.01 -48.91 25.72
CA GLY A 531 -17.12 -49.26 24.64
C GLY A 531 -17.73 -48.87 23.30
N PRO A 532 -17.14 -47.86 22.63
CA PRO A 532 -17.72 -47.40 21.37
C PRO A 532 -17.80 -48.52 20.34
N CYS A 533 -18.89 -48.54 19.58
CA CYS A 533 -19.14 -49.52 18.55
C CYS A 533 -19.53 -48.82 17.26
N SER A 534 -19.17 -49.43 16.14
CA SER A 534 -19.57 -48.87 14.85
C SER A 534 -21.09 -48.88 14.71
N GLU A 535 -21.62 -47.84 14.07
CA GLU A 535 -23.05 -47.65 13.91
C GLU A 535 -23.40 -47.65 12.42
N GLU A 536 -24.69 -47.68 12.15
CA GLU A 536 -25.21 -47.58 10.79
C GLU A 536 -26.24 -46.46 10.63
N GLU A 537 -27.04 -46.20 11.66
CA GLU A 537 -28.12 -45.21 11.59
C GLU A 537 -27.62 -43.83 12.02
N GLU A 538 -26.55 -43.39 11.37
CA GLU A 538 -26.02 -42.05 11.63
C GLU A 538 -26.93 -40.97 11.07
N PHE A 539 -27.75 -41.32 10.07
CA PHE A 539 -28.68 -40.36 9.49
C PHE A 539 -29.64 -39.83 10.55
N GLN A 540 -30.13 -40.71 11.41
CA GLN A 540 -31.03 -40.29 12.48
C GLN A 540 -30.35 -39.29 13.41
N GLN A 541 -29.12 -39.59 13.82
CA GLN A 541 -28.41 -38.67 14.71
C GLN A 541 -28.20 -37.32 14.05
N ASP A 542 -27.77 -37.33 12.78
CA ASP A 542 -27.54 -36.08 12.07
C ASP A 542 -28.81 -35.25 11.98
N VAL A 543 -29.91 -35.86 11.54
CA VAL A 543 -31.14 -35.11 11.36
C VAL A 543 -31.67 -34.61 12.69
N MET A 544 -31.58 -35.42 13.74
CA MET A 544 -32.07 -35.01 15.05
C MET A 544 -31.26 -33.82 15.58
N ALA A 545 -29.93 -33.89 15.46
CA ALA A 545 -29.11 -32.78 15.92
C ALA A 545 -29.41 -31.50 15.14
N ARG A 546 -29.54 -31.62 13.81
CA ARG A 546 -29.84 -30.45 13.00
C ARG A 546 -31.19 -29.85 13.37
N ALA A 547 -32.20 -30.71 13.57
CA ALA A 547 -33.53 -30.22 13.92
C ALA A 547 -33.53 -29.53 15.27
N CYS A 548 -32.84 -30.10 16.25
CA CYS A 548 -32.74 -29.45 17.56
C CYS A 548 -32.06 -28.10 17.44
N LEU A 549 -30.97 -28.04 16.66
CA LEU A 549 -30.25 -26.78 16.49
C LEU A 549 -31.16 -25.73 15.86
N GLN A 550 -31.90 -26.09 14.82
CA GLN A 550 -32.76 -25.11 14.16
C GLN A 550 -33.92 -24.69 15.05
N LYS A 551 -34.49 -25.63 15.82
CA LYS A 551 -35.57 -25.28 16.72
C LYS A 551 -35.10 -24.27 17.77
N LEU A 552 -33.90 -24.48 18.32
CA LEU A 552 -33.35 -23.49 19.23
C LEU A 552 -32.94 -22.21 18.50
N LYS A 553 -32.64 -22.31 17.21
CA LYS A 553 -32.29 -21.12 16.43
C LYS A 553 -33.49 -20.21 16.22
N GLY A 554 -34.69 -20.77 16.11
CA GLY A 554 -35.86 -19.98 15.82
C GLY A 554 -36.30 -19.06 16.94
N THR A 555 -35.69 -19.14 18.12
CA THR A 555 -36.13 -18.37 19.27
C THR A 555 -35.63 -16.92 19.19
N THR A 556 -35.88 -16.25 18.08
CA THR A 556 -35.42 -14.88 17.89
C THR A 556 -36.44 -13.83 18.30
N GLU A 557 -37.64 -14.25 18.70
CA GLU A 557 -38.68 -13.27 19.05
C GLU A 557 -38.31 -12.45 20.28
N LEU A 558 -37.44 -12.96 21.14
CA LEU A 558 -37.05 -12.26 22.35
C LEU A 558 -35.84 -11.36 22.16
N LEU A 559 -35.24 -11.36 20.97
CA LEU A 559 -34.08 -10.52 20.70
C LEU A 559 -34.54 -9.11 20.35
N PRO A 560 -34.06 -8.07 21.03
CA PRO A 560 -34.38 -6.70 20.61
C PRO A 560 -33.89 -6.45 19.19
N LYS A 561 -34.63 -5.57 18.49
CA LYS A 561 -34.34 -5.31 17.09
C LYS A 561 -33.02 -4.56 16.89
N ARG A 562 -32.56 -3.83 17.91
CA ARG A 562 -31.32 -3.07 17.79
C ARG A 562 -30.22 -3.76 18.57
N PRO A 563 -29.25 -4.42 17.91
CA PRO A 563 -28.20 -5.12 18.66
C PRO A 563 -27.37 -4.19 19.51
N GLN A 564 -26.95 -4.68 20.68
CA GLN A 564 -26.02 -3.94 21.51
C GLN A 564 -24.62 -4.00 20.90
N HIS A 565 -23.73 -3.16 21.42
CA HIS A 565 -22.36 -3.04 20.91
C HIS A 565 -21.39 -3.37 22.04
N LEU A 566 -20.91 -4.60 22.06
CA LEU A 566 -19.87 -5.05 22.99
C LEU A 566 -20.18 -4.61 24.42
N PRO A 567 -21.34 -4.95 24.97
CA PRO A 567 -21.63 -4.58 26.36
C PRO A 567 -20.70 -5.22 27.36
N GLY A 568 -20.05 -6.34 27.01
CA GLY A 568 -19.18 -7.01 27.96
C GLY A 568 -17.85 -6.32 28.16
N HIS A 569 -17.35 -5.64 27.14
CA HIS A 569 -16.07 -4.94 27.25
C HIS A 569 -16.25 -3.62 27.99
N PRO A 570 -15.15 -3.04 28.49
CA PRO A 570 -15.25 -1.72 29.12
C PRO A 570 -15.60 -0.64 28.12
N GLY A 571 -16.09 0.49 28.66
CA GLY A 571 -16.54 1.58 27.81
C GLY A 571 -15.42 2.17 26.97
N TRP A 572 -14.27 2.42 27.58
CA TRP A 572 -13.17 3.03 26.84
C TRP A 572 -12.72 2.12 25.70
N TYR A 573 -12.68 0.82 25.95
CA TYR A 573 -12.37 -0.12 24.87
C TYR A 573 -13.54 -0.23 23.89
N ARG A 574 -14.76 -0.05 24.37
CA ARG A 574 -15.92 -0.10 23.50
C ARG A 574 -15.86 1.01 22.45
N LYS A 575 -15.43 2.21 22.85
CA LYS A 575 -15.35 3.32 21.91
C LYS A 575 -14.41 2.99 20.76
N LEU A 576 -13.30 2.30 21.04
CA LEU A 576 -12.28 2.08 20.03
C LEU A 576 -12.70 1.08 18.97
N CYS A 577 -13.74 0.29 19.21
CA CYS A 577 -14.09 -0.74 18.24
C CYS A 577 -15.22 -0.28 17.33
N PRO A 578 -15.20 -0.64 16.05
CA PRO A 578 -16.34 -0.32 15.18
C PRO A 578 -17.59 -1.10 15.54
N ARG A 579 -18.67 -0.89 14.81
CA ARG A 579 -19.92 -1.61 15.01
C ARG A 579 -20.07 -2.67 13.93
N LEU A 580 -20.62 -3.83 14.30
CA LEU A 580 -20.69 -4.96 13.39
C LEU A 580 -21.44 -4.60 12.11
N ASP A 581 -22.37 -3.66 12.17
CA ASP A 581 -23.12 -3.26 10.98
C ASP A 581 -22.28 -2.42 10.03
N ASP A 582 -21.21 -1.80 10.50
CA ASP A 582 -20.38 -0.97 9.64
C ASP A 582 -19.71 -1.83 8.57
N PRO A 583 -19.84 -1.48 7.28
CA PRO A 583 -19.15 -2.25 6.24
C PRO A 583 -17.64 -2.09 6.26
N ALA A 584 -17.09 -1.26 7.14
CA ALA A 584 -15.66 -1.10 7.31
C ALA A 584 -15.18 -1.76 8.61
N TRP A 585 -15.92 -2.75 9.09
CA TRP A 585 -15.61 -3.38 10.37
C TRP A 585 -14.38 -4.26 10.25
N THR A 586 -13.56 -4.26 11.30
CA THR A 586 -12.40 -5.14 11.41
C THR A 586 -12.29 -5.58 12.86
N PRO A 587 -11.67 -6.74 13.10
CA PRO A 587 -11.55 -7.23 14.47
C PRO A 587 -10.65 -6.35 15.33
N GLY A 588 -10.96 -6.34 16.63
CA GLY A 588 -10.17 -5.60 17.59
C GLY A 588 -10.47 -4.12 17.57
N PRO A 589 -9.78 -3.35 18.40
CA PRO A 589 -9.94 -1.89 18.41
C PRO A 589 -9.17 -1.23 17.28
N SER A 590 -9.69 -1.40 16.06
CA SER A 590 -8.99 -0.99 14.86
C SER A 590 -9.15 0.49 14.54
N LEU A 591 -9.86 1.25 15.38
CA LEU A 591 -9.97 2.69 15.20
C LEU A 591 -8.87 3.47 15.91
N LEU A 592 -8.01 2.80 16.67
CA LEU A 592 -6.98 3.49 17.42
C LEU A 592 -6.00 4.21 16.49
N SER A 593 -5.51 5.36 16.96
CA SER A 593 -4.52 6.13 16.23
C SER A 593 -3.68 6.90 17.24
N LEU A 594 -2.54 7.42 16.78
CA LEU A 594 -1.65 8.16 17.64
C LEU A 594 -2.23 9.51 18.08
N GLN A 595 -3.24 10.02 17.38
CA GLN A 595 -3.83 11.31 17.71
C GLN A 595 -4.86 11.25 18.83
N MET A 596 -5.35 10.06 19.18
CA MET A 596 -6.36 9.96 20.22
C MET A 596 -5.77 10.22 21.59
N ARG A 597 -6.58 10.81 22.47
CA ARG A 597 -6.14 11.16 23.81
C ARG A 597 -5.90 9.94 24.69
N VAL A 598 -6.31 8.74 24.26
CA VAL A 598 -6.09 7.55 25.05
C VAL A 598 -4.75 6.89 24.73
N THR A 599 -4.24 7.05 23.52
CA THR A 599 -3.01 6.38 23.10
C THR A 599 -1.83 6.66 24.02
N PRO A 600 -1.55 7.89 24.43
CA PRO A 600 -0.43 8.10 25.37
C PRO A 600 -0.60 7.34 26.66
N LYS A 601 -1.83 7.24 27.18
CA LYS A 601 -2.04 6.46 28.39
C LYS A 601 -1.75 4.99 28.16
N LEU A 602 -2.18 4.45 27.02
CA LEU A 602 -1.91 3.06 26.71
C LEU A 602 -0.41 2.80 26.59
N MET A 603 0.32 3.73 25.97
CA MET A 603 1.76 3.58 25.84
C MET A 603 2.51 3.97 27.11
N ALA A 604 1.82 4.49 28.12
CA ALA A 604 2.44 4.83 29.40
C ALA A 604 3.60 5.80 29.21
N LEU A 605 3.37 6.86 28.45
CA LEU A 605 4.41 7.84 28.19
C LEU A 605 4.85 8.51 29.49
N THR A 606 6.15 8.80 29.57
CA THR A 606 6.74 9.43 30.74
C THR A 606 7.59 10.61 30.28
N TRP A 607 7.55 11.69 31.06
CA TRP A 607 8.33 12.89 30.77
C TRP A 607 9.22 13.19 31.97
N ASP A 608 10.51 12.99 31.80
CA ASP A 608 11.48 13.20 32.88
C ASP A 608 11.10 12.36 34.11
N GLY A 609 10.63 11.13 33.86
CA GLY A 609 10.24 10.26 34.94
C GLY A 609 8.87 10.56 35.53
N PHE A 610 8.02 11.28 34.81
CA PHE A 610 6.69 11.63 35.30
C PHE A 610 5.64 11.18 34.29
N PRO A 611 4.53 10.58 34.75
CA PRO A 611 3.50 10.14 33.81
C PRO A 611 2.75 11.32 33.21
N LEU A 612 2.22 11.09 32.01
CA LEU A 612 1.48 12.12 31.32
C LEU A 612 0.04 12.19 31.85
N HIS A 613 -0.64 13.28 31.49
CA HIS A 613 -2.00 13.55 31.93
C HIS A 613 -2.58 14.61 31.00
N TYR A 614 -3.90 14.64 30.89
CA TYR A 614 -4.60 15.58 30.04
C TYR A 614 -5.55 16.42 30.88
N SER A 615 -5.44 17.74 30.76
CA SER A 615 -6.36 18.68 31.38
C SER A 615 -7.17 19.36 30.27
N GLU A 616 -8.46 19.58 30.53
CA GLU A 616 -9.31 20.17 29.52
C GLU A 616 -8.86 21.58 29.15
N ARG A 617 -8.49 22.39 30.15
CA ARG A 617 -8.10 23.77 29.86
C ARG A 617 -6.72 23.82 29.23
N HIS A 618 -5.76 23.06 29.77
CA HIS A 618 -4.35 23.28 29.50
C HIS A 618 -3.73 22.25 28.56
N GLY A 619 -4.50 21.27 28.08
CA GLY A 619 -3.96 20.30 27.15
C GLY A 619 -3.14 19.23 27.84
N TRP A 620 -2.07 18.80 27.17
CA TRP A 620 -1.24 17.71 27.67
C TRP A 620 -0.17 18.23 28.62
N GLY A 621 -0.01 17.55 29.76
CA GLY A 621 1.04 17.84 30.70
C GLY A 621 1.47 16.58 31.43
N TYR A 622 2.17 16.74 32.55
CA TYR A 622 2.63 15.60 33.32
C TYR A 622 2.39 15.86 34.80
N LEU A 623 2.43 14.79 35.58
CA LEU A 623 2.11 14.81 37.00
C LEU A 623 3.37 14.59 37.82
N VAL A 624 3.63 15.50 38.75
CA VAL A 624 4.77 15.43 39.66
C VAL A 624 4.23 15.05 41.04
N PRO A 625 4.56 13.89 41.59
CA PRO A 625 4.04 13.50 42.91
C PRO A 625 4.78 14.20 44.04
N GLY A 626 4.21 14.07 45.22
CA GLY A 626 4.80 14.61 46.44
C GLY A 626 3.93 15.58 47.20
N ARG A 627 2.83 16.06 46.61
CA ARG A 627 1.98 17.02 47.30
C ARG A 627 1.26 16.34 48.46
N ARG A 628 1.30 16.95 49.63
CA ARG A 628 0.60 16.45 50.80
C ARG A 628 -0.46 17.42 51.32
N ASP A 629 -0.79 18.45 50.54
CA ASP A 629 -1.88 19.36 50.86
C ASP A 629 -3.15 19.02 50.08
N ASN A 630 -3.31 17.75 49.70
CA ASN A 630 -4.47 17.27 48.95
C ASN A 630 -4.67 18.04 47.66
N LEU A 631 -3.62 18.63 47.12
CA LEU A 631 -3.69 19.33 45.84
C LEU A 631 -4.18 18.40 44.74
N VAL A 645 -11.90 6.08 40.78
CA VAL A 645 -12.17 7.48 40.50
C VAL A 645 -11.34 8.38 41.40
N VAL A 646 -10.25 7.84 41.94
CA VAL A 646 -9.33 8.59 42.79
C VAL A 646 -7.92 8.38 42.25
N CYS A 647 -7.08 9.38 42.41
CA CYS A 647 -5.74 9.35 41.85
C CYS A 647 -4.87 8.34 42.60
N PRO A 648 -4.31 7.34 41.94
CA PRO A 648 -3.38 6.44 42.64
C PRO A 648 -2.03 7.10 42.84
N TYR A 649 -2.00 8.12 43.69
CA TYR A 649 -0.78 8.91 43.82
C TYR A 649 0.38 8.13 44.41
N ARG A 650 0.10 7.14 45.27
CA ARG A 650 1.18 6.32 45.80
C ARG A 650 1.84 5.47 44.71
N ALA A 651 1.07 4.97 43.75
CA ALA A 651 1.66 4.25 42.62
C ALA A 651 2.57 5.16 41.81
N ILE A 652 2.15 6.41 41.58
CA ILE A 652 2.97 7.36 40.84
C ILE A 652 4.25 7.66 41.61
N GLU A 653 4.14 7.85 42.93
CA GLU A 653 5.32 8.12 43.73
C GLU A 653 6.28 6.94 43.69
N SER A 654 5.77 5.70 43.78
CA SER A 654 6.62 4.53 43.68
C SER A 654 7.31 4.46 42.32
N LEU A 655 6.56 4.75 41.25
CA LEU A 655 7.15 4.73 39.91
C LEU A 655 8.28 5.76 39.80
N TYR A 656 8.05 6.96 40.34
CA TYR A 656 9.10 7.98 40.27
C TYR A 656 10.30 7.61 41.13
N ARG A 657 10.09 6.97 42.27
CA ARG A 657 11.21 6.50 43.07
C ARG A 657 12.01 5.44 42.31
N LYS A 658 11.31 4.54 41.61
CA LYS A 658 12.02 3.56 40.79
C LYS A 658 12.83 4.25 39.70
N HIS A 659 12.25 5.26 39.05
CA HIS A 659 12.97 5.99 38.02
C HIS A 659 14.19 6.71 38.58
N CYS A 660 14.05 7.31 39.77
CA CYS A 660 15.15 8.08 40.35
C CYS A 660 16.34 7.20 40.69
N LEU A 661 16.11 5.93 40.99
CA LEU A 661 17.21 5.02 41.28
C LEU A 661 17.79 4.47 39.99
N GLU A 662 18.07 5.37 39.03
CA GLU A 662 18.73 5.01 37.79
C GLU A 662 19.74 6.06 37.36
N GLN A 663 20.01 7.07 38.18
CA GLN A 663 20.94 8.14 37.84
C GLN A 663 21.89 8.40 39.00
N PRO A 730 4.56 24.93 45.51
CA PRO A 730 5.89 24.85 46.12
C PRO A 730 6.63 23.57 45.74
N SER A 731 6.51 23.17 44.48
CA SER A 731 7.15 21.95 44.01
C SER A 731 8.67 22.13 43.92
N TYR A 732 9.37 21.00 44.01
CA TYR A 732 10.82 20.96 43.88
C TYR A 732 11.27 20.72 42.44
N HIS A 733 10.35 20.79 41.48
CA HIS A 733 10.65 20.61 40.07
C HIS A 733 10.25 21.87 39.32
N HIS A 734 11.06 22.26 38.34
CA HIS A 734 10.88 23.53 37.64
C HIS A 734 10.57 23.25 36.17
N GLY A 735 9.55 23.92 35.66
CA GLY A 735 9.12 23.73 34.29
C GLY A 735 8.07 24.75 33.90
N ASN A 736 7.03 24.30 33.19
CA ASN A 736 5.97 25.21 32.79
C ASN A 736 5.13 25.71 33.97
N GLY A 737 5.48 25.37 35.21
CA GLY A 737 4.82 25.91 36.36
C GLY A 737 3.53 25.17 36.68
N PRO A 738 3.27 24.94 37.96
CA PRO A 738 2.03 24.24 38.33
C PRO A 738 0.80 25.07 37.98
N TYR A 739 -0.27 24.37 37.62
CA TYR A 739 -1.57 24.97 37.36
C TYR A 739 -2.54 24.40 38.39
N ASN A 740 -2.67 25.08 39.53
CA ASN A 740 -3.46 24.56 40.63
C ASN A 740 -4.95 24.46 40.30
N ASP A 741 -5.41 25.10 39.22
CA ASP A 741 -6.80 24.94 38.82
C ASP A 741 -7.14 23.51 38.44
N VAL A 742 -6.16 22.67 38.15
CA VAL A 742 -6.37 21.26 37.90
C VAL A 742 -6.02 20.52 39.18
N ASP A 743 -7.01 19.82 39.75
CA ASP A 743 -6.87 19.16 41.05
C ASP A 743 -6.83 17.65 40.84
N ILE A 744 -5.66 17.06 41.08
CA ILE A 744 -5.47 15.62 41.04
C ILE A 744 -4.81 15.21 42.35
N PRO A 745 -5.58 15.03 43.43
CA PRO A 745 -4.98 14.92 44.77
C PRO A 745 -3.66 14.18 44.84
N GLY A 746 -2.66 14.81 45.46
CA GLY A 746 -1.35 14.22 45.63
C GLY A 746 -0.36 14.49 44.53
N CYS A 747 -0.62 15.46 43.65
CA CYS A 747 0.27 15.70 42.52
C CYS A 747 0.18 17.16 42.09
N TRP A 748 1.17 17.58 41.32
CA TRP A 748 1.17 18.86 40.62
C TRP A 748 1.10 18.59 39.11
N PHE A 749 0.39 19.45 38.39
CA PHE A 749 0.25 19.33 36.95
C PHE A 749 1.12 20.38 36.28
N PHE A 750 2.01 19.93 35.38
CA PHE A 750 2.91 20.82 34.66
C PHE A 750 2.68 20.66 33.16
N LYS A 751 2.46 21.77 32.48
CA LYS A 751 2.25 21.73 31.04
C LYS A 751 3.52 21.30 30.30
N LEU A 752 3.33 20.60 29.20
CA LEU A 752 4.45 20.29 28.32
C LEU A 752 4.88 21.55 27.59
N PRO A 753 6.18 21.86 27.54
CA PRO A 753 6.61 23.06 26.81
C PRO A 753 6.19 23.01 25.35
N HIS A 754 5.75 24.16 24.84
CA HIS A 754 5.34 24.30 23.46
C HIS A 754 6.28 25.27 22.75
N LYS A 755 6.50 25.01 21.46
CA LYS A 755 7.42 25.83 20.68
C LYS A 755 6.95 27.27 20.52
N ASP A 756 5.67 27.56 20.79
CA ASP A 756 5.12 28.89 20.59
C ASP A 756 4.84 29.63 21.91
N GLY A 757 5.30 29.11 23.03
CA GLY A 757 5.20 29.80 24.30
C GLY A 757 4.27 29.09 25.27
N ASN A 758 4.26 29.61 26.50
CA ASN A 758 3.50 29.01 27.58
C ASN A 758 2.00 29.20 27.45
N SER A 759 1.54 30.08 26.56
CA SER A 759 0.12 30.27 26.38
C SER A 759 -0.52 29.10 25.62
N CYS A 760 0.16 28.58 24.61
CA CYS A 760 -0.39 27.52 23.79
C CYS A 760 -0.43 26.20 24.54
N ASN A 761 -1.32 25.32 24.09
CA ASN A 761 -1.53 24.02 24.71
C ASN A 761 -1.09 22.92 23.77
N VAL A 762 -0.45 21.89 24.32
CA VAL A 762 0.01 20.75 23.53
C VAL A 762 -1.18 19.84 23.26
N GLY A 763 -1.38 19.52 21.99
CA GLY A 763 -2.50 18.68 21.59
C GLY A 763 -2.13 17.22 21.43
N SER A 764 -0.84 16.92 21.29
CA SER A 764 -0.39 15.56 21.08
C SER A 764 1.10 15.44 21.37
N PRO A 765 1.53 14.58 22.30
CA PRO A 765 2.97 14.41 22.54
C PRO A 765 3.72 13.84 21.35
N PHE A 766 3.03 13.23 20.39
CA PHE A 766 3.68 12.64 19.22
C PHE A 766 3.88 13.64 18.10
N ALA A 767 3.92 14.94 18.40
CA ALA A 767 4.21 15.94 17.39
C ALA A 767 5.69 15.88 16.99
N LYS A 768 5.95 16.29 15.75
CA LYS A 768 7.30 16.19 15.20
C LYS A 768 8.32 16.90 16.08
N ASP A 769 7.94 18.04 16.66
CA ASP A 769 8.88 18.83 17.46
C ASP A 769 9.39 18.06 18.66
N PHE A 770 8.70 17.01 19.09
CA PHE A 770 9.12 16.21 20.22
C PHE A 770 10.08 15.08 19.85
N LEU A 771 10.40 14.93 18.57
CA LEU A 771 11.34 13.88 18.18
C LEU A 771 12.68 14.00 18.89
N PRO A 772 13.33 15.17 18.93
CA PRO A 772 14.61 15.25 19.67
C PRO A 772 14.47 14.88 21.13
N LYS A 773 13.37 15.24 21.78
CA LYS A 773 13.20 14.91 23.19
C LYS A 773 13.19 13.40 23.41
N MET A 774 12.67 12.63 22.46
CA MET A 774 12.78 11.18 22.54
C MET A 774 14.23 10.74 22.49
N GLU A 775 15.02 11.33 21.58
CA GLU A 775 16.42 10.95 21.46
C GLU A 775 17.18 11.28 22.74
N ASP A 776 16.94 12.46 23.31
CA ASP A 776 17.60 12.85 24.55
C ASP A 776 17.17 12.00 25.74
N GLY A 777 16.09 11.24 25.61
CA GLY A 777 15.61 10.41 26.69
C GLY A 777 14.70 11.10 27.68
N THR A 778 14.36 12.36 27.44
CA THR A 778 13.44 13.07 28.34
C THR A 778 12.01 12.54 28.23
N LEU A 779 11.61 12.11 27.03
CA LEU A 779 10.30 11.50 26.79
C LEU A 779 10.52 10.02 26.58
N GLN A 780 10.00 9.20 27.49
CA GLN A 780 10.25 7.76 27.48
C GLN A 780 8.93 7.00 27.53
N ALA A 781 8.86 5.92 26.75
CA ALA A 781 7.70 5.04 26.76
C ALA A 781 7.87 3.95 27.81
N GLY A 782 6.75 3.51 28.36
CA GLY A 782 6.76 2.50 29.40
C GLY A 782 7.36 1.18 28.97
N PRO A 783 6.93 0.67 27.81
CA PRO A 783 7.51 -0.60 27.34
C PRO A 783 9.01 -0.56 27.19
N GLY A 784 9.57 0.58 26.79
CA GLY A 784 11.00 0.70 26.61
C GLY A 784 11.47 0.20 25.26
N GLY A 785 12.73 0.49 24.97
CA GLY A 785 13.32 0.08 23.70
C GLY A 785 13.16 1.17 22.66
N ALA A 786 12.67 0.78 21.48
CA ALA A 786 12.51 1.69 20.35
C ALA A 786 11.04 1.92 20.00
N SER A 787 10.10 1.61 20.90
CA SER A 787 8.69 1.75 20.57
C SER A 787 8.31 3.21 20.37
N GLY A 788 8.67 4.08 21.31
CA GLY A 788 8.30 5.47 21.24
C GLY A 788 8.94 6.19 20.07
N PRO A 789 10.27 6.06 19.95
CA PRO A 789 10.94 6.65 18.78
C PRO A 789 10.40 6.12 17.46
N ARG A 790 10.10 4.82 17.39
CA ARG A 790 9.57 4.26 16.15
C ARG A 790 8.19 4.85 15.83
N ALA A 791 7.35 5.00 16.85
CA ALA A 791 6.03 5.57 16.63
C ALA A 791 6.13 7.01 16.14
N LEU A 792 7.00 7.81 16.77
CA LEU A 792 7.18 9.19 16.33
C LEU A 792 7.73 9.25 14.92
N GLU A 793 8.66 8.35 14.58
CA GLU A 793 9.22 8.33 13.24
C GLU A 793 8.14 8.01 12.22
N ILE A 794 7.30 7.02 12.50
CA ILE A 794 6.24 6.65 11.56
C ILE A 794 5.27 7.81 11.40
N ASN A 795 4.92 8.48 12.51
CA ASN A 795 4.02 9.62 12.43
C ASN A 795 4.60 10.71 11.54
N LYS A 796 5.88 11.06 11.76
CA LYS A 796 6.52 12.05 10.90
C LYS A 796 6.52 11.60 9.45
N MET A 797 6.68 10.31 9.21
CA MET A 797 6.81 9.82 7.85
C MET A 797 5.47 9.82 7.11
N ILE A 798 4.35 9.69 7.82
CA ILE A 798 3.05 9.53 7.16
C ILE A 798 2.13 10.73 7.35
N SER A 799 2.54 11.75 8.11
CA SER A 799 1.63 12.87 8.38
C SER A 799 1.17 13.55 7.09
N PHE A 800 2.10 13.87 6.19
CA PHE A 800 1.76 14.63 5.00
C PHE A 800 0.79 13.86 4.12
N TRP A 801 1.07 12.57 3.89
CA TRP A 801 0.15 11.78 3.08
C TRP A 801 -1.20 11.64 3.76
N ARG A 802 -1.21 11.44 5.08
CA ARG A 802 -2.48 11.38 5.79
C ARG A 802 -3.31 12.64 5.53
N ASN A 803 -2.67 13.81 5.54
CA ASN A 803 -3.40 15.05 5.36
C ASN A 803 -3.78 15.33 3.91
N ALA A 804 -3.01 14.82 2.92
CA ALA A 804 -3.19 15.26 1.54
C ALA A 804 -3.58 14.16 0.55
N HIS A 805 -3.79 12.92 0.99
CA HIS A 805 -4.04 11.84 0.03
C HIS A 805 -5.39 12.01 -0.66
N LYS A 806 -6.39 12.51 0.04
CA LYS A 806 -7.70 12.72 -0.60
C LYS A 806 -7.58 13.72 -1.74
N ARG A 807 -6.86 14.82 -1.54
CA ARG A 807 -6.64 15.78 -2.60
C ARG A 807 -5.79 15.20 -3.73
N ILE A 808 -4.73 14.48 -3.39
CA ILE A 808 -3.78 14.04 -4.42
C ILE A 808 -4.40 12.96 -5.30
N SER A 809 -5.08 11.99 -4.70
CA SER A 809 -5.61 10.87 -5.47
C SER A 809 -6.83 11.23 -6.30
N SER A 810 -7.50 12.34 -5.99
CA SER A 810 -8.70 12.75 -6.70
C SER A 810 -8.42 13.76 -7.81
N GLN A 811 -7.15 14.06 -8.08
CA GLN A 811 -6.81 14.99 -9.16
C GLN A 811 -7.40 14.50 -10.47
N MET A 812 -8.03 15.40 -11.20
CA MET A 812 -8.65 15.06 -12.48
C MET A 812 -7.58 14.91 -13.55
N VAL A 813 -7.53 13.75 -14.19
CA VAL A 813 -6.52 13.44 -15.20
C VAL A 813 -7.21 13.02 -16.47
N VAL A 814 -6.78 13.61 -17.59
CA VAL A 814 -7.30 13.28 -18.91
C VAL A 814 -6.15 12.76 -19.75
N TRP A 815 -6.35 11.63 -20.42
CA TRP A 815 -5.32 10.97 -21.19
C TRP A 815 -5.58 11.21 -22.68
N LEU A 816 -4.58 11.73 -23.37
CA LEU A 816 -4.73 12.05 -24.77
C LEU A 816 -4.56 10.80 -25.63
N PRO A 817 -5.49 10.49 -26.53
CA PRO A 817 -5.27 9.36 -27.44
C PRO A 817 -4.11 9.62 -28.39
N ARG A 818 -3.72 8.58 -29.11
CA ARG A 818 -2.58 8.69 -30.02
C ARG A 818 -2.85 9.72 -31.12
N SER A 819 -4.07 9.74 -31.66
CA SER A 819 -4.38 10.63 -32.76
C SER A 819 -4.27 12.09 -32.38
N ALA A 820 -4.33 12.42 -31.10
CA ALA A 820 -4.31 13.80 -30.63
C ALA A 820 -2.93 14.29 -30.24
N LEU A 821 -1.90 13.47 -30.40
CA LEU A 821 -0.57 13.84 -29.96
C LEU A 821 0.18 14.61 -31.04
N PRO A 822 1.15 15.44 -30.66
CA PRO A 822 1.99 16.07 -31.67
C PRO A 822 2.83 15.06 -32.42
N ARG A 823 3.14 15.38 -33.68
CA ARG A 823 3.97 14.48 -34.49
C ARG A 823 5.37 14.34 -33.91
N ALA A 824 5.88 15.39 -33.27
CA ALA A 824 7.22 15.34 -32.71
C ALA A 824 7.34 14.41 -31.52
N VAL A 825 6.22 13.98 -30.93
CA VAL A 825 6.24 13.09 -29.79
C VAL A 825 6.16 11.62 -30.21
N ILE A 826 5.35 11.34 -31.23
CA ILE A 826 5.20 9.97 -31.70
C ILE A 826 6.53 9.44 -32.24
N ARG A 827 7.24 10.27 -33.00
CA ARG A 827 8.45 9.84 -33.68
C ARG A 827 9.68 9.81 -32.79
N HIS A 828 9.59 10.34 -31.58
CA HIS A 828 10.76 10.38 -30.70
C HIS A 828 11.15 8.96 -30.30
N PRO A 829 12.46 8.65 -30.24
CA PRO A 829 12.86 7.29 -29.84
C PRO A 829 12.45 6.94 -28.41
N ASP A 830 12.16 7.93 -27.57
CA ASP A 830 11.73 7.68 -26.20
C ASP A 830 10.22 7.52 -26.08
N TYR A 831 9.50 7.53 -27.20
CA TYR A 831 8.05 7.35 -27.17
C TYR A 831 7.72 5.94 -26.71
N ASP A 832 7.23 5.81 -25.49
CA ASP A 832 6.88 4.51 -24.91
C ASP A 832 5.53 4.08 -25.46
N GLU A 833 5.53 3.09 -26.35
CA GLU A 833 4.27 2.51 -26.79
C GLU A 833 3.66 1.67 -25.67
N GLU A 834 2.34 1.62 -25.64
CA GLU A 834 1.54 1.08 -24.56
C GLU A 834 1.56 1.95 -23.31
N GLY A 835 2.20 3.12 -23.38
CA GLY A 835 2.18 4.06 -22.28
C GLY A 835 1.06 5.08 -22.43
N LEU A 836 0.63 5.62 -21.30
CA LEU A 836 -0.42 6.62 -21.26
C LEU A 836 0.21 8.00 -21.08
N TYR A 837 -0.27 8.97 -21.86
CA TYR A 837 0.17 10.35 -21.77
C TYR A 837 -1.04 11.23 -21.56
N GLY A 838 -1.03 12.04 -20.50
CA GLY A 838 -2.16 12.89 -20.17
C GLY A 838 -1.75 14.17 -19.49
N ALA A 839 -2.71 14.95 -19.02
CA ALA A 839 -2.41 16.23 -18.41
C ALA A 839 -3.39 16.51 -17.28
N ILE A 840 -2.95 17.39 -16.37
CA ILE A 840 -3.75 17.91 -15.29
C ILE A 840 -3.70 19.42 -15.36
N LEU A 841 -4.88 20.06 -15.26
CA LEU A 841 -4.98 21.51 -15.28
C LEU A 841 -5.24 22.00 -13.87
N PRO A 842 -4.25 22.57 -13.17
CA PRO A 842 -4.50 23.02 -11.81
C PRO A 842 -5.62 24.05 -11.74
N GLN A 843 -6.44 23.94 -10.69
CA GLN A 843 -7.57 24.83 -10.50
C GLN A 843 -7.10 26.01 -9.64
N VAL A 844 -6.38 26.91 -10.27
CA VAL A 844 -5.77 28.05 -9.58
C VAL A 844 -6.73 29.23 -9.64
N VAL A 845 -6.92 29.88 -8.50
CA VAL A 845 -7.63 31.15 -8.42
C VAL A 845 -6.60 32.25 -8.62
N THR A 846 -6.73 33.01 -9.71
CA THR A 846 -5.70 33.97 -10.08
C THR A 846 -5.41 34.95 -8.96
N ALA A 847 -6.43 35.33 -8.19
CA ALA A 847 -6.24 36.22 -7.04
C ALA A 847 -7.14 35.72 -5.90
N GLY A 848 -6.57 34.88 -5.04
CA GLY A 848 -7.24 34.40 -3.85
C GLY A 848 -6.76 35.03 -2.57
N THR A 849 -5.94 36.07 -2.66
CA THR A 849 -5.32 36.69 -1.49
C THR A 849 -5.40 38.20 -1.62
N ILE A 850 -5.41 38.89 -0.49
CA ILE A 850 -5.48 40.35 -0.50
C ILE A 850 -4.33 40.93 -1.31
N THR A 851 -3.13 40.36 -1.15
CA THR A 851 -1.99 40.78 -1.95
C THR A 851 -2.07 40.32 -3.39
N ARG A 852 -3.16 39.66 -3.80
CA ARG A 852 -3.41 39.27 -5.18
C ARG A 852 -2.54 38.09 -5.60
N ARG A 853 -2.11 37.27 -4.65
CA ARG A 853 -1.41 36.03 -4.95
C ARG A 853 -2.40 34.98 -5.48
N ALA A 854 -1.84 33.92 -6.04
CA ALA A 854 -2.63 32.80 -6.54
C ALA A 854 -2.89 31.79 -5.44
N VAL A 855 -3.93 30.99 -5.63
CA VAL A 855 -4.34 29.97 -4.67
C VAL A 855 -4.70 28.70 -5.42
N GLU A 856 -4.22 27.56 -4.93
CA GLU A 856 -4.53 26.26 -5.51
C GLU A 856 -4.56 25.29 -4.34
N PRO A 857 -5.63 24.51 -4.18
CA PRO A 857 -5.72 23.65 -2.98
C PRO A 857 -4.61 22.61 -2.89
N THR A 858 -4.08 22.13 -4.01
CA THR A 858 -3.14 21.01 -4.01
C THR A 858 -1.75 21.39 -4.47
N TRP A 859 -1.62 21.98 -5.66
CA TRP A 859 -0.30 22.14 -6.28
C TRP A 859 0.50 23.29 -5.71
N LEU A 860 -0.10 24.19 -4.94
CA LEU A 860 0.64 25.21 -4.21
C LEU A 860 0.96 24.80 -2.79
N THR A 861 0.59 23.57 -2.39
CA THR A 861 0.92 23.03 -1.09
C THR A 861 1.77 21.77 -1.20
N ALA A 862 2.14 21.35 -2.40
CA ALA A 862 2.91 20.13 -2.58
C ALA A 862 4.28 20.25 -1.92
N SER A 863 4.68 19.21 -1.21
CA SER A 863 5.98 19.19 -0.55
C SER A 863 7.05 18.71 -1.53
N ASN A 864 8.27 19.22 -1.32
CA ASN A 864 9.39 18.81 -2.14
C ASN A 864 9.84 17.40 -1.76
N ALA A 865 10.43 16.71 -2.73
CA ALA A 865 10.93 15.36 -2.48
C ALA A 865 11.88 15.36 -1.31
N ARG A 866 11.53 14.58 -0.28
CA ARG A 866 12.24 14.59 0.99
C ARG A 866 12.44 13.16 1.46
N PRO A 867 13.55 12.88 2.14
CA PRO A 867 13.70 11.55 2.77
C PRO A 867 12.73 11.40 3.94
N ASP A 868 12.42 10.14 4.24
CA ASP A 868 11.56 9.77 5.37
C ASP A 868 10.23 10.53 5.35
N ARG A 869 9.66 10.67 4.16
CA ARG A 869 8.30 11.23 4.02
C ARG A 869 7.63 10.57 2.83
N VAL A 870 6.56 9.83 3.10
CA VAL A 870 5.90 9.05 2.06
C VAL A 870 5.17 9.98 1.10
N GLY A 871 5.32 9.72 -0.20
CA GLY A 871 4.63 10.50 -1.20
C GLY A 871 5.22 11.86 -1.48
N SER A 872 6.47 12.10 -1.09
CA SER A 872 7.10 13.40 -1.29
C SER A 872 7.51 13.65 -2.73
N GLU A 873 7.48 12.63 -3.59
CA GLU A 873 7.85 12.77 -4.98
C GLU A 873 6.71 13.28 -5.86
N LEU A 874 5.72 13.95 -5.25
CA LEU A 874 4.55 14.39 -5.99
C LEU A 874 4.93 15.24 -7.20
N LYS A 875 5.78 16.25 -7.01
CA LYS A 875 6.11 17.13 -8.11
C LYS A 875 7.01 16.45 -9.13
N ALA A 876 7.79 15.46 -8.70
CA ALA A 876 8.62 14.72 -9.64
C ALA A 876 7.80 13.91 -10.64
N MET A 877 6.53 13.65 -10.33
CA MET A 877 5.68 12.91 -11.25
C MET A 877 5.22 13.74 -12.43
N VAL A 878 5.32 15.06 -12.35
CA VAL A 878 5.03 15.95 -13.48
C VAL A 878 6.21 15.85 -14.43
N GLN A 879 6.05 15.05 -15.49
CA GLN A 879 7.14 14.71 -16.38
C GLN A 879 6.80 15.11 -17.80
N ALA A 880 7.73 15.79 -18.47
CA ALA A 880 7.48 16.24 -19.82
C ALA A 880 7.34 15.04 -20.76
N PRO A 881 6.55 15.17 -21.81
CA PRO A 881 6.44 14.07 -22.79
C PRO A 881 7.75 13.90 -23.56
N PRO A 882 7.91 12.80 -24.28
CA PRO A 882 9.13 12.61 -25.07
C PRO A 882 9.32 13.74 -26.07
N GLY A 883 10.57 14.20 -26.20
CA GLY A 883 10.88 15.31 -27.07
C GLY A 883 10.61 16.68 -26.46
N TYR A 884 10.19 16.74 -25.20
CA TYR A 884 9.90 18.00 -24.53
C TYR A 884 10.69 18.10 -23.24
N THR A 885 10.97 19.33 -22.84
CA THR A 885 11.79 19.63 -21.68
C THR A 885 11.09 20.68 -20.83
N LEU A 886 11.47 20.74 -19.56
CA LEU A 886 10.98 21.75 -18.62
C LEU A 886 12.12 22.69 -18.30
N VAL A 887 11.90 23.98 -18.55
CA VAL A 887 12.90 25.03 -18.29
C VAL A 887 12.32 25.95 -17.24
N GLY A 888 13.04 26.11 -16.13
CA GLY A 888 12.49 26.84 -15.01
C GLY A 888 13.52 27.68 -14.30
N ALA A 889 13.01 28.59 -13.47
CA ALA A 889 13.87 29.49 -12.71
C ALA A 889 13.09 30.10 -11.55
N ASP A 890 13.81 30.37 -10.46
CA ASP A 890 13.28 31.03 -9.28
C ASP A 890 14.05 32.31 -9.02
N VAL A 891 13.35 33.31 -8.49
CA VAL A 891 13.96 34.58 -8.17
C VAL A 891 14.78 34.45 -6.88
N ASP A 892 15.95 35.10 -6.87
CA ASP A 892 16.87 35.01 -5.74
C ASP A 892 16.66 36.20 -4.81
N SER A 893 16.37 35.91 -3.55
CA SER A 893 16.18 36.93 -2.53
C SER A 893 15.27 38.05 -3.03
N GLN A 894 14.08 37.64 -3.48
CA GLN A 894 13.16 38.56 -4.15
C GLN A 894 12.73 39.70 -3.24
N GLU A 895 12.00 39.38 -2.16
CA GLU A 895 11.44 40.43 -1.32
C GLU A 895 12.51 41.21 -0.59
N LEU A 896 13.60 40.55 -0.21
CA LEU A 896 14.73 41.27 0.37
C LEU A 896 15.20 42.37 -0.57
N TRP A 897 15.43 42.03 -1.83
CA TRP A 897 15.90 43.03 -2.79
C TRP A 897 14.86 44.11 -3.02
N ILE A 898 13.58 43.73 -3.08
CA ILE A 898 12.54 44.73 -3.30
C ILE A 898 12.54 45.75 -2.18
N ALA A 899 12.56 45.28 -0.93
CA ALA A 899 12.58 46.21 0.20
C ALA A 899 13.86 47.04 0.20
N ALA A 900 14.99 46.43 -0.12
CA ALA A 900 16.25 47.15 -0.13
C ALA A 900 16.23 48.28 -1.15
N VAL A 901 15.75 47.99 -2.36
CA VAL A 901 15.73 49.02 -3.40
C VAL A 901 14.72 50.10 -3.06
N LEU A 902 13.59 49.75 -2.43
CA LEU A 902 12.67 50.78 -1.96
C LEU A 902 13.35 51.72 -0.98
N GLY A 903 14.05 51.16 0.00
CA GLY A 903 14.78 51.99 0.95
C GLY A 903 15.83 52.85 0.28
N ASP A 904 16.57 52.27 -0.68
CA ASP A 904 17.60 53.01 -1.38
C ASP A 904 17.02 54.19 -2.15
N ALA A 905 15.89 53.98 -2.84
CA ALA A 905 15.23 55.07 -3.54
C ALA A 905 14.77 56.14 -2.56
N HIS A 906 14.24 55.72 -1.40
CA HIS A 906 13.74 56.69 -0.44
C HIS A 906 14.86 57.52 0.18
N PHE A 907 16.05 56.93 0.35
CA PHE A 907 17.12 57.58 1.11
C PHE A 907 17.87 58.61 0.26
N ALA A 908 18.46 58.18 -0.86
CA ALA A 908 19.31 59.07 -1.64
C ALA A 908 19.21 58.89 -3.15
N GLY A 909 18.42 57.93 -3.64
CA GLY A 909 18.28 57.77 -5.07
C GLY A 909 19.43 57.06 -5.75
N MET A 910 20.25 56.32 -5.01
CA MET A 910 21.34 55.55 -5.59
C MET A 910 21.31 54.13 -5.04
N HIS A 911 21.72 53.18 -5.87
CA HIS A 911 21.81 51.79 -5.42
C HIS A 911 22.85 51.66 -4.33
N GLY A 912 22.48 50.98 -3.24
CA GLY A 912 23.40 50.72 -2.16
C GLY A 912 23.67 51.87 -1.23
N CYS A 913 22.88 52.94 -1.30
CA CYS A 913 23.09 54.08 -0.41
C CYS A 913 22.73 53.77 1.04
N THR A 914 22.11 52.63 1.31
CA THR A 914 21.78 52.20 2.66
C THR A 914 22.56 50.93 3.00
N ALA A 915 22.81 50.75 4.29
CA ALA A 915 23.58 49.60 4.73
C ALA A 915 22.87 48.29 4.36
N PHE A 916 21.55 48.25 4.54
CA PHE A 916 20.80 47.05 4.21
C PHE A 916 20.94 46.70 2.73
N GLY A 917 20.74 47.68 1.86
CA GLY A 917 20.88 47.44 0.44
C GLY A 917 22.31 47.11 0.05
N TRP A 918 23.27 47.78 0.69
CA TRP A 918 24.68 47.50 0.41
C TRP A 918 25.01 46.04 0.73
N MET A 919 24.55 45.54 1.88
CA MET A 919 24.80 44.15 2.23
C MET A 919 24.02 43.21 1.31
N THR A 920 22.80 43.57 0.92
CA THR A 920 22.01 42.71 0.07
C THR A 920 22.64 42.54 -1.30
N LEU A 921 23.17 43.63 -1.87
CA LEU A 921 23.60 43.59 -3.27
C LEU A 921 24.77 42.65 -3.49
N GLN A 922 25.74 42.64 -2.57
CA GLN A 922 27.04 42.04 -2.86
C GLN A 922 27.08 40.53 -2.64
N GLY A 923 26.36 40.02 -1.65
CA GLY A 923 26.40 38.61 -1.33
C GLY A 923 26.07 37.72 -2.52
N ARG A 924 26.92 36.73 -2.78
CA ARG A 924 26.71 35.77 -3.86
C ARG A 924 26.20 34.44 -3.31
N LYS A 925 25.37 33.77 -4.11
CA LYS A 925 24.82 32.48 -3.68
C LYS A 925 25.88 31.39 -3.72
N SER A 926 26.67 31.34 -4.80
CA SER A 926 27.67 30.28 -4.94
C SER A 926 28.71 30.36 -3.83
N ARG A 927 29.19 31.57 -3.53
CA ARG A 927 30.16 31.76 -2.47
C ARG A 927 29.55 31.56 -1.08
N GLY A 928 28.24 31.45 -0.99
CA GLY A 928 27.59 31.32 0.31
C GLY A 928 27.70 32.57 1.15
N THR A 929 27.62 33.74 0.53
CA THR A 929 27.78 35.01 1.23
C THR A 929 26.51 35.85 1.24
N ASP A 930 25.41 35.36 0.67
CA ASP A 930 24.16 36.10 0.72
C ASP A 930 23.68 36.22 2.16
N LEU A 931 22.62 37.01 2.34
CA LEU A 931 22.11 37.26 3.69
C LEU A 931 21.62 35.98 4.34
N HIS A 932 20.94 35.12 3.59
CA HIS A 932 20.43 33.88 4.16
C HIS A 932 21.56 33.00 4.68
N SER A 933 22.59 32.80 3.85
CA SER A 933 23.71 31.96 4.27
C SER A 933 24.46 32.57 5.44
N LYS A 934 24.64 33.90 5.42
CA LYS A 934 25.34 34.55 6.51
C LYS A 934 24.59 34.38 7.82
N THR A 935 23.27 34.57 7.80
CA THR A 935 22.47 34.37 9.01
C THR A 935 22.55 32.92 9.47
N ALA A 936 22.46 31.98 8.53
CA ALA A 936 22.53 30.57 8.90
C ALA A 936 23.84 30.23 9.59
N THR A 937 24.95 30.72 9.04
CA THR A 937 26.25 30.48 9.66
C THR A 937 26.34 31.17 11.01
N THR A 938 25.82 32.39 11.12
CA THR A 938 25.94 33.13 12.37
C THR A 938 25.20 32.42 13.50
N VAL A 939 23.99 31.91 13.23
CA VAL A 939 23.20 31.27 14.26
C VAL A 939 23.30 29.75 14.22
N GLY A 940 23.71 29.16 13.10
CA GLY A 940 23.92 27.73 13.03
C GLY A 940 22.64 26.96 12.76
N ILE A 941 21.93 27.31 11.70
CA ILE A 941 20.70 26.64 11.30
C ILE A 941 20.74 26.42 9.79
N SER A 942 19.75 25.69 9.30
CA SER A 942 19.60 25.51 7.87
C SER A 942 19.24 26.84 7.20
N ARG A 943 19.62 26.97 5.92
CA ARG A 943 19.28 28.18 5.18
C ARG A 943 17.77 28.34 5.04
N GLU A 944 17.04 27.23 4.92
CA GLU A 944 15.59 27.31 4.83
C GLU A 944 15.01 27.93 6.09
N HIS A 945 15.54 27.56 7.26
CA HIS A 945 15.13 28.20 8.50
C HIS A 945 15.63 29.64 8.60
N ALA A 946 16.77 29.93 7.97
CA ALA A 946 17.25 31.31 7.93
C ALA A 946 16.27 32.20 7.18
N LYS A 947 15.69 31.70 6.10
CA LYS A 947 14.66 32.46 5.40
C LYS A 947 13.52 32.83 6.33
N ILE A 948 13.02 31.85 7.09
CA ILE A 948 11.91 32.11 8.00
C ILE A 948 12.31 33.13 9.05
N PHE A 949 13.50 32.97 9.63
CA PHE A 949 13.95 33.91 10.66
C PHE A 949 14.02 35.34 10.11
N ASN A 950 14.65 35.50 8.95
CA ASN A 950 14.82 36.84 8.39
C ASN A 950 13.49 37.47 8.03
N TYR A 951 12.63 36.73 7.34
CA TYR A 951 11.35 37.31 6.91
C TYR A 951 10.43 37.54 8.10
N GLY A 952 10.56 36.75 9.16
CA GLY A 952 9.82 37.06 10.37
C GLY A 952 10.29 38.35 11.02
N ARG A 953 11.61 38.53 11.10
CA ARG A 953 12.13 39.78 11.67
C ARG A 953 11.68 40.98 10.85
N ILE A 954 11.71 40.86 9.52
CA ILE A 954 11.40 41.99 8.65
C ILE A 954 9.97 42.46 8.86
N TYR A 955 9.02 41.52 8.98
CA TYR A 955 7.60 41.84 8.96
C TYR A 955 6.99 41.90 10.35
N GLY A 956 7.74 42.37 11.35
CA GLY A 956 7.17 42.73 12.62
C GLY A 956 7.25 41.68 13.71
N ALA A 957 8.00 40.60 13.53
CA ALA A 957 8.14 39.63 14.59
C ALA A 957 8.92 40.24 15.75
N GLY A 958 8.43 40.01 16.97
CA GLY A 958 9.10 40.50 18.15
C GLY A 958 10.28 39.64 18.56
N GLN A 959 11.05 40.14 19.51
CA GLN A 959 12.22 39.40 20.00
C GLN A 959 11.83 38.06 20.62
N PRO A 960 10.80 37.97 21.47
CA PRO A 960 10.44 36.65 22.00
C PRO A 960 10.15 35.63 20.91
N PHE A 961 9.46 36.05 19.85
CA PHE A 961 9.18 35.14 18.73
C PHE A 961 10.47 34.66 18.10
N ALA A 962 11.42 35.57 17.88
CA ALA A 962 12.68 35.20 17.24
C ALA A 962 13.47 34.23 18.10
N GLU A 963 13.56 34.48 19.41
CA GLU A 963 14.33 33.60 20.26
C GLU A 963 13.68 32.23 20.40
N ARG A 964 12.35 32.19 20.47
CA ARG A 964 11.67 30.89 20.47
C ARG A 964 11.93 30.15 19.17
N LEU A 965 11.91 30.86 18.04
CA LEU A 965 12.20 30.22 16.75
C LEU A 965 13.61 29.66 16.73
N LEU A 966 14.59 30.42 17.23
CA LEU A 966 15.96 29.93 17.27
C LEU A 966 16.06 28.69 18.14
N MET A 967 15.45 28.71 19.33
CA MET A 967 15.48 27.54 20.19
C MET A 967 14.85 26.34 19.50
N GLN A 968 13.77 26.57 18.74
CA GLN A 968 13.14 25.47 18.01
C GLN A 968 14.08 24.90 16.96
N PHE A 969 14.79 25.76 16.23
CA PHE A 969 15.61 25.31 15.12
C PHE A 969 17.00 24.84 15.53
N ASN A 970 17.48 25.24 16.71
CA ASN A 970 18.80 24.85 17.19
C ASN A 970 18.61 24.13 18.52
N HIS A 971 18.69 22.80 18.49
CA HIS A 971 18.44 22.02 19.69
C HIS A 971 19.58 22.16 20.70
N ARG A 972 20.79 22.44 20.23
CA ARG A 972 21.95 22.51 21.11
C ARG A 972 22.09 23.85 21.81
N LEU A 973 21.24 24.82 21.49
CA LEU A 973 21.30 26.12 22.15
C LEU A 973 20.65 26.05 23.53
N THR A 974 20.77 27.14 24.27
CA THR A 974 20.10 27.33 25.55
C THR A 974 19.32 28.64 25.50
N GLN A 975 18.61 28.93 26.59
CA GLN A 975 17.77 30.12 26.64
C GLN A 975 18.61 31.39 26.50
N GLN A 976 19.66 31.52 27.31
CA GLN A 976 20.46 32.74 27.30
C GLN A 976 21.16 32.93 25.96
N GLU A 977 21.70 31.85 25.39
CA GLU A 977 22.38 31.96 24.10
C GLU A 977 21.42 32.40 23.01
N ALA A 978 20.21 31.82 22.97
CA ALA A 978 19.23 32.22 21.97
C ALA A 978 18.83 33.67 22.16
N ALA A 979 18.61 34.10 23.41
CA ALA A 979 18.27 35.50 23.66
C ALA A 979 19.37 36.43 23.19
N GLU A 980 20.63 36.07 23.47
CA GLU A 980 21.75 36.91 23.05
C GLU A 980 21.85 36.97 21.53
N LYS A 981 21.69 35.83 20.84
CA LYS A 981 21.78 35.83 19.39
C LYS A 981 20.61 36.56 18.74
N ALA A 982 19.46 36.65 19.41
CA ALA A 982 18.37 37.47 18.90
C ALA A 982 18.63 38.96 19.15
N GLN A 983 19.14 39.29 20.33
CA GLN A 983 19.41 40.69 20.65
C GLN A 983 20.49 41.25 19.75
N GLN A 984 21.54 40.48 19.48
CA GLN A 984 22.64 40.93 18.63
C GLN A 984 22.27 40.91 17.16
N MET A 985 20.99 40.70 16.83
CA MET A 985 20.51 40.83 15.46
C MET A 985 19.29 41.73 15.35
N TYR A 986 18.65 42.11 16.46
CA TYR A 986 17.53 43.04 16.44
C TYR A 986 17.93 44.47 16.79
N ALA A 987 19.02 44.67 17.52
CA ALA A 987 19.44 46.03 17.88
C ALA A 987 20.10 46.77 16.73
N ALA A 988 20.85 46.05 15.87
CA ALA A 988 21.58 46.70 14.80
C ALA A 988 20.67 47.15 13.66
N THR A 989 19.64 46.37 13.35
CA THR A 989 18.82 46.65 12.18
C THR A 989 17.96 47.90 12.37
N LYS A 990 17.47 48.14 13.58
CA LYS A 990 16.59 49.27 13.86
C LYS A 990 17.05 49.95 15.14
N GLY A 991 16.92 51.27 15.17
CA GLY A 991 17.25 52.08 16.32
C GLY A 991 16.04 52.60 17.04
N LEU A 992 16.11 53.86 17.47
CA LEU A 992 15.00 54.51 18.12
C LEU A 992 14.09 55.17 17.09
N ARG A 993 12.87 55.52 17.52
CA ARG A 993 11.87 56.06 16.61
C ARG A 993 12.41 57.25 15.83
N TRP A 994 12.77 58.32 16.53
CA TRP A 994 13.31 59.50 15.87
C TRP A 994 14.33 60.16 16.80
N TYR A 995 14.92 61.26 16.31
CA TYR A 995 16.10 61.85 16.91
C TYR A 995 15.79 62.96 17.90
N ARG A 996 14.51 63.21 18.19
CA ARG A 996 14.13 64.29 19.11
C ARG A 996 14.06 63.72 20.52
N LEU A 997 15.15 63.89 21.26
CA LEU A 997 15.20 63.52 22.68
C LEU A 997 14.67 62.12 22.92
N TRP A 1049 12.03 56.36 11.94
CA TRP A 1049 13.18 55.55 12.29
C TRP A 1049 14.48 56.27 11.96
N LYS A 1050 15.14 56.82 12.98
CA LYS A 1050 16.38 57.56 12.76
C LYS A 1050 17.58 56.63 12.66
N GLY A 1051 17.87 55.91 13.74
CA GLY A 1051 19.01 55.02 13.77
C GLY A 1051 18.65 53.61 13.35
N GLY A 1052 19.62 52.91 12.76
CA GLY A 1052 19.42 51.54 12.33
C GLY A 1052 19.82 51.32 10.89
N THR A 1053 20.16 50.07 10.55
CA THR A 1053 20.57 49.74 9.19
C THR A 1053 19.38 49.70 8.23
N GLU A 1054 18.20 49.32 8.73
CA GLU A 1054 17.01 49.18 7.88
C GLU A 1054 15.98 50.26 8.16
N SER A 1055 16.36 51.36 8.82
CA SER A 1055 15.39 52.36 9.25
C SER A 1055 14.69 52.99 8.05
N GLU A 1056 15.44 53.33 7.00
CA GLU A 1056 14.84 54.01 5.85
C GLU A 1056 13.80 53.13 5.17
N MET A 1057 14.09 51.83 5.04
CA MET A 1057 13.13 50.93 4.41
C MET A 1057 11.84 50.84 5.22
N PHE A 1058 11.95 50.73 6.54
CA PHE A 1058 10.76 50.71 7.38
C PHE A 1058 9.98 52.00 7.25
N ASN A 1059 10.67 53.14 7.24
CA ASN A 1059 9.98 54.42 7.09
C ASN A 1059 9.22 54.48 5.77
N LYS A 1060 9.87 54.05 4.69
CA LYS A 1060 9.23 54.05 3.38
C LYS A 1060 7.99 53.16 3.36
N LEU A 1061 8.11 51.96 3.92
CA LEU A 1061 6.98 51.04 3.93
C LEU A 1061 5.82 51.59 4.74
N GLU A 1062 6.11 52.16 5.92
CA GLU A 1062 5.04 52.71 6.74
C GLU A 1062 4.42 53.94 6.11
N SER A 1063 5.21 54.77 5.42
CA SER A 1063 4.65 55.90 4.69
C SER A 1063 3.69 55.44 3.61
N ILE A 1064 4.06 54.40 2.86
CA ILE A 1064 3.13 53.88 1.85
C ILE A 1064 1.89 53.31 2.51
N ALA A 1065 2.07 52.63 3.65
CA ALA A 1065 0.94 51.98 4.31
C ALA A 1065 -0.07 53.01 4.82
N THR A 1066 0.40 54.12 5.38
CA THR A 1066 -0.48 55.10 5.99
C THR A 1066 -1.09 56.07 4.98
N SER A 1067 -0.77 55.94 3.70
CA SER A 1067 -1.34 56.83 2.70
C SER A 1067 -2.85 56.61 2.59
N ASP A 1068 -3.55 57.66 2.16
CA ASP A 1068 -5.01 57.59 2.07
C ASP A 1068 -5.45 56.52 1.07
N ILE A 1069 -4.75 56.42 -0.05
CA ILE A 1069 -5.04 55.39 -1.05
C ILE A 1069 -3.73 54.68 -1.39
N PRO A 1070 -3.29 53.72 -0.57
CA PRO A 1070 -2.03 53.04 -0.85
C PRO A 1070 -2.03 52.39 -2.23
N ARG A 1071 -0.88 52.44 -2.89
CA ARG A 1071 -0.72 51.88 -4.23
C ARG A 1071 0.63 51.17 -4.31
N THR A 1072 0.74 50.24 -5.24
CA THR A 1072 2.00 49.56 -5.47
C THR A 1072 2.97 50.51 -6.15
N PRO A 1073 4.16 50.75 -5.61
CA PRO A 1073 5.05 51.76 -6.21
C PRO A 1073 5.41 51.50 -7.66
N VAL A 1074 5.40 50.26 -8.11
CA VAL A 1074 5.85 49.94 -9.46
C VAL A 1074 4.70 50.04 -10.47
N LEU A 1075 3.55 49.46 -10.15
CA LEU A 1075 2.40 49.48 -11.05
C LEU A 1075 1.22 50.26 -10.52
N GLY A 1076 1.25 50.69 -9.25
CA GLY A 1076 0.19 51.53 -8.74
C GLY A 1076 -1.17 50.86 -8.65
N CYS A 1077 -1.21 49.56 -8.37
CA CYS A 1077 -2.48 48.92 -8.05
C CYS A 1077 -2.93 49.35 -6.67
N CYS A 1078 -4.22 49.66 -6.54
CA CYS A 1078 -4.76 50.12 -5.27
C CYS A 1078 -5.03 48.93 -4.35
N ILE A 1079 -4.78 49.15 -3.06
CA ILE A 1079 -5.11 48.14 -2.07
C ILE A 1079 -6.63 48.06 -1.92
N SER A 1080 -7.10 46.91 -1.45
CA SER A 1080 -8.54 46.69 -1.30
C SER A 1080 -9.17 47.79 -0.47
N ARG A 1081 -10.42 48.12 -0.82
CA ARG A 1081 -11.15 49.17 -0.10
C ARG A 1081 -11.33 48.82 1.37
N ALA A 1082 -11.27 47.53 1.72
CA ALA A 1082 -11.49 47.12 3.10
C ALA A 1082 -10.30 47.41 4.01
N LEU A 1083 -9.15 47.81 3.45
CA LEU A 1083 -7.95 48.06 4.24
C LEU A 1083 -7.44 49.48 4.11
N GLU A 1084 -8.23 50.39 3.54
CA GLU A 1084 -7.82 51.79 3.44
C GLU A 1084 -7.92 52.47 4.79
N PRO A 1085 -7.15 53.54 5.01
CA PRO A 1085 -7.18 54.20 6.33
C PRO A 1085 -8.56 54.68 6.74
N SER A 1086 -9.38 55.14 5.79
CA SER A 1086 -10.71 55.62 6.14
C SER A 1086 -11.56 54.49 6.71
N ALA A 1087 -11.52 53.31 6.08
CA ALA A 1087 -12.33 52.19 6.57
C ALA A 1087 -11.78 51.64 7.87
N VAL A 1088 -10.47 51.47 7.97
CA VAL A 1088 -9.79 51.01 9.18
C VAL A 1088 -8.73 52.03 9.54
N GLN A 1089 -8.75 52.50 10.79
CA GLN A 1089 -7.83 53.56 11.18
C GLN A 1089 -6.42 53.04 11.36
N GLU A 1090 -6.22 52.16 12.34
CA GLU A 1090 -4.90 51.60 12.60
C GLU A 1090 -4.95 50.11 12.95
N GLU A 1091 -6.06 49.44 12.63
CA GLU A 1091 -6.27 48.07 13.10
C GLU A 1091 -5.24 47.08 12.57
N PHE A 1092 -5.27 46.84 11.25
CA PHE A 1092 -4.50 45.76 10.66
C PHE A 1092 -3.22 46.31 10.01
N MET A 1093 -2.34 46.80 10.88
CA MET A 1093 -1.14 47.49 10.38
C MET A 1093 -0.15 46.51 9.77
N THR A 1094 0.10 45.37 10.44
CA THR A 1094 1.09 44.43 9.93
C THR A 1094 0.71 43.90 8.55
N SER A 1095 -0.56 43.56 8.36
CA SER A 1095 -1.02 43.07 7.06
C SER A 1095 -0.83 44.14 5.99
N ARG A 1096 -1.18 45.39 6.30
CA ARG A 1096 -1.03 46.45 5.31
C ARG A 1096 0.44 46.67 4.96
N VAL A 1097 1.32 46.62 5.96
CA VAL A 1097 2.75 46.81 5.69
C VAL A 1097 3.28 45.69 4.82
N ASN A 1098 2.92 44.44 5.13
CA ASN A 1098 3.39 43.33 4.32
C ASN A 1098 2.80 43.36 2.92
N TRP A 1099 1.62 43.97 2.77
CA TRP A 1099 0.96 44.01 1.47
C TRP A 1099 1.81 44.74 0.44
N VAL A 1100 2.49 45.82 0.83
CA VAL A 1100 3.30 46.56 -0.12
C VAL A 1100 4.27 45.63 -0.83
N VAL A 1101 5.09 44.92 -0.05
CA VAL A 1101 6.12 44.07 -0.64
C VAL A 1101 5.50 42.87 -1.35
N GLN A 1102 4.46 42.26 -0.77
CA GLN A 1102 3.91 41.06 -1.40
C GLN A 1102 3.24 41.39 -2.73
N SER A 1103 2.48 42.48 -2.79
CA SER A 1103 1.88 42.90 -4.05
C SER A 1103 2.94 43.37 -5.03
N SER A 1104 4.06 43.92 -4.54
CA SER A 1104 5.17 44.22 -5.44
C SER A 1104 5.71 42.93 -6.07
N ALA A 1105 5.80 41.86 -5.28
CA ALA A 1105 6.22 40.57 -5.83
C ALA A 1105 5.21 40.07 -6.86
N VAL A 1106 3.93 40.31 -6.61
CA VAL A 1106 2.90 39.94 -7.59
C VAL A 1106 3.12 40.72 -8.90
N ASP A 1107 3.42 42.02 -8.78
CA ASP A 1107 3.73 42.80 -9.96
C ASP A 1107 4.96 42.26 -10.69
N TYR A 1108 5.96 41.83 -9.93
CA TYR A 1108 7.14 41.21 -10.50
C TYR A 1108 6.77 39.98 -11.33
N LEU A 1109 5.89 39.13 -10.77
CA LEU A 1109 5.43 37.95 -11.49
C LEU A 1109 4.70 38.34 -12.77
N HIS A 1110 3.83 39.36 -12.69
CA HIS A 1110 3.10 39.79 -13.88
C HIS A 1110 4.05 40.26 -14.97
N LEU A 1111 5.06 41.06 -14.58
CA LEU A 1111 6.02 41.56 -15.56
C LEU A 1111 6.80 40.42 -16.19
N MET A 1112 7.23 39.45 -15.38
CA MET A 1112 7.95 38.31 -15.92
C MET A 1112 7.09 37.55 -16.92
N LEU A 1113 5.82 37.32 -16.60
CA LEU A 1113 4.94 36.59 -17.52
C LEU A 1113 4.76 37.35 -18.82
N VAL A 1114 4.56 38.67 -18.74
CA VAL A 1114 4.40 39.47 -19.95
C VAL A 1114 5.64 39.38 -20.82
N ALA A 1115 6.81 39.54 -20.20
CA ALA A 1115 8.06 39.51 -20.96
C ALA A 1115 8.29 38.15 -21.60
N MET A 1116 8.02 37.07 -20.87
CA MET A 1116 8.22 35.74 -21.42
C MET A 1116 7.28 35.51 -22.61
N LYS A 1117 6.01 35.92 -22.48
CA LYS A 1117 5.08 35.74 -23.59
C LYS A 1117 5.55 36.53 -24.81
N TRP A 1118 5.98 37.77 -24.61
CA TRP A 1118 6.46 38.58 -25.73
C TRP A 1118 7.66 37.92 -26.41
N LEU A 1119 8.63 37.47 -25.61
CA LEU A 1119 9.83 36.87 -26.20
C LEU A 1119 9.50 35.59 -26.94
N PHE A 1120 8.64 34.74 -26.38
CA PHE A 1120 8.28 33.50 -27.06
C PHE A 1120 7.56 33.78 -28.37
N GLU A 1121 6.64 34.74 -28.39
CA GLU A 1121 5.92 35.03 -29.63
C GLU A 1121 6.83 35.66 -30.68
N GLU A 1122 7.73 36.55 -30.25
CA GLU A 1122 8.53 37.31 -31.21
C GLU A 1122 9.44 36.40 -32.03
N PHE A 1123 10.13 35.46 -31.38
CA PHE A 1123 11.15 34.66 -32.03
C PHE A 1123 10.67 33.25 -32.35
N ALA A 1124 9.36 33.01 -32.32
CA ALA A 1124 8.78 31.71 -32.69
C ALA A 1124 9.40 30.59 -31.85
N ILE A 1125 9.48 30.81 -30.55
CA ILE A 1125 9.94 29.78 -29.63
C ILE A 1125 8.78 28.84 -29.32
N ASP A 1126 9.01 27.54 -29.48
CA ASP A 1126 7.95 26.53 -29.34
C ASP A 1126 7.88 26.09 -27.88
N GLY A 1127 6.99 26.73 -27.12
CA GLY A 1127 6.80 26.40 -25.73
C GLY A 1127 5.62 27.15 -25.17
N ARG A 1128 5.29 26.83 -23.91
CA ARG A 1128 4.15 27.44 -23.24
C ARG A 1128 4.38 27.46 -21.74
N PHE A 1129 3.70 28.38 -21.07
CA PHE A 1129 3.79 28.48 -19.62
C PHE A 1129 3.27 27.22 -18.97
N CYS A 1130 4.00 26.75 -17.95
CA CYS A 1130 3.64 25.51 -17.27
C CYS A 1130 3.04 25.77 -15.90
N ILE A 1131 3.74 26.48 -15.01
CA ILE A 1131 3.25 26.72 -13.65
C ILE A 1131 4.14 27.75 -12.99
N SER A 1132 3.66 28.35 -11.90
CA SER A 1132 4.44 29.25 -11.07
C SER A 1132 3.99 29.11 -9.62
N ILE A 1133 4.95 29.27 -8.69
CA ILE A 1133 4.60 29.35 -7.28
C ILE A 1133 5.23 30.59 -6.66
N HIS A 1134 4.55 31.73 -6.82
CA HIS A 1134 4.76 32.97 -6.07
C HIS A 1134 6.11 33.65 -6.32
N ASP A 1135 7.11 32.91 -6.79
CA ASP A 1135 8.33 33.53 -7.30
C ASP A 1135 9.03 32.73 -8.38
N GLU A 1136 8.49 31.58 -8.78
CA GLU A 1136 9.17 30.64 -9.65
C GLU A 1136 8.32 30.40 -10.89
N VAL A 1137 8.98 30.13 -12.01
CA VAL A 1137 8.28 29.92 -13.28
C VAL A 1137 8.88 28.71 -13.97
N ARG A 1138 8.01 27.86 -14.51
CA ARG A 1138 8.40 26.73 -15.32
C ARG A 1138 7.71 26.82 -16.67
N TYR A 1139 8.38 26.32 -17.72
CA TYR A 1139 7.84 26.32 -19.06
C TYR A 1139 8.11 24.97 -19.71
N LEU A 1140 7.17 24.53 -20.54
CA LEU A 1140 7.32 23.33 -21.33
C LEU A 1140 7.75 23.72 -22.74
N VAL A 1141 8.90 23.21 -23.18
CA VAL A 1141 9.52 23.65 -24.41
C VAL A 1141 9.92 22.43 -25.24
N ARG A 1142 10.06 22.63 -26.54
CA ARG A 1142 10.66 21.60 -27.38
C ARG A 1142 12.12 21.44 -27.03
N GLU A 1143 12.61 20.20 -27.09
CA GLU A 1143 13.96 19.92 -26.61
C GLU A 1143 15.00 20.76 -27.36
N GLU A 1144 14.89 20.81 -28.69
CA GLU A 1144 15.89 21.51 -29.49
C GLU A 1144 15.98 23.00 -29.14
N ASP A 1145 14.90 23.58 -28.62
CA ASP A 1145 14.89 24.99 -28.25
C ASP A 1145 15.22 25.23 -26.78
N ARG A 1146 15.49 24.16 -26.02
CA ARG A 1146 15.64 24.30 -24.57
C ARG A 1146 16.66 25.37 -24.20
N TYR A 1147 17.73 25.52 -24.99
CA TYR A 1147 18.73 26.53 -24.68
C TYR A 1147 18.19 27.93 -24.91
N ARG A 1148 17.57 28.16 -26.07
CA ARG A 1148 17.09 29.50 -26.38
C ARG A 1148 16.16 30.01 -25.29
N ALA A 1149 15.19 29.18 -24.89
CA ALA A 1149 14.27 29.56 -23.83
C ALA A 1149 15.04 30.03 -22.60
N ALA A 1150 16.09 29.29 -22.22
CA ALA A 1150 16.88 29.69 -21.06
C ALA A 1150 17.33 31.14 -21.20
N LEU A 1151 17.94 31.47 -22.33
CA LEU A 1151 18.38 32.85 -22.56
C LEU A 1151 17.23 33.81 -22.33
N ALA A 1152 16.07 33.52 -22.93
CA ALA A 1152 14.91 34.39 -22.76
C ALA A 1152 14.65 34.64 -21.28
N LEU A 1153 14.62 33.57 -20.48
CA LEU A 1153 14.38 33.73 -19.06
C LEU A 1153 15.35 34.75 -18.47
N GLN A 1154 16.64 34.56 -18.72
CA GLN A 1154 17.63 35.51 -18.21
C GLN A 1154 17.29 36.92 -18.64
N ILE A 1155 17.01 37.12 -19.92
CA ILE A 1155 16.66 38.45 -20.40
C ILE A 1155 15.43 38.95 -19.68
N THR A 1156 14.42 38.09 -19.55
CA THR A 1156 13.21 38.49 -18.83
C THR A 1156 13.55 38.94 -17.42
N ASN A 1157 14.51 38.28 -16.78
CA ASN A 1157 14.96 38.74 -15.48
C ASN A 1157 15.56 40.14 -15.57
N LEU A 1158 16.50 40.33 -16.49
CA LEU A 1158 17.20 41.61 -16.62
C LEU A 1158 16.19 42.75 -16.70
N LEU A 1159 15.38 42.75 -17.75
CA LEU A 1159 14.39 43.81 -17.91
C LEU A 1159 13.55 43.96 -16.65
N THR A 1160 13.09 42.84 -16.09
CA THR A 1160 12.23 42.91 -14.92
C THR A 1160 12.88 43.69 -13.80
N ARG A 1161 14.18 43.51 -13.61
CA ARG A 1161 14.89 44.28 -12.59
C ARG A 1161 14.93 45.76 -12.96
N CYS A 1162 15.29 46.08 -14.21
CA CYS A 1162 15.47 47.47 -14.59
C CYS A 1162 14.17 48.24 -14.43
N MET A 1163 13.06 47.66 -14.87
CA MET A 1163 11.76 48.27 -14.67
C MET A 1163 11.58 48.66 -13.21
N PHE A 1164 11.87 47.73 -12.30
CA PHE A 1164 11.69 48.01 -10.88
C PHE A 1164 12.48 49.24 -10.46
N ALA A 1165 13.67 49.43 -11.03
CA ALA A 1165 14.44 50.63 -10.74
C ALA A 1165 13.85 51.86 -11.42
N TYR A 1166 13.39 51.71 -12.67
CA TYR A 1166 12.96 52.86 -13.44
C TYR A 1166 11.80 53.58 -12.75
N LYS A 1167 10.83 52.82 -12.25
CA LYS A 1167 9.68 53.44 -11.59
C LYS A 1167 10.05 54.01 -10.22
N LEU A 1168 11.20 53.65 -9.66
CA LEU A 1168 11.64 54.19 -8.38
C LEU A 1168 12.56 55.40 -8.53
N GLY A 1169 12.86 55.82 -9.76
CA GLY A 1169 13.68 57.00 -9.98
C GLY A 1169 15.15 56.73 -10.18
N LEU A 1170 15.56 55.49 -10.39
CA LEU A 1170 16.95 55.12 -10.62
C LEU A 1170 17.15 54.70 -12.07
N ASN A 1171 18.29 55.07 -12.63
CA ASN A 1171 18.58 54.83 -14.04
C ASN A 1171 19.77 53.89 -14.22
N ASP A 1172 19.98 52.99 -13.27
CA ASP A 1172 21.06 52.01 -13.41
C ASP A 1172 20.72 50.80 -12.54
N LEU A 1173 21.35 49.68 -12.87
CA LEU A 1173 21.11 48.42 -12.17
C LEU A 1173 22.44 47.80 -11.76
N PRO A 1174 22.60 47.39 -10.50
CA PRO A 1174 23.83 46.69 -10.11
C PRO A 1174 24.01 45.41 -10.91
N GLN A 1175 25.28 45.10 -11.22
CA GLN A 1175 25.59 43.89 -11.97
C GLN A 1175 25.24 42.62 -11.19
N SER A 1176 25.19 42.70 -9.87
CA SER A 1176 25.01 41.50 -9.06
C SER A 1176 23.66 40.84 -9.31
N VAL A 1177 22.60 41.62 -9.40
CA VAL A 1177 21.24 41.10 -9.49
C VAL A 1177 20.70 41.13 -10.92
N ALA A 1178 21.59 41.12 -11.91
CA ALA A 1178 21.15 41.25 -13.30
C ALA A 1178 20.55 39.96 -13.84
N PHE A 1179 21.05 38.80 -13.44
CA PHE A 1179 20.67 37.53 -14.06
C PHE A 1179 20.36 36.49 -12.99
N PHE A 1180 19.57 35.49 -13.40
CA PHE A 1180 19.31 34.35 -12.54
C PHE A 1180 20.61 33.61 -12.23
N SER A 1181 20.82 33.29 -10.96
CA SER A 1181 22.02 32.54 -10.58
C SER A 1181 22.10 31.22 -11.33
N ALA A 1182 20.97 30.58 -11.60
CA ALA A 1182 20.95 29.33 -12.33
C ALA A 1182 19.58 29.13 -12.95
N VAL A 1183 19.57 28.56 -14.15
CA VAL A 1183 18.35 28.17 -14.85
C VAL A 1183 18.37 26.65 -14.99
N ASP A 1184 17.24 26.01 -14.70
CA ASP A 1184 17.15 24.56 -14.64
C ASP A 1184 16.52 24.02 -15.92
N ILE A 1185 17.20 23.06 -16.56
CA ILE A 1185 16.67 22.31 -17.68
C ILE A 1185 16.54 20.86 -17.22
N ASP A 1186 15.31 20.34 -17.25
CA ASP A 1186 15.03 19.05 -16.64
C ASP A 1186 13.91 18.36 -17.42
N ARG A 1187 13.58 17.14 -17.00
CA ARG A 1187 12.44 16.41 -17.53
C ARG A 1187 11.31 16.25 -16.51
N CYS A 1188 11.53 16.63 -15.26
CA CYS A 1188 10.51 16.57 -14.23
C CYS A 1188 10.65 17.79 -13.33
N LEU A 1189 9.64 18.01 -12.49
CA LEU A 1189 9.62 19.16 -11.58
C LEU A 1189 10.24 18.76 -10.24
N ARG A 1190 11.37 19.38 -9.91
CA ARG A 1190 12.00 19.16 -8.62
C ARG A 1190 12.77 20.40 -8.23
N LYS A 1191 13.01 20.54 -6.92
CA LYS A 1191 13.66 21.74 -6.41
C LYS A 1191 15.05 21.92 -7.00
N GLU A 1192 15.81 20.83 -7.11
CA GLU A 1192 17.15 20.85 -7.68
C GLU A 1192 17.25 19.79 -8.76
N VAL A 1193 18.13 20.03 -9.73
CA VAL A 1193 18.26 19.13 -10.87
C VAL A 1193 19.04 17.86 -10.57
N THR A 1194 19.71 17.79 -9.42
CA THR A 1194 20.56 16.66 -9.09
C THR A 1194 19.90 15.62 -8.19
N MET A 1195 18.89 16.01 -7.42
CA MET A 1195 18.29 15.09 -6.47
C MET A 1195 17.67 13.90 -7.19
N ASP A 1196 17.84 12.72 -6.59
CA ASP A 1196 17.23 11.49 -7.11
C ASP A 1196 15.89 11.19 -6.46
N CYS A 1197 15.49 11.93 -5.43
CA CYS A 1197 14.16 11.82 -4.82
C CYS A 1197 13.92 10.41 -4.29
N LYS A 1198 14.69 10.03 -3.29
CA LYS A 1198 14.50 8.76 -2.58
C LYS A 1198 13.56 8.98 -1.40
N THR A 1199 12.49 8.21 -1.36
CA THR A 1199 11.51 8.27 -0.30
C THR A 1199 11.04 6.86 0.01
N PRO A 1200 10.37 6.64 1.13
CA PRO A 1200 9.83 5.31 1.41
C PRO A 1200 8.88 4.83 0.34
N SER A 1201 8.23 5.75 -0.38
CA SER A 1201 7.32 5.34 -1.45
C SER A 1201 8.08 4.84 -2.68
N ASN A 1202 9.31 5.31 -2.88
CA ASN A 1202 10.16 4.85 -3.99
C ASN A 1202 11.60 4.79 -3.50
N PRO A 1203 12.06 3.64 -3.01
CA PRO A 1203 13.43 3.57 -2.49
C PRO A 1203 14.50 3.67 -3.57
N THR A 1204 14.27 3.08 -4.74
CA THR A 1204 15.29 3.08 -5.77
C THR A 1204 15.55 4.47 -6.32
N GLY A 1205 14.52 5.29 -6.45
CA GLY A 1205 14.66 6.65 -6.93
C GLY A 1205 14.17 6.82 -8.36
N MET A 1206 14.18 8.09 -8.79
CA MET A 1206 13.71 8.39 -10.14
C MET A 1206 14.58 7.74 -11.20
N GLU A 1207 15.89 7.68 -10.95
CA GLU A 1207 16.82 7.17 -11.96
C GLU A 1207 16.53 5.73 -12.33
N ARG A 1208 16.26 4.88 -11.33
CA ARG A 1208 16.14 3.45 -11.57
C ARG A 1208 14.70 3.02 -11.82
N ARG A 1209 13.76 3.47 -10.98
CA ARG A 1209 12.38 3.03 -11.12
C ARG A 1209 11.75 3.60 -12.39
N TYR A 1210 11.94 4.89 -12.64
CA TYR A 1210 11.29 5.57 -13.75
C TYR A 1210 12.23 5.94 -14.89
N GLY A 1211 13.55 5.85 -14.68
CA GLY A 1211 14.48 6.17 -15.74
C GLY A 1211 14.51 7.63 -16.13
N ILE A 1212 14.50 8.53 -15.15
CA ILE A 1212 14.59 9.97 -15.39
C ILE A 1212 16.02 10.41 -15.05
N PRO A 1213 16.83 10.82 -16.01
CA PRO A 1213 18.20 11.23 -15.71
C PRO A 1213 18.27 12.59 -15.04
N GLN A 1214 19.45 12.92 -14.56
CA GLN A 1214 19.67 14.20 -13.90
C GLN A 1214 19.54 15.36 -14.89
N GLY A 1215 19.16 16.52 -14.37
CA GLY A 1215 19.03 17.72 -15.16
C GLY A 1215 20.30 18.55 -15.15
N GLU A 1216 20.18 19.77 -15.67
CA GLU A 1216 21.30 20.69 -15.76
C GLU A 1216 20.92 22.05 -15.19
N ALA A 1217 21.86 22.69 -14.52
CA ALA A 1217 21.71 24.07 -14.05
C ALA A 1217 22.78 24.91 -14.74
N LEU A 1218 22.35 25.96 -15.43
CA LEU A 1218 23.26 26.77 -16.24
C LEU A 1218 23.13 28.25 -15.87
N ASP A 1219 24.28 28.92 -15.83
CA ASP A 1219 24.33 30.36 -15.56
C ASP A 1219 24.35 31.14 -16.86
N ILE A 1220 24.49 32.46 -16.75
CA ILE A 1220 24.39 33.32 -17.91
C ILE A 1220 25.51 33.04 -18.91
N TYR A 1221 26.74 32.87 -18.41
CA TYR A 1221 27.87 32.70 -19.31
C TYR A 1221 27.76 31.42 -20.12
N GLN A 1222 27.36 30.31 -19.48
CA GLN A 1222 27.20 29.06 -20.19
C GLN A 1222 26.07 29.16 -21.23
N ILE A 1223 24.99 29.84 -20.88
CA ILE A 1223 23.89 30.02 -21.83
C ILE A 1223 24.36 30.84 -23.03
N ILE A 1224 25.16 31.88 -22.79
CA ILE A 1224 25.70 32.67 -23.88
C ILE A 1224 26.58 31.82 -24.77
N GLU A 1225 27.43 30.99 -24.17
CA GLU A 1225 28.30 30.13 -24.96
C GLU A 1225 27.49 29.15 -25.80
N LEU A 1226 26.42 28.58 -25.23
CA LEU A 1226 25.61 27.61 -25.96
C LEU A 1226 24.72 28.26 -27.00
N THR A 1227 24.42 29.56 -26.86
CA THR A 1227 23.52 30.24 -27.78
C THR A 1227 24.18 31.33 -28.60
N LYS A 1228 25.36 31.80 -28.21
CA LYS A 1228 26.05 32.90 -28.88
C LYS A 1228 25.33 34.23 -28.69
N GLY A 1229 24.38 34.30 -27.76
CA GLY A 1229 23.70 35.54 -27.46
C GLY A 1229 22.56 35.88 -28.38
N SER A 1230 22.15 34.99 -29.26
CA SER A 1230 21.07 35.25 -30.21
C SER A 1230 19.91 34.29 -29.97
N LEU A 1231 18.70 34.78 -30.19
CA LEU A 1231 17.48 34.00 -30.04
C LEU A 1231 16.95 33.46 -31.36
N GLU A 1232 17.62 33.73 -32.47
CA GLU A 1232 17.12 33.29 -33.76
C GLU A 1232 17.28 31.78 -33.91
N LYS A 1233 16.45 31.22 -34.79
CA LYS A 1233 16.45 29.78 -35.02
C LYS A 1233 17.70 29.29 -35.75
N ARG A 1234 18.51 30.19 -36.30
CA ARG A 1234 19.77 29.84 -36.94
C ARG A 1234 20.90 30.72 -36.40
N SER A 1235 20.94 30.89 -35.08
CA SER A 1235 21.97 31.68 -34.43
C SER A 1235 22.04 33.11 -35.00
N GLU B 64 15.92 -18.97 30.87
CA GLU B 64 15.45 -17.99 29.91
C GLU B 64 13.98 -18.24 29.59
N GLY B 65 13.44 -17.47 28.64
CA GLY B 65 12.07 -17.66 28.20
C GLY B 65 11.96 -18.70 27.12
N SER B 66 13.07 -19.02 26.45
CA SER B 66 13.06 -20.03 25.41
C SER B 66 12.73 -21.41 25.97
N GLU B 67 13.24 -21.75 27.15
CA GLU B 67 12.90 -23.03 27.76
C GLU B 67 11.40 -23.13 28.01
N ALA B 68 10.79 -22.06 28.52
CA ALA B 68 9.36 -22.07 28.78
C ALA B 68 8.57 -22.26 27.48
N LEU B 69 8.96 -21.56 26.41
CA LEU B 69 8.27 -21.72 25.14
C LEU B 69 8.39 -23.14 24.61
N LEU B 70 9.59 -23.72 24.69
CA LEU B 70 9.76 -25.10 24.21
C LEU B 70 8.95 -26.07 25.06
N GLU B 71 8.92 -25.86 26.37
CA GLU B 71 8.12 -26.71 27.24
C GLU B 71 6.65 -26.63 26.87
N ILE B 72 6.14 -25.42 26.63
CA ILE B 72 4.75 -25.26 26.25
C ILE B 72 4.47 -25.97 24.93
N CYS B 73 5.35 -25.77 23.94
CA CYS B 73 5.16 -26.41 22.64
C CYS B 73 5.17 -27.93 22.77
N GLN B 74 5.96 -28.46 23.71
CA GLN B 74 5.98 -29.90 23.92
C GLN B 74 4.70 -30.39 24.59
N ARG B 75 4.23 -29.66 25.61
CA ARG B 75 3.06 -30.12 26.36
C ARG B 75 1.80 -30.14 25.48
N ARG B 76 1.61 -29.12 24.64
CA ARG B 76 0.41 -29.00 23.83
C ARG B 76 0.58 -29.58 22.44
N HIS B 77 1.57 -30.45 22.24
CA HIS B 77 1.70 -31.24 21.03
C HIS B 77 1.93 -30.36 19.78
N PHE B 78 2.59 -29.22 19.96
CA PHE B 78 3.07 -28.49 18.79
C PHE B 78 4.28 -29.18 18.18
N LEU B 79 5.19 -29.65 19.01
CA LEU B 79 6.37 -30.40 18.60
C LEU B 79 6.21 -31.86 19.03
N SER B 80 7.24 -32.65 18.79
CA SER B 80 7.23 -34.06 19.17
C SER B 80 8.64 -34.47 19.56
N GLY B 81 8.72 -35.48 20.42
CA GLY B 81 10.01 -35.99 20.87
C GLY B 81 10.22 -35.83 22.37
N SER B 82 11.45 -35.49 22.75
CA SER B 82 11.83 -35.34 24.14
C SER B 82 12.55 -34.02 24.34
N LYS B 83 12.81 -33.68 25.61
CA LYS B 83 13.48 -32.42 25.90
C LYS B 83 14.87 -32.36 25.28
N GLN B 84 15.61 -33.47 25.35
CA GLN B 84 16.97 -33.49 24.81
C GLN B 84 17.00 -33.55 23.29
N GLN B 85 15.97 -34.11 22.66
CA GLN B 85 15.89 -34.13 21.21
C GLN B 85 15.52 -32.78 20.62
N LEU B 86 14.83 -31.94 21.37
CA LEU B 86 14.37 -30.64 20.86
C LEU B 86 15.36 -29.53 21.21
N SER B 87 16.59 -29.71 20.75
CA SER B 87 17.61 -28.68 20.89
C SER B 87 17.50 -27.67 19.75
N ARG B 88 18.13 -26.52 19.93
CA ARG B 88 18.12 -25.50 18.88
C ARG B 88 18.76 -26.02 17.60
N ASP B 89 19.89 -26.74 17.73
CA ASP B 89 20.58 -27.24 16.55
C ASP B 89 19.72 -28.20 15.77
N SER B 90 19.03 -29.11 16.46
CA SER B 90 18.18 -30.08 15.77
C SER B 90 17.02 -29.39 15.06
N LEU B 91 16.39 -28.41 15.71
CA LEU B 91 15.28 -27.71 15.09
C LEU B 91 15.75 -26.93 13.85
N LEU B 92 16.87 -26.24 13.96
CA LEU B 92 17.35 -25.44 12.83
C LEU B 92 17.81 -26.33 11.68
N SER B 93 18.47 -27.45 11.98
CA SER B 93 19.01 -28.31 10.95
C SER B 93 17.96 -29.19 10.29
N GLY B 94 16.81 -29.38 10.93
CA GLY B 94 15.78 -30.25 10.38
C GLY B 94 15.98 -31.72 10.66
N CYS B 95 16.73 -32.07 11.71
CA CYS B 95 16.94 -33.46 12.11
C CYS B 95 16.25 -33.75 13.43
N HIS B 96 15.06 -33.19 13.61
CA HIS B 96 14.23 -33.41 14.80
C HIS B 96 13.23 -34.53 14.55
N PRO B 97 12.65 -35.09 15.61
CA PRO B 97 11.70 -36.20 15.41
C PRO B 97 10.50 -35.83 14.53
N GLY B 98 10.00 -34.62 14.66
CA GLY B 98 8.85 -34.17 13.89
C GLY B 98 7.99 -33.24 14.72
N PHE B 99 6.80 -32.95 14.19
CA PHE B 99 5.86 -32.03 14.80
C PHE B 99 4.58 -32.76 15.20
N GLY B 100 3.97 -32.29 16.29
CA GLY B 100 2.70 -32.82 16.72
C GLY B 100 1.56 -32.29 15.88
N PRO B 101 0.35 -32.77 16.16
CA PRO B 101 -0.81 -32.37 15.33
C PRO B 101 -1.00 -30.86 15.24
N LEU B 102 -0.81 -30.14 16.35
CA LEU B 102 -0.95 -28.69 16.30
C LEU B 102 0.10 -28.07 15.38
N GLY B 103 1.33 -28.57 15.44
CA GLY B 103 2.35 -28.09 14.53
C GLY B 103 2.01 -28.38 13.08
N VAL B 104 1.44 -29.55 12.81
CA VAL B 104 1.03 -29.89 11.45
C VAL B 104 -0.03 -28.92 10.97
N GLU B 105 -1.01 -28.62 11.83
CA GLU B 105 -2.06 -27.68 11.44
C GLU B 105 -1.50 -26.29 11.20
N LEU B 106 -0.58 -25.84 12.06
CA LEU B 106 0.03 -24.52 11.89
C LEU B 106 0.80 -24.45 10.59
N ARG B 107 1.56 -25.49 10.28
CA ARG B 107 2.32 -25.51 9.03
C ARG B 107 1.40 -25.53 7.82
N LYS B 108 0.29 -26.28 7.89
CA LYS B 108 -0.66 -26.29 6.80
C LYS B 108 -1.28 -24.91 6.60
N ASN B 109 -1.64 -24.23 7.69
CA ASN B 109 -2.17 -22.88 7.57
C ASN B 109 -1.17 -21.93 6.93
N LEU B 110 0.10 -22.03 7.35
CA LEU B 110 1.12 -21.18 6.77
C LEU B 110 1.28 -21.45 5.28
N ALA B 111 1.29 -22.73 4.89
CA ALA B 111 1.43 -23.08 3.48
C ALA B 111 0.24 -22.58 2.68
N ALA B 112 -0.97 -22.69 3.23
CA ALA B 112 -2.15 -22.20 2.53
C ALA B 112 -2.10 -20.68 2.36
N GLU B 113 -1.67 -19.95 3.39
CA GLU B 113 -1.55 -18.51 3.26
C GLU B 113 -0.51 -18.15 2.20
N TRP B 114 0.62 -18.85 2.19
CA TRP B 114 1.64 -18.60 1.17
C TRP B 114 1.07 -18.85 -0.23
N TRP B 115 0.36 -19.97 -0.40
CA TRP B 115 -0.20 -20.31 -1.70
C TRP B 115 -1.21 -19.26 -2.15
N THR B 116 -2.05 -18.79 -1.23
CA THR B 116 -3.01 -17.75 -1.57
C THR B 116 -2.33 -16.46 -1.97
N SER B 117 -1.28 -16.06 -1.22
CA SER B 117 -0.64 -14.79 -1.47
C SER B 117 0.30 -14.81 -2.67
N VAL B 118 0.68 -15.99 -3.17
CA VAL B 118 1.66 -16.11 -4.23
C VAL B 118 1.04 -16.60 -5.53
N VAL B 119 0.05 -17.49 -5.47
CA VAL B 119 -0.44 -18.21 -6.64
C VAL B 119 -1.89 -17.86 -6.97
N VAL B 120 -2.75 -17.73 -5.96
CA VAL B 120 -4.19 -17.66 -6.21
C VAL B 120 -4.54 -16.42 -7.04
N PHE B 121 -3.98 -15.28 -6.68
CA PHE B 121 -4.39 -14.00 -7.25
C PHE B 121 -3.46 -13.51 -8.34
N ARG B 122 -2.90 -14.41 -9.15
CA ARG B 122 -2.07 -14.03 -10.29
C ARG B 122 -2.35 -14.97 -11.44
N GLU B 123 -2.45 -14.40 -12.64
CA GLU B 123 -2.84 -15.14 -13.83
C GLU B 123 -1.67 -15.85 -14.51
N GLN B 124 -0.44 -15.60 -14.07
CA GLN B 124 0.75 -16.12 -14.74
C GLN B 124 1.57 -17.05 -13.86
N VAL B 125 1.08 -17.39 -12.67
CA VAL B 125 1.75 -18.32 -11.77
C VAL B 125 0.95 -19.63 -11.76
N PHE B 126 1.63 -20.74 -12.03
CA PHE B 126 1.01 -22.04 -12.14
C PHE B 126 1.73 -23.02 -11.23
N PRO B 127 1.04 -24.09 -10.80
CA PRO B 127 1.68 -25.09 -9.95
C PRO B 127 2.56 -26.04 -10.75
N VAL B 128 3.50 -26.65 -10.04
CA VAL B 128 4.40 -27.64 -10.63
C VAL B 128 4.78 -28.62 -9.53
N ASP B 129 5.09 -29.85 -9.93
CA ASP B 129 5.50 -30.90 -9.01
C ASP B 129 6.83 -31.47 -9.46
N ALA B 130 7.78 -31.53 -8.54
CA ALA B 130 9.10 -32.10 -8.79
C ALA B 130 9.28 -33.37 -7.98
N LEU B 131 9.83 -34.39 -8.62
CA LEU B 131 10.08 -35.65 -7.93
C LEU B 131 11.12 -35.44 -6.83
N HIS B 132 10.96 -36.21 -5.74
CA HIS B 132 11.83 -36.05 -4.58
C HIS B 132 13.25 -36.55 -4.81
N HIS B 133 13.51 -37.24 -5.93
CA HIS B 133 14.83 -37.80 -6.20
C HIS B 133 15.23 -37.50 -7.62
N LYS B 134 16.55 -37.43 -7.85
CA LYS B 134 17.10 -37.16 -9.17
C LYS B 134 17.79 -38.41 -9.70
N PRO B 135 17.24 -39.09 -10.70
CA PRO B 135 17.90 -40.31 -11.21
C PRO B 135 18.95 -40.01 -12.27
N GLY B 136 19.55 -41.06 -12.83
CA GLY B 136 20.50 -40.91 -13.91
C GLY B 136 21.91 -40.66 -13.42
N PRO B 137 22.84 -40.51 -14.36
CA PRO B 137 24.23 -40.24 -13.97
C PRO B 137 24.41 -38.90 -13.29
N LEU B 138 25.37 -38.84 -12.38
CA LEU B 138 25.71 -37.64 -11.63
C LEU B 138 27.18 -37.33 -11.81
N LEU B 139 27.53 -36.05 -11.71
CA LEU B 139 28.93 -35.67 -11.75
C LEU B 139 29.64 -36.20 -10.50
N PRO B 140 30.87 -36.71 -10.63
CA PRO B 140 31.54 -37.32 -9.47
C PRO B 140 31.91 -36.31 -8.41
N GLY B 141 31.27 -36.41 -7.25
CA GLY B 141 31.54 -35.55 -6.12
C GLY B 141 30.26 -35.12 -5.45
N ASP B 142 30.33 -34.00 -4.74
CA ASP B 142 29.22 -33.35 -4.05
C ASP B 142 28.80 -34.06 -2.77
N SER B 143 29.32 -35.25 -2.50
CA SER B 143 29.06 -35.99 -1.25
C SER B 143 27.59 -36.32 -1.06
N ALA B 144 26.77 -36.26 -2.12
CA ALA B 144 25.35 -36.53 -1.97
C ALA B 144 25.11 -38.02 -1.73
N PHE B 145 23.98 -38.31 -1.07
CA PHE B 145 23.62 -39.69 -0.79
C PHE B 145 23.27 -40.42 -2.09
N ARG B 146 23.22 -41.74 -2.01
CA ARG B 146 22.97 -42.59 -3.17
C ARG B 146 21.89 -43.60 -2.85
N LEU B 147 20.95 -43.76 -3.78
CA LEU B 147 19.85 -44.70 -3.63
C LEU B 147 20.24 -46.05 -4.23
N VAL B 148 20.13 -47.10 -3.43
CA VAL B 148 20.54 -48.44 -3.85
C VAL B 148 19.48 -49.43 -3.39
N SER B 149 19.16 -50.39 -4.26
CA SER B 149 18.21 -51.45 -3.95
C SER B 149 18.92 -52.58 -3.21
N ALA B 150 18.13 -53.53 -2.69
CA ALA B 150 18.68 -54.61 -1.89
C ALA B 150 19.62 -55.49 -2.71
N GLU B 151 19.09 -56.12 -3.76
CA GLU B 151 19.87 -57.11 -4.49
C GLU B 151 21.08 -56.50 -5.21
N THR B 152 21.13 -55.18 -5.37
CA THR B 152 22.32 -54.56 -5.93
C THR B 152 23.53 -54.77 -5.04
N LEU B 153 23.32 -55.16 -3.78
CA LEU B 153 24.41 -55.43 -2.85
C LEU B 153 24.96 -56.85 -2.98
N ARG B 154 24.36 -57.69 -3.84
CA ARG B 154 24.76 -59.08 -3.98
C ARG B 154 25.19 -59.43 -5.40
N GLU B 155 24.51 -58.91 -6.42
CA GLU B 155 24.77 -59.33 -7.79
C GLU B 155 26.19 -59.00 -8.24
N ILE B 156 26.88 -58.09 -7.55
CA ILE B 156 28.25 -57.74 -7.91
C ILE B 156 29.25 -58.61 -7.17
N LEU B 157 29.10 -58.75 -5.86
CA LEU B 157 30.03 -59.58 -5.09
C LEU B 157 29.98 -61.03 -5.55
N GLN B 158 28.78 -61.56 -5.77
CA GLN B 158 28.64 -62.93 -6.22
C GLN B 158 29.18 -63.08 -7.65
N ASP B 159 29.70 -64.26 -7.95
CA ASP B 159 30.41 -64.61 -9.18
C ASP B 159 31.83 -64.05 -9.17
N LYS B 160 32.26 -63.41 -8.08
CA LYS B 160 33.64 -62.94 -7.93
C LYS B 160 34.01 -61.98 -9.06
N GLU B 161 33.27 -60.87 -9.12
CA GLU B 161 33.50 -59.83 -10.14
C GLU B 161 34.80 -59.11 -9.82
N LEU B 162 35.90 -59.75 -10.17
CA LEU B 162 37.25 -59.22 -9.92
C LEU B 162 37.36 -58.75 -8.47
N SER B 163 37.21 -59.70 -7.56
CA SER B 163 37.05 -59.40 -6.13
C SER B 163 38.34 -58.95 -5.46
N LYS B 164 39.43 -58.74 -6.19
CA LYS B 164 40.69 -58.37 -5.53
C LYS B 164 40.72 -56.89 -5.18
N GLU B 165 40.76 -56.01 -6.20
CA GLU B 165 40.76 -54.58 -5.94
C GLU B 165 39.93 -53.78 -6.92
N GLN B 166 39.32 -54.40 -7.93
CA GLN B 166 38.55 -53.63 -8.91
C GLN B 166 37.26 -53.08 -8.30
N LEU B 167 36.72 -53.75 -7.30
CA LEU B 167 35.53 -53.24 -6.62
C LEU B 167 35.84 -52.04 -5.73
N VAL B 168 37.07 -51.56 -5.74
CA VAL B 168 37.38 -50.24 -5.19
C VAL B 168 37.22 -49.16 -6.26
N ALA B 169 37.62 -49.46 -7.49
CA ALA B 169 37.24 -48.60 -8.61
C ALA B 169 35.74 -48.63 -8.84
N PHE B 170 35.05 -49.66 -8.35
CA PHE B 170 33.60 -49.69 -8.41
C PHE B 170 32.97 -48.52 -7.65
N LEU B 171 33.72 -47.88 -6.75
CA LEU B 171 33.22 -46.67 -6.11
C LEU B 171 32.94 -45.57 -7.14
N GLU B 172 33.70 -45.56 -8.24
CA GLU B 172 33.40 -44.63 -9.33
C GLU B 172 32.03 -44.92 -9.92
N ASN B 173 31.71 -46.20 -10.15
CA ASN B 173 30.38 -46.57 -10.62
C ASN B 173 29.32 -46.13 -9.63
N VAL B 174 29.57 -46.36 -8.34
CA VAL B 174 28.62 -45.95 -7.31
C VAL B 174 28.37 -44.45 -7.38
N LEU B 175 29.44 -43.67 -7.51
CA LEU B 175 29.30 -42.22 -7.59
C LEU B 175 28.53 -41.79 -8.84
N LYS B 176 28.82 -42.42 -9.97
CA LYS B 176 28.36 -41.91 -11.26
C LYS B 176 27.09 -42.59 -11.78
N THR B 177 26.51 -43.52 -11.04
CA THR B 177 25.32 -44.23 -11.52
C THR B 177 24.13 -44.18 -10.58
N SER B 178 24.33 -44.12 -9.26
CA SER B 178 23.23 -44.12 -8.32
C SER B 178 22.65 -42.71 -8.20
N GLY B 179 21.33 -42.64 -8.08
CA GLY B 179 20.65 -41.36 -8.00
C GLY B 179 20.81 -40.71 -6.64
N LYS B 180 20.32 -39.47 -6.56
CA LYS B 180 20.41 -38.67 -5.34
C LYS B 180 19.04 -38.16 -4.96
N LEU B 181 18.88 -37.85 -3.69
CA LEU B 181 17.67 -37.20 -3.20
C LEU B 181 17.68 -35.72 -3.60
N ARG B 182 16.49 -35.21 -3.89
CA ARG B 182 16.31 -33.81 -4.26
C ARG B 182 16.92 -32.91 -3.18
N GLU B 183 17.72 -31.94 -3.63
CA GLU B 183 18.33 -30.96 -2.73
C GLU B 183 17.66 -29.61 -2.78
N ASN B 184 17.00 -29.27 -3.87
CA ASN B 184 16.30 -27.99 -4.01
C ASN B 184 15.23 -28.14 -5.06
N LEU B 185 14.30 -27.19 -5.08
CA LEU B 185 13.20 -27.19 -6.03
C LEU B 185 13.52 -26.43 -7.31
N LEU B 186 14.64 -25.72 -7.38
CA LEU B 186 14.95 -24.93 -8.56
C LEU B 186 15.13 -25.80 -9.79
N HIS B 187 15.88 -26.90 -9.65
CA HIS B 187 16.19 -27.72 -10.82
C HIS B 187 14.93 -28.35 -11.41
N GLY B 188 14.06 -28.89 -10.57
CA GLY B 188 12.82 -29.46 -11.08
C GLY B 188 11.96 -28.43 -11.79
N ALA B 189 11.89 -27.22 -11.24
CA ALA B 189 11.13 -26.15 -11.89
C ALA B 189 11.73 -25.82 -13.25
N LEU B 190 13.04 -25.65 -13.31
CA LEU B 190 13.68 -25.33 -14.58
C LEU B 190 13.47 -26.44 -15.60
N GLU B 191 13.33 -27.68 -15.14
CA GLU B 191 13.10 -28.80 -16.05
C GLU B 191 11.77 -28.70 -16.79
N HIS B 192 10.83 -27.88 -16.31
CA HIS B 192 9.51 -27.77 -16.92
C HIS B 192 9.33 -26.48 -17.69
N TYR B 193 10.39 -25.71 -17.92
CA TYR B 193 10.24 -24.39 -18.53
C TYR B 193 9.68 -24.48 -19.94
N VAL B 194 10.17 -25.44 -20.73
CA VAL B 194 9.79 -25.50 -22.14
C VAL B 194 8.32 -25.84 -22.29
N ASN B 195 7.85 -26.87 -21.60
CA ASN B 195 6.48 -27.35 -21.80
C ASN B 195 5.45 -26.44 -21.15
N CYS B 196 5.82 -25.73 -20.09
CA CYS B 196 4.90 -24.78 -19.47
C CYS B 196 4.82 -23.47 -20.23
N LEU B 197 5.53 -23.34 -21.36
CA LEU B 197 5.46 -22.15 -22.18
C LEU B 197 4.20 -22.13 -23.05
N ASP B 198 3.51 -23.26 -23.19
CA ASP B 198 2.29 -23.31 -23.98
C ASP B 198 1.12 -22.66 -23.26
N LEU B 199 1.16 -22.57 -21.93
CA LEU B 199 0.00 -22.07 -21.18
C LEU B 199 -0.30 -20.62 -21.53
N VAL B 200 0.73 -19.79 -21.64
CA VAL B 200 0.56 -18.35 -21.81
C VAL B 200 0.98 -17.90 -23.20
N ASN B 201 1.10 -18.83 -24.15
CA ASN B 201 1.52 -18.50 -25.51
C ASN B 201 2.82 -17.71 -25.50
N LYS B 202 3.71 -18.07 -24.58
CA LYS B 202 5.07 -17.56 -24.54
C LYS B 202 5.14 -16.10 -24.08
N ARG B 203 4.18 -15.66 -23.28
CA ARG B 203 4.28 -14.36 -22.63
C ARG B 203 5.34 -14.44 -21.54
N LEU B 204 6.45 -13.75 -21.73
CA LEU B 204 7.67 -14.08 -21.00
C LEU B 204 7.53 -13.95 -19.49
N PRO B 205 6.97 -12.87 -18.93
CA PRO B 205 6.94 -12.76 -17.47
C PRO B 205 5.97 -13.75 -16.85
N TYR B 206 6.47 -14.82 -16.23
CA TYR B 206 5.57 -15.77 -15.58
C TYR B 206 6.37 -16.66 -14.63
N GLY B 207 5.64 -17.29 -13.70
CA GLY B 207 6.28 -18.02 -12.63
C GLY B 207 5.71 -19.43 -12.46
N LEU B 208 6.54 -20.27 -11.84
CA LEU B 208 6.15 -21.61 -11.42
C LEU B 208 6.43 -21.75 -9.93
N ALA B 209 5.45 -22.25 -9.18
CA ALA B 209 5.54 -22.30 -7.73
C ALA B 209 5.34 -23.73 -7.25
N GLN B 210 5.96 -24.04 -6.12
CA GLN B 210 5.82 -25.36 -5.51
C GLN B 210 6.12 -25.27 -4.03
N ILE B 211 5.57 -26.21 -3.27
CA ILE B 211 5.88 -26.39 -1.85
C ILE B 211 6.22 -27.86 -1.65
N GLY B 212 7.37 -28.14 -1.05
CA GLY B 212 7.79 -29.52 -0.93
C GLY B 212 8.97 -29.67 0.01
N VAL B 213 9.26 -30.92 0.35
CA VAL B 213 10.33 -31.26 1.27
C VAL B 213 11.61 -31.49 0.51
N CYS B 214 12.72 -31.03 1.07
CA CYS B 214 14.05 -31.21 0.50
C CYS B 214 14.99 -31.73 1.59
N PHE B 215 16.03 -32.42 1.15
CA PHE B 215 16.95 -33.11 2.03
C PHE B 215 18.32 -32.46 1.96
N HIS B 216 18.95 -32.30 3.13
CA HIS B 216 20.28 -31.70 3.21
C HIS B 216 21.15 -32.57 4.11
N PRO B 217 22.35 -32.95 3.67
CA PRO B 217 23.26 -33.65 4.58
C PRO B 217 23.72 -32.73 5.70
N VAL B 218 23.84 -33.29 6.90
CA VAL B 218 24.33 -32.57 8.07
C VAL B 218 25.38 -33.43 8.75
N PHE B 219 26.50 -32.81 9.11
CA PHE B 219 27.62 -33.53 9.70
C PHE B 219 27.15 -34.44 10.84
N GLY B 227 24.18 -40.44 13.95
CA GLY B 227 25.27 -40.99 13.17
C GLY B 227 26.26 -39.92 12.73
N VAL B 228 27.30 -40.35 12.03
CA VAL B 228 28.35 -39.41 11.61
C VAL B 228 27.75 -38.33 10.71
N LYS B 229 26.92 -38.75 9.75
CA LYS B 229 26.20 -37.83 8.88
C LYS B 229 24.72 -38.19 8.92
N SER B 230 23.88 -37.23 9.25
CA SER B 230 22.44 -37.41 9.25
C SER B 230 21.81 -36.57 8.13
N ILE B 231 20.51 -36.76 7.95
CA ILE B 231 19.75 -36.11 6.88
C ILE B 231 18.74 -35.17 7.53
N GLY B 232 18.83 -33.88 7.21
CA GLY B 232 17.86 -32.92 7.66
C GLY B 232 16.81 -32.69 6.58
N GLU B 233 15.54 -32.77 6.98
CA GLU B 233 14.43 -32.54 6.08
C GLU B 233 13.84 -31.17 6.33
N LYS B 234 13.64 -30.40 5.26
CA LYS B 234 13.08 -29.05 5.38
C LYS B 234 12.03 -28.87 4.30
N THR B 235 10.81 -28.53 4.70
CA THR B 235 9.76 -28.23 3.76
C THR B 235 9.81 -26.74 3.44
N GLU B 236 9.84 -26.41 2.15
CA GLU B 236 10.09 -25.06 1.70
C GLU B 236 9.24 -24.77 0.48
N ALA B 237 9.01 -23.47 0.27
CA ALA B 237 8.22 -22.96 -0.85
C ALA B 237 9.15 -22.23 -1.81
N SER B 238 9.03 -22.56 -3.09
CA SER B 238 9.89 -22.02 -4.12
C SER B 238 9.08 -21.44 -5.27
N LEU B 239 9.52 -20.29 -5.76
CA LEU B 239 8.98 -19.66 -6.96
C LEU B 239 10.11 -19.40 -7.93
N VAL B 240 9.91 -19.81 -9.18
CA VAL B 240 10.87 -19.55 -10.26
C VAL B 240 10.17 -18.66 -11.27
N TRP B 241 10.69 -17.45 -11.46
CA TRP B 241 10.05 -16.41 -12.26
C TRP B 241 10.93 -16.07 -13.44
N PHE B 242 10.42 -16.32 -14.65
CA PHE B 242 11.11 -15.96 -15.88
C PHE B 242 10.63 -14.59 -16.33
N THR B 243 11.58 -13.66 -16.51
CA THR B 243 11.28 -12.27 -16.79
C THR B 243 12.14 -11.79 -17.95
N PRO B 244 11.71 -10.75 -18.66
CA PRO B 244 12.58 -10.12 -19.65
C PRO B 244 13.84 -9.58 -19.00
N PRO B 245 14.99 -9.69 -19.66
CA PRO B 245 16.23 -9.22 -19.00
C PRO B 245 16.19 -7.76 -18.58
N ARG B 246 15.68 -6.87 -19.44
CA ARG B 246 15.78 -5.44 -19.15
C ARG B 246 15.00 -5.03 -17.90
N THR B 247 14.02 -5.84 -17.48
CA THR B 247 13.26 -5.55 -16.27
C THR B 247 13.67 -6.44 -15.10
N SER B 248 14.63 -7.36 -15.30
CA SER B 248 14.92 -8.35 -14.27
C SER B 248 15.23 -7.69 -12.93
N ASN B 249 16.00 -6.60 -12.94
CA ASN B 249 16.31 -5.91 -11.69
C ASN B 249 15.05 -5.34 -11.05
N GLN B 250 14.21 -4.66 -11.84
CA GLN B 250 13.01 -4.06 -11.28
C GLN B 250 12.14 -5.11 -10.60
N TRP B 251 11.85 -6.20 -11.31
CA TRP B 251 11.09 -7.28 -10.71
C TRP B 251 11.77 -7.78 -9.44
N LEU B 252 13.10 -7.88 -9.44
CA LEU B 252 13.81 -8.34 -8.25
C LEU B 252 13.46 -7.46 -7.06
N ASP B 253 13.35 -6.15 -7.28
CA ASP B 253 12.92 -5.27 -6.21
C ASP B 253 11.49 -5.59 -5.80
N PHE B 254 10.58 -5.69 -6.78
CA PHE B 254 9.17 -5.91 -6.49
C PHE B 254 8.98 -7.08 -5.53
N TRP B 255 9.38 -8.27 -5.95
CA TRP B 255 9.22 -9.44 -5.09
C TRP B 255 9.89 -9.21 -3.75
N LEU B 256 11.08 -8.60 -3.75
CA LEU B 256 11.77 -8.37 -2.49
C LEU B 256 10.87 -7.63 -1.52
N ARG B 257 10.15 -6.62 -2.00
CA ARG B 257 9.17 -5.94 -1.15
C ARG B 257 8.00 -6.86 -0.87
N HIS B 258 7.43 -7.48 -1.90
CA HIS B 258 6.19 -8.22 -1.73
C HIS B 258 6.34 -9.31 -0.68
N ARG B 259 7.34 -10.18 -0.86
CA ARG B 259 7.58 -11.22 0.13
C ARG B 259 7.81 -10.61 1.50
N LEU B 260 8.60 -9.53 1.57
CA LEU B 260 8.89 -8.92 2.86
C LEU B 260 7.61 -8.43 3.52
N GLN B 261 6.63 -8.02 2.73
CA GLN B 261 5.34 -7.66 3.31
C GLN B 261 4.64 -8.88 3.89
N TRP B 262 4.63 -9.98 3.13
CA TRP B 262 3.90 -11.17 3.55
C TRP B 262 4.38 -11.63 4.93
N TRP B 263 5.69 -11.78 5.10
CA TRP B 263 6.21 -12.17 6.41
C TRP B 263 5.80 -11.18 7.48
N ARG B 264 5.85 -9.89 7.19
CA ARG B 264 5.44 -8.89 8.16
C ARG B 264 3.94 -8.91 8.42
N LYS B 265 3.16 -9.44 7.47
CA LYS B 265 1.70 -9.35 7.58
C LYS B 265 1.18 -10.08 8.82
N PHE B 266 1.69 -11.28 9.08
CA PHE B 266 1.20 -12.09 10.18
C PHE B 266 1.99 -11.91 11.46
N ALA B 267 3.01 -11.06 11.46
CA ALA B 267 3.88 -10.93 12.62
C ALA B 267 3.29 -9.95 13.64
N MET B 268 3.53 -10.26 14.92
CA MET B 268 3.22 -9.31 15.99
C MET B 268 4.27 -8.20 16.07
N SER B 269 5.51 -8.50 15.72
CA SER B 269 6.59 -7.52 15.67
C SER B 269 7.27 -7.63 14.32
N PRO B 270 6.69 -7.05 13.28
CA PRO B 270 7.26 -7.20 11.93
C PRO B 270 8.66 -6.63 11.78
N SER B 271 9.12 -5.82 12.74
CA SER B 271 10.48 -5.28 12.66
C SER B 271 11.51 -6.41 12.72
N ASN B 272 11.26 -7.42 13.55
CA ASN B 272 12.19 -8.54 13.66
C ASN B 272 12.43 -9.26 12.34
N PHE B 273 11.64 -8.96 11.32
CA PHE B 273 11.92 -9.44 9.97
C PHE B 273 12.68 -8.37 9.22
N SER B 274 13.82 -8.75 8.64
CA SER B 274 14.72 -7.79 8.00
C SER B 274 15.21 -8.35 6.68
N SER B 275 15.72 -7.45 5.84
CA SER B 275 16.25 -7.80 4.54
C SER B 275 17.67 -7.27 4.40
N SER B 276 18.43 -7.88 3.49
CA SER B 276 19.79 -7.44 3.23
C SER B 276 20.16 -7.75 1.79
N ASP B 277 20.98 -6.88 1.21
CA ASP B 277 21.52 -7.10 -0.11
C ASP B 277 22.74 -8.01 -0.05
N CYS B 278 23.01 -8.70 -1.15
CA CYS B 278 24.13 -9.64 -1.19
C CYS B 278 24.55 -9.84 -2.64
N GLN B 279 25.78 -10.33 -2.80
CA GLN B 279 26.37 -10.56 -4.10
C GLN B 279 26.90 -11.99 -4.20
N ASP B 280 26.89 -12.52 -5.40
CA ASP B 280 27.47 -13.82 -5.70
C ASP B 280 28.90 -13.65 -6.20
N GLU B 281 29.66 -14.73 -6.13
CA GLU B 281 31.03 -14.69 -6.64
C GLU B 281 31.08 -14.44 -8.14
N GLU B 282 29.96 -14.61 -8.84
CA GLU B 282 29.86 -14.31 -10.26
C GLU B 282 29.37 -12.90 -10.53
N GLY B 283 29.10 -12.11 -9.48
CA GLY B 283 28.61 -10.76 -9.65
C GLY B 283 27.12 -10.66 -9.89
N ARG B 284 26.33 -11.54 -9.28
CA ARG B 284 24.88 -11.55 -9.43
C ARG B 284 24.22 -10.98 -8.18
N LYS B 285 23.30 -10.05 -8.36
CA LYS B 285 22.63 -9.41 -7.25
C LYS B 285 21.71 -10.39 -6.54
N GLY B 286 21.48 -10.17 -5.26
CA GLY B 286 20.52 -10.99 -4.54
C GLY B 286 20.11 -10.33 -3.24
N ASN B 287 19.03 -10.87 -2.66
CA ASN B 287 18.50 -10.40 -1.40
C ASN B 287 18.28 -11.58 -0.47
N LYS B 288 18.44 -11.33 0.83
CA LYS B 288 18.24 -12.35 1.84
C LYS B 288 17.36 -11.80 2.96
N LEU B 289 16.43 -12.63 3.43
CA LEU B 289 15.49 -12.28 4.47
C LEU B 289 15.82 -13.04 5.75
N TYR B 290 15.82 -12.32 6.87
CA TYR B 290 16.21 -12.89 8.14
C TYR B 290 15.15 -12.59 9.19
N TYR B 291 15.01 -13.52 10.13
CA TYR B 291 14.21 -13.31 11.32
C TYR B 291 15.12 -13.28 12.54
N ASN B 292 14.83 -12.36 13.47
CA ASN B 292 15.69 -12.15 14.63
C ASN B 292 15.17 -12.98 15.79
N PHE B 293 15.70 -14.20 15.91
CA PHE B 293 15.44 -15.03 17.07
C PHE B 293 16.17 -14.43 18.27
N PRO B 294 15.82 -14.85 19.49
CA PRO B 294 16.46 -14.26 20.66
C PRO B 294 17.98 -14.39 20.68
N TRP B 295 18.53 -15.38 19.98
CA TRP B 295 19.98 -15.59 19.94
C TRP B 295 20.63 -14.95 18.72
N GLY B 296 19.87 -14.32 17.83
CA GLY B 296 20.45 -13.68 16.67
C GLY B 296 19.63 -13.82 15.41
N LYS B 297 20.14 -13.32 14.28
CA LYS B 297 19.42 -13.42 13.03
C LYS B 297 19.62 -14.79 12.38
N GLU B 298 18.54 -15.31 11.79
CA GLU B 298 18.59 -16.57 11.06
C GLU B 298 17.93 -16.37 9.70
N LEU B 299 18.54 -16.95 8.68
CA LEU B 299 18.03 -16.84 7.31
C LEU B 299 16.73 -17.63 7.17
N ILE B 300 15.76 -17.04 6.47
CA ILE B 300 14.49 -17.72 6.21
C ILE B 300 14.10 -17.73 4.75
N GLU B 301 14.64 -16.84 3.91
CA GLU B 301 14.28 -16.83 2.51
C GLU B 301 15.39 -16.16 1.71
N THR B 302 15.54 -16.58 0.46
CA THR B 302 16.59 -16.06 -0.41
C THR B 302 16.02 -15.79 -1.79
N LEU B 303 16.46 -14.68 -2.38
CA LEU B 303 16.12 -14.31 -3.76
C LEU B 303 17.41 -14.14 -4.55
N TRP B 304 17.49 -14.84 -5.69
CA TRP B 304 18.68 -14.80 -6.54
C TRP B 304 18.27 -14.46 -7.96
N ASN B 305 18.96 -13.49 -8.56
CA ASN B 305 18.87 -13.22 -9.98
C ASN B 305 19.96 -14.04 -10.66
N LEU B 306 19.58 -15.20 -11.21
CA LEU B 306 20.54 -16.16 -11.72
C LEU B 306 20.89 -15.92 -13.19
N GLY B 307 20.29 -14.94 -13.84
CA GLY B 307 20.54 -14.76 -15.26
C GLY B 307 19.99 -15.92 -16.06
N ASP B 308 20.73 -16.31 -17.10
CA ASP B 308 20.32 -17.38 -18.00
C ASP B 308 21.33 -18.52 -18.08
N HIS B 309 22.32 -18.56 -17.19
CA HIS B 309 23.35 -19.58 -17.29
C HIS B 309 22.77 -20.97 -17.11
N GLU B 310 21.98 -21.18 -16.05
CA GLU B 310 21.41 -22.49 -15.79
C GLU B 310 20.51 -22.94 -16.94
N LEU B 311 19.65 -22.05 -17.42
CA LEU B 311 18.74 -22.41 -18.50
C LEU B 311 19.50 -22.77 -19.77
N LEU B 312 20.53 -21.99 -20.10
CA LEU B 312 21.32 -22.29 -21.29
C LEU B 312 22.06 -23.62 -21.14
N HIS B 313 22.58 -23.90 -19.94
CA HIS B 313 23.29 -25.15 -19.73
C HIS B 313 22.35 -26.35 -19.79
N MET B 314 21.11 -26.18 -19.35
CA MET B 314 20.16 -27.30 -19.35
C MET B 314 19.65 -27.63 -20.74
N TYR B 315 19.67 -26.68 -21.67
CA TYR B 315 19.16 -26.89 -23.03
C TYR B 315 20.20 -26.41 -24.03
N PRO B 316 21.34 -27.10 -24.11
CA PRO B 316 22.35 -26.73 -25.12
C PRO B 316 21.91 -27.19 -26.51
N GLY B 317 22.05 -26.31 -27.49
CA GLY B 317 21.63 -26.62 -28.84
C GLY B 317 21.07 -25.42 -29.56
N ASN B 318 19.83 -25.55 -30.05
CA ASN B 318 19.18 -24.46 -30.76
C ASN B 318 18.54 -23.53 -29.73
N VAL B 319 19.08 -22.30 -29.63
CA VAL B 319 18.63 -21.37 -28.60
C VAL B 319 17.20 -20.91 -28.86
N SER B 320 16.77 -20.86 -30.12
CA SER B 320 15.48 -20.28 -30.44
C SER B 320 14.32 -20.98 -29.73
N LYS B 321 14.51 -22.24 -29.32
CA LYS B 321 13.46 -22.96 -28.63
C LYS B 321 13.10 -22.32 -27.29
N LEU B 322 13.99 -21.50 -26.73
CA LEU B 322 13.78 -20.90 -25.41
C LEU B 322 13.23 -19.49 -25.49
N HIS B 323 12.95 -18.97 -26.68
CA HIS B 323 12.57 -17.57 -26.81
C HIS B 323 11.17 -17.31 -26.28
N GLY B 324 11.01 -16.17 -25.61
CA GLY B 324 9.71 -15.70 -25.18
C GLY B 324 9.52 -14.23 -25.56
N ARG B 325 8.31 -13.75 -25.31
CA ARG B 325 7.87 -12.47 -25.81
C ARG B 325 8.03 -11.38 -24.75
N ASP B 326 8.79 -10.34 -25.09
CA ASP B 326 8.84 -9.10 -24.32
C ASP B 326 8.29 -8.02 -25.24
N GLY B 327 7.03 -7.63 -25.01
CA GLY B 327 6.38 -6.71 -25.91
C GLY B 327 6.31 -7.29 -27.31
N ARG B 328 7.09 -6.73 -28.23
CA ARG B 328 7.14 -7.21 -29.60
C ARG B 328 8.40 -8.00 -29.93
N LYS B 329 9.31 -8.18 -28.97
CA LYS B 329 10.61 -8.76 -29.22
C LYS B 329 10.70 -10.18 -28.66
N ASN B 330 11.55 -10.99 -29.28
CA ASN B 330 11.83 -12.33 -28.79
C ASN B 330 13.17 -12.33 -28.05
N VAL B 331 13.16 -12.78 -26.80
CA VAL B 331 14.35 -12.74 -25.95
C VAL B 331 14.44 -14.03 -25.15
N VAL B 332 15.55 -14.19 -24.45
CA VAL B 332 15.77 -15.27 -23.49
C VAL B 332 15.66 -14.69 -22.09
N PRO B 333 14.76 -15.18 -21.25
CA PRO B 333 14.51 -14.50 -19.97
C PRO B 333 15.61 -14.70 -18.96
N CYS B 334 15.72 -13.73 -18.04
CA CYS B 334 16.42 -13.93 -16.80
C CYS B 334 15.54 -14.71 -15.83
N VAL B 335 16.20 -15.50 -14.97
CA VAL B 335 15.52 -16.37 -14.02
C VAL B 335 15.73 -15.79 -12.63
N LEU B 336 14.63 -15.52 -11.93
CA LEU B 336 14.65 -15.11 -10.54
C LEU B 336 14.14 -16.27 -9.70
N SER B 337 14.91 -16.63 -8.67
CA SER B 337 14.58 -17.76 -7.81
C SER B 337 14.32 -17.23 -6.41
N VAL B 338 13.12 -17.48 -5.88
CA VAL B 338 12.76 -17.17 -4.51
C VAL B 338 12.53 -18.49 -3.79
N ASN B 339 13.18 -18.66 -2.64
CA ASN B 339 13.09 -19.91 -1.90
C ASN B 339 13.03 -19.60 -0.42
N GLY B 340 11.95 -20.03 0.23
CA GLY B 340 11.78 -19.79 1.66
C GLY B 340 11.52 -21.06 2.41
N ASP B 341 11.94 -21.07 3.67
CA ASP B 341 11.84 -22.25 4.52
C ASP B 341 10.57 -22.16 5.37
N LEU B 342 9.69 -23.15 5.23
CA LEU B 342 8.43 -23.12 5.95
C LEU B 342 8.55 -23.63 7.38
N ASP B 343 9.42 -24.62 7.63
CA ASP B 343 9.64 -25.07 9.00
C ASP B 343 10.26 -23.96 9.84
N ARG B 344 11.30 -23.32 9.31
CA ARG B 344 11.93 -22.23 10.04
C ARG B 344 10.97 -21.04 10.19
N GLY B 345 10.13 -20.79 9.19
CA GLY B 345 9.12 -19.75 9.34
C GLY B 345 8.11 -20.07 10.42
N MET B 346 7.69 -21.34 10.51
CA MET B 346 6.78 -21.75 11.57
C MET B 346 7.41 -21.56 12.93
N LEU B 347 8.69 -21.96 13.08
CA LEU B 347 9.38 -21.75 14.34
C LEU B 347 9.50 -20.26 14.66
N ALA B 348 9.77 -19.44 13.63
CA ALA B 348 9.89 -18.00 13.84
C ALA B 348 8.57 -17.42 14.33
N TYR B 349 7.45 -17.84 13.74
CA TYR B 349 6.15 -17.34 14.20
C TYR B 349 5.82 -17.84 15.59
N LEU B 350 6.21 -19.08 15.92
CA LEU B 350 6.02 -19.57 17.28
C LEU B 350 6.77 -18.71 18.29
N TYR B 351 8.03 -18.37 17.98
CA TYR B 351 8.79 -17.50 18.88
C TYR B 351 8.19 -16.10 18.93
N ASP B 352 7.72 -15.59 17.79
CA ASP B 352 7.14 -14.25 17.75
C ASP B 352 5.89 -14.16 18.62
N SER B 353 5.03 -15.18 18.56
CA SER B 353 3.75 -15.12 19.25
C SER B 353 3.88 -15.16 20.77
N PHE B 354 5.03 -15.55 21.31
CA PHE B 354 5.18 -15.67 22.75
C PHE B 354 5.72 -14.40 23.41
N GLN B 355 6.23 -13.45 22.63
CA GLN B 355 6.63 -12.13 23.14
C GLN B 355 7.47 -12.26 24.41
N LEU B 356 8.65 -12.87 24.24
CA LEU B 356 9.55 -13.08 25.37
C LEU B 356 9.95 -11.77 26.02
N PHE B 361 8.35 -2.46 32.15
CA PHE B 361 6.93 -2.20 31.93
C PHE B 361 6.13 -2.92 33.00
N THR B 362 5.73 -2.19 34.04
CA THR B 362 5.17 -2.83 35.23
C THR B 362 3.87 -3.57 34.91
N ARG B 363 2.96 -2.95 34.18
CA ARG B 363 1.65 -3.56 33.98
C ARG B 363 1.75 -4.78 33.06
N LYS B 364 2.59 -4.71 32.02
CA LYS B 364 2.78 -5.87 31.17
C LYS B 364 3.42 -7.02 31.94
N LYS B 365 4.39 -6.71 32.79
CA LYS B 365 5.02 -7.74 33.61
C LYS B 365 4.00 -8.38 34.55
N ASN B 366 3.14 -7.57 35.17
CA ASN B 366 2.14 -8.10 36.09
C ASN B 366 1.04 -8.87 35.36
N LEU B 367 0.96 -8.78 34.04
CA LEU B 367 0.05 -9.61 33.25
C LEU B 367 0.80 -10.84 32.72
N HIS B 368 1.36 -11.60 33.66
CA HIS B 368 2.14 -12.78 33.32
C HIS B 368 1.20 -13.96 33.04
N ARG B 369 0.59 -13.91 31.86
CA ARG B 369 -0.29 -14.95 31.36
C ARG B 369 0.36 -15.60 30.15
N LYS B 370 0.45 -16.93 30.15
CA LYS B 370 1.07 -17.66 29.06
C LYS B 370 0.05 -17.90 27.96
N VAL B 371 0.40 -17.49 26.74
CA VAL B 371 -0.52 -17.59 25.61
C VAL B 371 0.29 -17.41 24.33
N LEU B 372 -0.17 -18.06 23.27
CA LEU B 372 0.46 -17.97 21.95
C LEU B 372 -0.48 -17.15 21.06
N LYS B 373 -0.20 -15.86 20.97
CA LYS B 373 -1.05 -14.93 20.20
C LYS B 373 -0.74 -15.04 18.70
N LEU B 374 -0.96 -16.24 18.17
CA LEU B 374 -0.80 -16.44 16.75
C LEU B 374 -1.89 -15.70 15.98
N HIS B 375 -1.60 -15.37 14.73
CA HIS B 375 -2.56 -14.65 13.91
C HIS B 375 -3.78 -15.54 13.67
N PRO B 376 -4.99 -14.96 13.61
CA PRO B 376 -6.18 -15.80 13.40
C PRO B 376 -6.12 -16.64 12.14
N CYS B 377 -5.48 -16.15 11.08
CA CYS B 377 -5.35 -16.93 9.86
C CYS B 377 -4.42 -18.12 10.02
N LEU B 378 -3.59 -18.14 11.06
CA LEU B 378 -2.62 -19.21 11.25
C LEU B 378 -2.88 -20.07 12.48
N ALA B 379 -3.73 -19.64 13.40
CA ALA B 379 -3.97 -20.41 14.61
C ALA B 379 -4.50 -21.80 14.25
N PRO B 380 -3.88 -22.88 14.75
CA PRO B 380 -4.32 -24.22 14.33
C PRO B 380 -5.76 -24.53 14.69
N ILE B 381 -6.26 -24.02 15.80
CA ILE B 381 -7.61 -24.29 16.27
C ILE B 381 -8.32 -22.96 16.50
N LYS B 382 -9.54 -22.83 15.98
CA LYS B 382 -10.28 -21.58 16.05
C LYS B 382 -11.17 -21.49 17.28
N VAL B 383 -12.02 -22.50 17.51
CA VAL B 383 -13.08 -22.42 18.52
C VAL B 383 -13.01 -23.66 19.41
N ALA B 384 -13.29 -23.46 20.69
CA ALA B 384 -13.41 -24.53 21.67
C ALA B 384 -14.85 -24.59 22.17
N LEU B 385 -15.43 -25.78 22.18
CA LEU B 385 -16.83 -25.98 22.52
C LEU B 385 -16.94 -26.89 23.74
N ASP B 386 -17.80 -26.51 24.68
CA ASP B 386 -17.97 -27.27 25.93
C ASP B 386 -19.37 -27.02 26.46
N VAL B 387 -19.65 -27.57 27.64
CA VAL B 387 -20.98 -27.52 28.25
C VAL B 387 -20.87 -27.16 29.73
N GLY B 388 -22.01 -26.79 30.31
CA GLY B 388 -22.14 -26.57 31.73
C GLY B 388 -22.71 -27.78 32.44
N ARG B 389 -23.44 -27.51 33.51
CA ARG B 389 -24.11 -28.55 34.29
C ARG B 389 -25.63 -28.43 34.15
N GLY B 390 -26.29 -29.57 33.97
CA GLY B 390 -27.72 -29.61 33.75
C GLY B 390 -28.13 -30.87 33.04
N PRO B 391 -29.24 -30.84 32.30
CA PRO B 391 -29.66 -32.03 31.54
C PRO B 391 -28.64 -32.39 30.47
N THR B 392 -27.98 -33.53 30.65
CA THR B 392 -26.83 -33.87 29.84
C THR B 392 -27.22 -34.15 28.39
N LEU B 393 -28.29 -34.92 28.18
CA LEU B 393 -28.61 -35.36 26.82
C LEU B 393 -28.95 -34.18 25.92
N GLU B 394 -29.77 -33.24 26.40
CA GLU B 394 -30.15 -32.10 25.57
C GLU B 394 -28.94 -31.21 25.26
N LEU B 395 -28.10 -30.97 26.27
CA LEU B 395 -26.90 -30.18 26.04
C LEU B 395 -25.99 -30.84 25.02
N ARG B 396 -25.83 -32.16 25.11
CA ARG B 396 -24.99 -32.86 24.16
C ARG B 396 -25.58 -32.82 22.76
N GLN B 397 -26.90 -32.91 22.65
CA GLN B 397 -27.54 -32.81 21.33
C GLN B 397 -27.29 -31.44 20.71
N VAL B 398 -27.49 -30.38 21.48
CA VAL B 398 -27.28 -29.03 20.93
C VAL B 398 -25.81 -28.83 20.58
N CYS B 399 -24.91 -29.34 21.42
CA CYS B 399 -23.49 -29.22 21.11
C CYS B 399 -23.12 -29.98 19.85
N GLN B 400 -23.68 -31.17 19.65
CA GLN B 400 -23.43 -31.92 18.42
C GLN B 400 -23.92 -31.13 17.21
N GLY B 401 -25.11 -30.55 17.30
CA GLY B 401 -25.61 -29.75 16.19
C GLY B 401 -24.70 -28.58 15.88
N LEU B 402 -24.28 -27.85 16.92
CA LEU B 402 -23.40 -26.71 16.72
C LEU B 402 -22.04 -27.14 16.16
N PHE B 403 -21.53 -28.27 16.64
CA PHE B 403 -20.25 -28.79 16.16
C PHE B 403 -20.33 -29.11 14.67
N ASN B 404 -21.38 -29.80 14.25
CA ASN B 404 -21.54 -30.12 12.85
C ASN B 404 -21.70 -28.86 12.01
N GLU B 405 -22.49 -27.89 12.50
CA GLU B 405 -22.68 -26.65 11.74
C GLU B 405 -21.37 -25.90 11.57
N LEU B 406 -20.59 -25.79 12.64
CA LEU B 406 -19.33 -25.06 12.57
C LEU B 406 -18.34 -25.78 11.65
N LEU B 407 -18.28 -27.11 11.71
CA LEU B 407 -17.35 -27.84 10.85
C LEU B 407 -17.76 -27.77 9.39
N GLU B 408 -19.06 -27.78 9.10
CA GLU B 408 -19.49 -27.84 7.71
C GLU B 408 -19.19 -26.58 6.92
N ASN B 409 -18.81 -25.49 7.58
CA ASN B 409 -18.50 -24.23 6.91
C ASN B 409 -17.03 -23.84 7.06
N GLY B 410 -16.16 -24.78 7.41
CA GLY B 410 -14.73 -24.56 7.36
C GLY B 410 -14.09 -24.03 8.62
N ILE B 411 -14.76 -24.12 9.77
CA ILE B 411 -14.21 -23.66 11.04
C ILE B 411 -13.82 -24.89 11.86
N SER B 412 -12.53 -25.03 12.14
CA SER B 412 -12.05 -26.13 12.97
C SER B 412 -12.39 -25.89 14.43
N VAL B 413 -12.80 -26.96 15.11
CA VAL B 413 -13.30 -26.87 16.48
C VAL B 413 -12.60 -27.90 17.35
N TRP B 414 -12.48 -27.58 18.63
CA TRP B 414 -11.98 -28.53 19.62
C TRP B 414 -13.16 -29.05 20.43
N PRO B 415 -13.54 -30.32 20.29
CA PRO B 415 -14.73 -30.81 21.02
C PRO B 415 -14.47 -31.04 22.51
N GLY B 416 -14.52 -29.96 23.28
CA GLY B 416 -14.36 -30.06 24.72
C GLY B 416 -15.57 -30.62 25.43
N TYR B 417 -16.74 -30.55 24.80
CA TYR B 417 -17.95 -31.11 25.40
C TYR B 417 -17.90 -32.63 25.49
N LEU B 418 -17.07 -33.28 24.68
CA LEU B 418 -16.94 -34.73 24.71
C LEU B 418 -15.99 -35.22 25.81
N GLU B 419 -15.36 -34.32 26.54
CA GLU B 419 -14.52 -34.67 27.67
C GLU B 419 -15.31 -34.50 28.97
N THR B 420 -15.15 -35.46 29.88
CA THR B 420 -15.80 -35.36 31.17
C THR B 420 -15.34 -34.10 31.90
N MET B 421 -16.02 -33.79 32.99
CA MET B 421 -15.64 -32.65 33.82
C MET B 421 -14.52 -33.06 34.77
N GLN B 422 -13.41 -32.34 34.70
CA GLN B 422 -12.31 -32.55 35.63
C GLN B 422 -11.70 -31.28 36.15
N SER B 423 -12.17 -30.10 35.72
CA SER B 423 -11.50 -28.86 36.07
C SER B 423 -12.48 -27.70 35.98
N SER B 424 -12.09 -26.59 36.60
CA SER B 424 -12.88 -25.37 36.57
C SER B 424 -12.58 -24.57 35.31
N LEU B 425 -13.25 -23.43 35.17
CA LEU B 425 -13.09 -22.61 33.97
C LEU B 425 -11.69 -22.03 33.87
N GLU B 426 -11.03 -21.78 35.00
CA GLU B 426 -9.68 -21.21 34.97
C GLU B 426 -8.72 -22.14 34.24
N GLN B 427 -8.76 -23.43 34.56
CA GLN B 427 -7.87 -24.39 33.92
C GLN B 427 -8.16 -24.52 32.43
N LEU B 428 -9.44 -24.53 32.06
CA LEU B 428 -9.79 -24.58 30.64
C LEU B 428 -9.27 -23.35 29.91
N TYR B 429 -9.41 -22.18 30.52
CA TYR B 429 -8.91 -20.96 29.89
C TYR B 429 -7.40 -21.05 29.71
N SER B 430 -6.68 -21.50 30.73
CA SER B 430 -5.23 -21.61 30.63
C SER B 430 -4.84 -22.56 29.50
N LYS B 431 -5.48 -23.74 29.46
CA LYS B 431 -5.15 -24.73 28.46
C LYS B 431 -5.43 -24.20 27.05
N TYR B 432 -6.56 -23.52 26.87
CA TYR B 432 -6.90 -23.02 25.54
C TYR B 432 -6.02 -21.84 25.13
N ASP B 433 -5.58 -21.02 26.09
CA ASP B 433 -4.64 -19.95 25.78
C ASP B 433 -3.29 -20.53 25.35
N GLU B 434 -2.83 -21.57 26.03
CA GLU B 434 -1.58 -22.20 25.62
C GLU B 434 -1.72 -22.84 24.23
N MET B 435 -2.93 -23.28 23.87
CA MET B 435 -3.17 -23.86 22.56
C MET B 435 -3.48 -22.82 21.49
N SER B 436 -3.64 -21.55 21.88
CA SER B 436 -3.92 -20.46 20.93
C SER B 436 -5.22 -20.71 20.18
N ILE B 437 -6.31 -20.82 20.95
CA ILE B 437 -7.65 -20.94 20.39
C ILE B 437 -8.33 -19.58 20.48
N LEU B 438 -8.91 -19.15 19.36
CA LEU B 438 -9.42 -17.77 19.29
C LEU B 438 -10.58 -17.55 20.26
N PHE B 439 -11.54 -18.46 20.30
CA PHE B 439 -12.75 -18.26 21.10
C PHE B 439 -13.12 -19.54 21.84
N THR B 440 -13.73 -19.35 23.01
CA THR B 440 -14.27 -20.43 23.81
C THR B 440 -15.77 -20.24 23.91
N VAL B 441 -16.52 -21.28 23.52
CA VAL B 441 -17.99 -21.26 23.52
C VAL B 441 -18.49 -22.10 24.69
N LEU B 442 -19.47 -21.57 25.42
CA LEU B 442 -20.04 -22.27 26.57
C LEU B 442 -21.56 -22.28 26.45
N VAL B 443 -22.14 -23.47 26.60
CA VAL B 443 -23.57 -23.70 26.56
C VAL B 443 -24.04 -24.10 27.96
N THR B 444 -25.30 -23.77 28.27
CA THR B 444 -25.87 -24.07 29.58
C THR B 444 -27.37 -24.31 29.41
N GLU B 445 -28.06 -24.48 30.55
CA GLU B 445 -29.51 -24.62 30.52
C GLU B 445 -30.16 -23.38 29.94
N THR B 446 -29.68 -22.20 30.33
CA THR B 446 -30.25 -20.96 29.83
C THR B 446 -30.13 -20.88 28.31
N THR B 447 -29.15 -21.54 27.73
CA THR B 447 -29.07 -21.63 26.27
C THR B 447 -30.27 -22.36 25.70
N LEU B 448 -30.66 -23.48 26.34
CA LEU B 448 -31.89 -24.15 25.92
C LEU B 448 -33.10 -23.25 26.13
N GLU B 449 -33.12 -22.50 27.22
CA GLU B 449 -34.26 -21.64 27.53
C GLU B 449 -34.44 -20.56 26.47
N ASN B 450 -33.36 -19.83 26.13
CA ASN B 450 -33.45 -18.68 25.24
C ASN B 450 -32.49 -18.71 24.06
N GLY B 451 -31.57 -19.68 23.99
CA GLY B 451 -30.66 -19.74 22.88
C GLY B 451 -29.47 -18.81 22.95
N LEU B 452 -29.06 -18.42 24.15
CA LEU B 452 -27.91 -17.54 24.35
C LEU B 452 -26.74 -18.35 24.90
N ILE B 453 -25.55 -18.13 24.33
CA ILE B 453 -24.33 -18.82 24.71
C ILE B 453 -23.32 -17.79 25.21
N HIS B 454 -22.39 -18.27 26.03
CA HIS B 454 -21.29 -17.45 26.51
C HIS B 454 -20.09 -17.61 25.59
N LEU B 455 -19.39 -16.51 25.34
CA LEU B 455 -18.24 -16.52 24.45
C LEU B 455 -17.09 -15.77 25.10
N ARG B 456 -15.91 -16.39 25.14
CA ARG B 456 -14.70 -15.76 25.66
C ARG B 456 -13.69 -15.63 24.53
N SER B 457 -13.08 -14.45 24.43
CA SER B 457 -12.12 -14.16 23.38
C SER B 457 -10.70 -14.25 23.91
N ARG B 458 -9.81 -14.84 23.10
CA ARG B 458 -8.42 -15.01 23.51
C ARG B 458 -7.74 -13.66 23.71
N ASP B 459 -7.97 -12.72 22.80
CA ASP B 459 -7.21 -11.47 22.83
C ASP B 459 -7.47 -10.68 24.11
N THR B 460 -8.72 -10.56 24.53
CA THR B 460 -9.08 -9.74 25.67
C THR B 460 -9.47 -10.55 26.91
N THR B 461 -9.95 -11.77 26.74
CA THR B 461 -10.44 -12.63 27.82
C THR B 461 -11.81 -12.19 28.35
N MET B 462 -12.43 -11.19 27.74
CA MET B 462 -13.72 -10.71 28.18
C MET B 462 -14.82 -11.66 27.75
N LYS B 463 -15.90 -11.69 28.53
CA LYS B 463 -17.03 -12.57 28.30
C LYS B 463 -18.16 -11.80 27.62
N GLU B 464 -18.81 -12.45 26.66
CA GLU B 464 -19.93 -11.87 25.93
C GLU B 464 -21.06 -12.89 25.86
N MET B 465 -22.27 -12.37 25.68
CA MET B 465 -23.45 -13.19 25.44
C MET B 465 -23.87 -13.05 23.99
N MET B 466 -24.16 -14.17 23.34
CA MET B 466 -24.50 -14.11 21.92
C MET B 466 -25.52 -15.19 21.58
N HIS B 467 -26.41 -14.86 20.65
CA HIS B 467 -27.41 -15.81 20.19
C HIS B 467 -26.82 -16.76 19.17
N ILE B 468 -27.18 -18.04 19.28
CA ILE B 468 -26.58 -19.07 18.43
C ILE B 468 -26.86 -18.80 16.96
N SER B 469 -28.06 -18.31 16.66
CA SER B 469 -28.46 -18.11 15.26
C SER B 469 -27.45 -17.31 14.47
N LYS B 470 -26.59 -16.53 15.13
CA LYS B 470 -25.62 -15.68 14.45
C LYS B 470 -24.20 -16.22 14.45
N LEU B 471 -23.90 -17.18 15.34
CA LEU B 471 -22.51 -17.55 15.58
C LEU B 471 -21.79 -17.89 14.28
N LYS B 472 -22.37 -18.79 13.48
CA LYS B 472 -21.70 -19.23 12.26
C LYS B 472 -21.27 -18.05 11.40
N ASP B 473 -22.13 -17.03 11.30
CA ASP B 473 -21.77 -15.85 10.52
C ASP B 473 -20.63 -15.08 11.18
N PHE B 474 -20.78 -14.79 12.48
CA PHE B 474 -19.81 -13.92 13.16
C PHE B 474 -18.40 -14.46 12.98
N LEU B 475 -18.20 -15.74 13.30
CA LEU B 475 -16.88 -16.35 13.14
C LEU B 475 -16.40 -16.21 11.70
N ILE B 476 -17.27 -16.55 10.74
CA ILE B 476 -16.87 -16.45 9.34
C ILE B 476 -16.47 -15.02 9.01
N LYS B 477 -17.10 -14.04 9.65
CA LYS B 477 -16.67 -12.66 9.49
C LYS B 477 -15.30 -12.44 10.12
N TYR B 478 -15.14 -12.86 11.37
CA TYR B 478 -13.94 -12.50 12.12
C TYR B 478 -12.67 -12.96 11.42
N ILE B 479 -12.67 -14.19 10.93
CA ILE B 479 -11.51 -14.69 10.17
C ILE B 479 -11.40 -13.94 8.85
N SER B 480 -12.53 -13.79 8.14
CA SER B 480 -12.47 -13.22 6.80
C SER B 480 -11.94 -11.80 6.81
N SER B 481 -12.33 -11.01 7.80
CA SER B 481 -11.82 -9.65 7.92
C SER B 481 -10.41 -9.59 8.48
N ALA B 482 -9.94 -10.67 9.15
CA ALA B 482 -8.61 -10.65 9.70
C ALA B 482 -7.55 -10.49 8.61
N LYS B 483 -7.86 -10.93 7.39
CA LYS B 483 -6.91 -10.79 6.30
C LYS B 483 -6.70 -9.33 5.92
N ASN B 484 -7.68 -8.48 6.21
CA ASN B 484 -7.68 -7.09 5.74
C ASN B 484 -7.43 -6.09 6.87
N VAL B 485 -6.85 -6.53 7.97
CA VAL B 485 -6.58 -5.63 9.09
C VAL B 485 -5.61 -4.54 8.67
N GLU C 67 -3.75 -44.71 -25.97
CA GLU C 67 -5.16 -44.39 -26.13
C GLU C 67 -5.35 -42.89 -26.24
N ALA C 68 -6.48 -42.47 -26.80
CA ALA C 68 -6.73 -41.05 -27.01
C ALA C 68 -6.76 -40.28 -25.70
N LEU C 69 -7.21 -40.92 -24.62
CA LEU C 69 -7.33 -40.23 -23.35
C LEU C 69 -5.97 -39.74 -22.86
N LEU C 70 -4.94 -40.57 -22.97
CA LEU C 70 -3.61 -40.16 -22.52
C LEU C 70 -3.07 -39.03 -23.39
N GLU C 71 -3.34 -39.07 -24.70
CA GLU C 71 -2.91 -37.97 -25.56
C GLU C 71 -3.58 -36.67 -25.17
N ILE C 72 -4.89 -36.71 -24.88
CA ILE C 72 -5.58 -35.51 -24.42
C ILE C 72 -4.98 -35.01 -23.11
N CYS C 73 -4.71 -35.93 -22.18
CA CYS C 73 -4.12 -35.54 -20.91
C CYS C 73 -2.77 -34.87 -21.10
N GLN C 74 -1.95 -35.40 -22.02
CA GLN C 74 -0.66 -34.79 -22.30
C GLN C 74 -0.83 -33.41 -22.91
N ARG C 75 -1.76 -33.26 -23.86
CA ARG C 75 -1.92 -31.99 -24.55
C ARG C 75 -2.45 -30.89 -23.63
N ARG C 76 -3.31 -31.24 -22.68
CA ARG C 76 -3.95 -30.25 -21.82
C ARG C 76 -3.26 -30.11 -20.47
N HIS C 77 -2.05 -30.66 -20.31
CA HIS C 77 -1.21 -30.43 -19.14
C HIS C 77 -1.75 -31.13 -17.89
N PHE C 78 -2.35 -32.30 -18.05
CA PHE C 78 -2.64 -33.17 -16.92
C PHE C 78 -1.46 -34.05 -16.57
N LEU C 79 -0.78 -34.57 -17.59
CA LEU C 79 0.41 -35.41 -17.42
C LEU C 79 1.60 -34.68 -18.01
N SER C 80 2.68 -34.58 -17.24
CA SER C 80 3.87 -33.88 -17.69
C SER C 80 4.76 -34.82 -18.51
N GLY C 81 5.87 -34.27 -19.00
CA GLY C 81 6.81 -35.02 -19.79
C GLY C 81 6.44 -35.07 -21.26
N SER C 82 7.32 -35.66 -22.06
CA SER C 82 7.09 -35.81 -23.48
C SER C 82 6.25 -37.06 -23.75
N LYS C 83 5.94 -37.30 -25.02
CA LYS C 83 5.08 -38.42 -25.38
C LYS C 83 5.73 -39.76 -25.02
N GLN C 84 7.04 -39.90 -25.29
CA GLN C 84 7.68 -41.20 -25.09
C GLN C 84 7.80 -41.57 -23.62
N GLN C 85 7.69 -40.60 -22.71
CA GLN C 85 7.88 -40.88 -21.29
C GLN C 85 6.61 -41.35 -20.59
N LEU C 86 5.49 -41.46 -21.31
CA LEU C 86 4.22 -41.84 -20.73
C LEU C 86 3.81 -43.23 -21.22
N SER C 87 3.43 -44.09 -20.29
CA SER C 87 2.93 -45.42 -20.63
C SER C 87 2.10 -45.93 -19.46
N ARG C 88 1.30 -46.96 -19.74
CA ARG C 88 0.44 -47.53 -18.70
C ARG C 88 1.28 -48.03 -17.52
N ASP C 89 2.33 -48.80 -17.81
CA ASP C 89 3.14 -49.35 -16.73
C ASP C 89 3.81 -48.27 -15.92
N SER C 90 4.35 -47.25 -16.59
CA SER C 90 5.03 -46.17 -15.88
C SER C 90 4.06 -45.43 -14.96
N LEU C 91 2.85 -45.15 -15.44
CA LEU C 91 1.87 -44.45 -14.60
C LEU C 91 1.43 -45.31 -13.43
N LEU C 92 1.20 -46.60 -13.66
CA LEU C 92 0.78 -47.48 -12.58
C LEU C 92 1.87 -47.62 -11.53
N SER C 93 3.13 -47.73 -11.95
CA SER C 93 4.22 -47.96 -11.01
C SER C 93 4.57 -46.71 -10.22
N GLY C 94 4.43 -45.53 -10.83
CA GLY C 94 4.84 -44.30 -10.20
C GLY C 94 6.24 -43.84 -10.56
N CYS C 95 6.78 -44.27 -11.68
CA CYS C 95 8.10 -43.88 -12.16
C CYS C 95 7.99 -43.12 -13.47
N HIS C 96 7.04 -42.21 -13.55
CA HIS C 96 6.79 -41.35 -14.69
C HIS C 96 7.30 -39.94 -14.42
N PRO C 97 7.41 -39.10 -15.46
CA PRO C 97 7.98 -37.76 -15.25
C PRO C 97 7.24 -36.95 -14.20
N GLY C 98 5.92 -37.04 -14.14
CA GLY C 98 5.14 -36.30 -13.18
C GLY C 98 3.83 -35.84 -13.78
N PHE C 99 3.18 -34.91 -13.10
CA PHE C 99 1.89 -34.37 -13.50
C PHE C 99 2.01 -32.90 -13.86
N GLY C 100 1.18 -32.46 -14.79
CA GLY C 100 1.07 -31.05 -15.10
C GLY C 100 0.27 -30.31 -14.07
N PRO C 101 0.19 -28.99 -14.23
CA PRO C 101 -0.54 -28.17 -13.23
C PRO C 101 -1.99 -28.59 -13.05
N LEU C 102 -2.67 -28.95 -14.13
CA LEU C 102 -4.05 -29.44 -14.00
C LEU C 102 -4.09 -30.73 -13.20
N GLY C 103 -3.16 -31.65 -13.45
CA GLY C 103 -3.08 -32.86 -12.65
C GLY C 103 -2.78 -32.56 -11.20
N VAL C 104 -1.91 -31.59 -10.95
CA VAL C 104 -1.59 -31.22 -9.57
C VAL C 104 -2.83 -30.71 -8.86
N GLU C 105 -3.60 -29.85 -9.52
CA GLU C 105 -4.82 -29.33 -8.91
C GLU C 105 -5.85 -30.45 -8.70
N LEU C 106 -5.97 -31.37 -9.65
CA LEU C 106 -6.90 -32.47 -9.47
C LEU C 106 -6.51 -33.34 -8.27
N ARG C 107 -5.21 -33.63 -8.15
CA ARG C 107 -4.74 -34.42 -7.01
C ARG C 107 -4.99 -33.68 -5.71
N LYS C 108 -4.77 -32.37 -5.69
CA LYS C 108 -5.00 -31.59 -4.48
C LYS C 108 -6.48 -31.60 -4.09
N ASN C 109 -7.37 -31.47 -5.08
CA ASN C 109 -8.80 -31.54 -4.78
C ASN C 109 -9.19 -32.90 -4.24
N LEU C 110 -8.66 -33.97 -4.84
CA LEU C 110 -8.95 -35.31 -4.33
C LEU C 110 -8.47 -35.47 -2.89
N ALA C 111 -7.27 -34.97 -2.60
CA ALA C 111 -6.73 -35.05 -1.25
C ALA C 111 -7.59 -34.28 -0.26
N ALA C 112 -8.06 -33.08 -0.66
CA ALA C 112 -8.91 -32.30 0.23
C ALA C 112 -10.23 -33.01 0.50
N GLU C 113 -10.82 -33.61 -0.54
CA GLU C 113 -12.06 -34.36 -0.33
C GLU C 113 -11.84 -35.53 0.62
N TRP C 114 -10.74 -36.27 0.43
CA TRP C 114 -10.46 -37.39 1.32
C TRP C 114 -10.28 -36.89 2.76
N TRP C 115 -9.54 -35.79 2.93
CA TRP C 115 -9.29 -35.27 4.26
C TRP C 115 -10.58 -34.84 4.95
N THR C 116 -11.46 -34.16 4.22
CA THR C 116 -12.69 -33.69 4.84
C THR C 116 -13.65 -34.84 5.11
N SER C 117 -13.60 -35.91 4.30
CA SER C 117 -14.47 -37.05 4.54
C SER C 117 -13.99 -37.89 5.73
N VAL C 118 -12.68 -38.00 5.92
CA VAL C 118 -12.11 -38.93 6.88
C VAL C 118 -11.83 -38.26 8.22
N VAL C 119 -11.28 -37.05 8.21
CA VAL C 119 -10.68 -36.45 9.39
C VAL C 119 -11.54 -35.35 9.99
N VAL C 120 -12.11 -34.48 9.15
CA VAL C 120 -12.69 -33.24 9.65
C VAL C 120 -13.84 -33.53 10.63
N PHE C 121 -14.73 -34.44 10.25
CA PHE C 121 -15.97 -34.65 11.00
C PHE C 121 -15.86 -35.75 12.05
N ARG C 122 -14.67 -35.96 12.61
CA ARG C 122 -14.50 -36.97 13.65
C ARG C 122 -13.60 -36.43 14.74
N GLU C 123 -14.02 -36.62 16.00
CA GLU C 123 -13.28 -36.06 17.13
C GLU C 123 -12.04 -36.87 17.47
N GLN C 124 -11.93 -38.11 17.00
CA GLN C 124 -10.87 -39.01 17.42
C GLN C 124 -9.93 -39.39 16.28
N VAL C 125 -9.85 -38.56 15.24
CA VAL C 125 -8.88 -38.72 14.16
C VAL C 125 -8.02 -37.46 14.12
N PHE C 126 -6.71 -37.64 14.16
CA PHE C 126 -5.77 -36.53 14.22
C PHE C 126 -4.70 -36.68 13.13
N PRO C 127 -4.12 -35.57 12.69
CA PRO C 127 -3.02 -35.67 11.73
C PRO C 127 -1.73 -36.11 12.40
N VAL C 128 -0.84 -36.70 11.59
CA VAL C 128 0.45 -37.18 12.07
C VAL C 128 1.52 -36.74 11.06
N ASP C 129 2.77 -36.71 11.53
CA ASP C 129 3.88 -36.05 10.83
C ASP C 129 5.07 -37.01 10.68
N ALA C 130 4.82 -38.21 10.18
CA ALA C 130 5.90 -39.16 9.96
C ALA C 130 6.89 -38.63 8.93
N LEU C 131 8.16 -38.98 9.11
CA LEU C 131 9.24 -38.54 8.23
C LEU C 131 9.42 -39.49 7.05
N HIS C 132 10.18 -39.04 6.07
CA HIS C 132 10.37 -39.82 4.84
C HIS C 132 11.43 -40.90 4.98
N HIS C 133 12.23 -40.89 6.03
CA HIS C 133 13.30 -41.86 6.20
C HIS C 133 13.45 -42.20 7.67
N LYS C 134 14.05 -43.36 7.93
CA LYS C 134 14.36 -43.80 9.28
C LYS C 134 15.86 -44.03 9.43
N PRO C 135 16.56 -43.31 10.31
CA PRO C 135 18.00 -43.51 10.45
C PRO C 135 18.33 -44.65 11.41
N GLY C 136 19.62 -44.81 11.72
CA GLY C 136 20.06 -45.73 12.73
C GLY C 136 20.22 -47.14 12.21
N PRO C 137 20.61 -48.07 13.07
CA PRO C 137 20.76 -49.46 12.65
C PRO C 137 19.43 -50.01 12.14
N LEU C 138 19.52 -50.84 11.11
CA LEU C 138 18.35 -51.35 10.40
C LEU C 138 18.38 -52.88 10.41
N LEU C 139 17.27 -53.46 9.98
CA LEU C 139 17.17 -54.91 9.94
C LEU C 139 18.21 -55.47 8.96
N PRO C 140 18.92 -56.53 9.32
CA PRO C 140 19.89 -57.11 8.38
C PRO C 140 19.19 -57.75 7.18
N GLY C 141 19.83 -57.67 6.02
CA GLY C 141 19.23 -58.21 4.82
C GLY C 141 17.93 -57.50 4.48
N ASP C 142 16.93 -58.30 4.08
CA ASP C 142 15.62 -57.77 3.75
C ASP C 142 15.69 -56.85 2.53
N SER C 143 14.54 -56.55 1.93
CA SER C 143 14.48 -55.79 0.68
C SER C 143 13.95 -54.38 0.95
N ALA C 144 14.72 -53.39 0.54
CA ALA C 144 14.33 -51.98 0.62
C ALA C 144 15.44 -51.14 0.03
N PHE C 145 15.18 -49.84 -0.10
CA PHE C 145 16.16 -48.89 -0.63
C PHE C 145 17.01 -48.35 0.51
N ARG C 146 18.32 -48.55 0.42
CA ARG C 146 19.26 -48.05 1.40
C ARG C 146 19.95 -46.79 0.89
N LEU C 147 20.43 -45.97 1.82
CA LEU C 147 21.17 -44.75 1.49
C LEU C 147 22.65 -44.98 1.76
N VAL C 148 23.48 -44.62 0.80
CA VAL C 148 24.92 -44.81 0.89
C VAL C 148 25.59 -43.45 1.00
N SER C 149 26.76 -43.44 1.62
CA SER C 149 27.53 -42.22 1.86
C SER C 149 28.72 -42.17 0.90
N ALA C 150 28.86 -41.04 0.20
CA ALA C 150 29.99 -40.87 -0.69
C ALA C 150 31.28 -40.61 0.08
N GLU C 151 31.18 -40.02 1.27
CA GLU C 151 32.36 -39.83 2.12
C GLU C 151 32.95 -41.17 2.55
N THR C 152 32.09 -42.13 2.91
CA THR C 152 32.55 -43.42 3.38
C THR C 152 33.18 -44.26 2.27
N LEU C 153 33.09 -43.82 1.02
CA LEU C 153 33.77 -44.47 -0.09
C LEU C 153 34.86 -43.56 -0.63
N ARG C 154 34.68 -42.25 -0.47
CA ARG C 154 35.73 -41.31 -0.85
C ARG C 154 36.95 -41.43 0.06
N GLU C 155 36.74 -41.86 1.30
CA GLU C 155 37.87 -41.99 2.24
C GLU C 155 38.90 -42.99 1.76
N ILE C 156 38.53 -43.89 0.84
CA ILE C 156 39.46 -44.92 0.37
C ILE C 156 40.34 -44.42 -0.78
N LEU C 157 40.09 -43.22 -1.31
CA LEU C 157 40.77 -42.75 -2.50
C LEU C 157 42.24 -42.38 -2.26
N GLN C 158 42.70 -42.33 -1.01
CA GLN C 158 44.03 -41.83 -0.70
C GLN C 158 44.92 -42.81 0.03
N ASP C 159 44.36 -43.74 0.81
CA ASP C 159 45.16 -44.73 1.53
C ASP C 159 44.30 -45.99 1.66
N LYS C 160 44.54 -46.96 0.78
CA LYS C 160 43.68 -48.14 0.72
C LYS C 160 43.78 -48.94 2.01
N GLU C 161 42.65 -49.46 2.46
CA GLU C 161 42.58 -50.25 3.70
C GLU C 161 42.78 -51.74 3.42
N LEU C 162 43.83 -52.04 2.66
CA LEU C 162 44.27 -53.41 2.38
C LEU C 162 43.33 -54.14 1.42
N SER C 163 42.19 -53.52 1.07
CA SER C 163 41.29 -54.08 0.08
C SER C 163 41.11 -55.58 0.24
N LYS C 164 41.09 -56.32 -0.88
CA LYS C 164 41.13 -57.78 -0.86
C LYS C 164 39.86 -58.39 -0.26
N GLU C 165 39.88 -58.68 1.04
CA GLU C 165 38.86 -59.50 1.68
C GLU C 165 37.79 -58.70 2.40
N GLN C 166 37.79 -57.38 2.26
CA GLN C 166 36.87 -56.52 3.00
C GLN C 166 35.63 -56.13 2.19
N LEU C 167 35.47 -56.64 0.98
CA LEU C 167 34.32 -56.26 0.16
C LEU C 167 33.02 -56.83 0.73
N VAL C 168 33.00 -58.11 1.06
CA VAL C 168 31.79 -58.72 1.61
C VAL C 168 31.48 -58.11 2.96
N ALA C 169 32.51 -57.90 3.79
CA ALA C 169 32.30 -57.27 5.09
C ALA C 169 31.75 -55.87 4.93
N PHE C 170 32.24 -55.12 3.94
CA PHE C 170 31.73 -53.76 3.71
C PHE C 170 30.28 -53.79 3.25
N LEU C 171 29.92 -54.71 2.35
CA LEU C 171 28.54 -54.80 1.89
C LEU C 171 27.62 -55.24 3.02
N GLU C 172 28.13 -55.99 4.00
CA GLU C 172 27.33 -56.31 5.17
C GLU C 172 27.20 -55.10 6.09
N ASN C 173 28.27 -54.33 6.25
CA ASN C 173 28.18 -53.08 7.00
C ASN C 173 27.17 -52.14 6.38
N VAL C 174 27.01 -52.19 5.06
CA VAL C 174 26.00 -51.38 4.39
C VAL C 174 24.62 -51.63 5.00
N LEU C 175 24.25 -52.90 5.13
CA LEU C 175 22.98 -53.23 5.77
C LEU C 175 23.01 -52.90 7.25
N LYS C 176 24.16 -53.05 7.90
CA LYS C 176 24.23 -52.79 9.33
C LYS C 176 23.92 -51.34 9.67
N THR C 177 24.45 -50.39 8.88
CA THR C 177 24.48 -48.99 9.28
C THR C 177 23.67 -48.06 8.38
N SER C 178 23.31 -48.47 7.18
CA SER C 178 22.69 -47.55 6.23
C SER C 178 21.27 -47.18 6.66
N GLY C 179 20.82 -46.01 6.18
CA GLY C 179 19.46 -45.58 6.37
C GLY C 179 18.57 -45.98 5.21
N LYS C 180 17.26 -45.90 5.42
CA LYS C 180 16.28 -46.39 4.48
C LYS C 180 15.21 -45.34 4.22
N LEU C 181 14.68 -45.35 2.99
CA LEU C 181 13.56 -44.49 2.64
C LEU C 181 12.25 -45.10 3.11
N ARG C 182 11.30 -44.22 3.45
CA ARG C 182 9.99 -44.66 3.91
C ARG C 182 9.31 -45.52 2.85
N GLU C 183 8.80 -46.68 3.27
CA GLU C 183 8.09 -47.59 2.40
C GLU C 183 6.58 -47.47 2.50
N ASN C 184 6.08 -47.12 3.68
CA ASN C 184 4.65 -46.92 3.91
C ASN C 184 4.50 -45.96 5.07
N LEU C 185 3.24 -45.62 5.39
CA LEU C 185 2.93 -44.68 6.45
C LEU C 185 2.53 -45.38 7.75
N LEU C 186 2.43 -46.70 7.75
CA LEU C 186 1.98 -47.41 8.96
C LEU C 186 3.00 -47.28 10.08
N HIS C 187 4.28 -47.56 9.78
CA HIS C 187 5.30 -47.56 10.82
C HIS C 187 5.48 -46.17 11.42
N GLY C 188 5.43 -45.14 10.58
CA GLY C 188 5.53 -43.78 11.11
C GLY C 188 4.44 -43.48 12.11
N ALA C 189 3.22 -43.94 11.84
CA ALA C 189 2.12 -43.73 12.78
C ALA C 189 2.29 -44.57 14.05
N LEU C 190 2.74 -45.81 13.90
CA LEU C 190 2.94 -46.65 15.08
C LEU C 190 3.94 -46.03 16.04
N GLU C 191 4.95 -45.35 15.51
CA GLU C 191 5.96 -44.70 16.34
C GLU C 191 5.40 -43.53 17.13
N HIS C 192 4.19 -43.07 16.81
CA HIS C 192 3.54 -41.99 17.56
C HIS C 192 2.40 -42.47 18.44
N TYR C 193 2.09 -43.76 18.45
CA TYR C 193 0.92 -44.26 19.17
C TYR C 193 0.97 -43.93 20.65
N VAL C 194 2.10 -44.22 21.29
CA VAL C 194 2.19 -44.06 22.74
C VAL C 194 1.98 -42.60 23.13
N ASN C 195 2.65 -41.69 22.43
CA ASN C 195 2.55 -40.28 22.77
C ASN C 195 1.24 -39.65 22.29
N CYS C 196 0.65 -40.17 21.22
CA CYS C 196 -0.65 -39.68 20.76
C CYS C 196 -1.81 -40.21 21.58
N LEU C 197 -1.56 -41.23 22.42
CA LEU C 197 -2.59 -41.72 23.33
C LEU C 197 -2.90 -40.70 24.42
N ASP C 198 -1.96 -39.81 24.72
CA ASP C 198 -2.20 -38.78 25.72
C ASP C 198 -3.32 -37.84 25.30
N LEU C 199 -3.38 -37.49 24.02
CA LEU C 199 -4.33 -36.48 23.56
C LEU C 199 -5.76 -36.92 23.80
N VAL C 200 -6.04 -38.21 23.82
CA VAL C 200 -7.39 -38.74 23.99
C VAL C 200 -7.64 -39.21 25.42
N ASN C 201 -6.73 -38.92 26.35
CA ASN C 201 -6.85 -39.37 27.74
C ASN C 201 -6.98 -40.89 27.82
N LYS C 202 -6.29 -41.59 26.92
CA LYS C 202 -6.25 -43.05 26.85
C LYS C 202 -7.58 -43.68 26.43
N ARG C 203 -8.54 -42.88 25.94
CA ARG C 203 -9.71 -43.48 25.32
C ARG C 203 -9.26 -44.28 24.12
N LEU C 204 -9.34 -45.61 24.21
CA LEU C 204 -8.63 -46.46 23.27
C LEU C 204 -9.04 -46.24 21.83
N PRO C 205 -10.33 -46.23 21.47
CA PRO C 205 -10.68 -46.06 20.05
C PRO C 205 -10.27 -44.71 19.50
N TYR C 206 -9.30 -44.67 18.60
CA TYR C 206 -8.93 -43.41 17.95
C TYR C 206 -7.99 -43.69 16.80
N GLY C 207 -7.84 -42.70 15.91
CA GLY C 207 -7.12 -42.88 14.68
C GLY C 207 -6.11 -41.79 14.41
N LEU C 208 -5.17 -42.12 13.53
CA LEU C 208 -4.17 -41.18 13.01
C LEU C 208 -4.18 -41.25 11.49
N ALA C 209 -4.25 -40.08 10.85
CA ALA C 209 -4.36 -39.98 9.41
C ALA C 209 -3.21 -39.18 8.84
N GLN C 210 -2.75 -39.56 7.64
CA GLN C 210 -1.67 -38.86 6.97
C GLN C 210 -1.81 -39.01 5.47
N ILE C 211 -1.26 -38.04 4.74
CA ILE C 211 -1.14 -38.09 3.29
C ILE C 211 0.31 -37.76 2.94
N GLY C 212 0.95 -38.62 2.16
CA GLY C 212 2.36 -38.40 1.87
C GLY C 212 2.86 -39.34 0.80
N VAL C 213 4.09 -39.10 0.38
CA VAL C 213 4.72 -39.85 -0.70
C VAL C 213 5.52 -41.01 -0.11
N CYS C 214 5.48 -42.14 -0.81
CA CYS C 214 6.22 -43.34 -0.43
C CYS C 214 6.98 -43.85 -1.64
N PHE C 215 8.08 -44.55 -1.37
CA PHE C 215 9.00 -45.01 -2.40
C PHE C 215 8.97 -46.53 -2.48
N HIS C 216 8.95 -47.03 -3.72
CA HIS C 216 8.82 -48.46 -3.96
C HIS C 216 9.85 -48.89 -5.00
N PRO C 217 10.61 -49.96 -4.75
CA PRO C 217 11.44 -50.54 -5.82
C PRO C 217 10.57 -51.12 -6.91
N VAL C 218 11.03 -50.96 -8.15
CA VAL C 218 10.34 -51.49 -9.32
C VAL C 218 11.37 -52.13 -10.25
N PHE C 219 11.08 -53.33 -10.72
CA PHE C 219 11.99 -54.06 -11.60
C PHE C 219 11.60 -53.87 -13.06
N VAL C 228 18.50 -53.11 -13.75
CA VAL C 228 18.73 -52.07 -12.75
C VAL C 228 17.41 -51.61 -12.13
N LYS C 229 17.26 -51.85 -10.83
CA LYS C 229 16.04 -51.47 -10.14
C LYS C 229 15.83 -49.96 -10.22
N SER C 230 14.59 -49.56 -10.43
CA SER C 230 14.19 -48.15 -10.42
C SER C 230 13.33 -47.87 -9.20
N ILE C 231 13.09 -46.58 -8.96
CA ILE C 231 12.39 -46.10 -7.78
C ILE C 231 11.13 -45.39 -8.23
N GLY C 232 9.98 -45.83 -7.70
CA GLY C 232 8.69 -45.22 -8.00
C GLY C 232 8.15 -44.49 -6.79
N GLU C 233 7.54 -43.34 -7.02
CA GLU C 233 6.97 -42.51 -5.96
C GLU C 233 5.45 -42.54 -6.07
N LYS C 234 4.78 -42.79 -4.94
CA LYS C 234 3.33 -42.87 -4.89
C LYS C 234 2.81 -42.01 -3.76
N THR C 235 1.85 -41.14 -4.06
CA THR C 235 1.16 -40.35 -3.03
C THR C 235 0.02 -41.19 -2.46
N GLU C 236 0.04 -41.40 -1.16
CA GLU C 236 -0.89 -42.31 -0.50
C GLU C 236 -1.51 -41.63 0.71
N ALA C 237 -2.75 -42.03 1.00
CA ALA C 237 -3.46 -41.60 2.20
C ALA C 237 -3.64 -42.80 3.12
N SER C 238 -3.25 -42.65 4.37
CA SER C 238 -3.22 -43.74 5.34
C SER C 238 -3.96 -43.35 6.60
N LEU C 239 -4.71 -44.32 7.13
CA LEU C 239 -5.38 -44.19 8.42
C LEU C 239 -5.05 -45.41 9.27
N VAL C 240 -4.59 -45.16 10.49
CA VAL C 240 -4.30 -46.20 11.46
C VAL C 240 -5.27 -46.03 12.62
N TRP C 241 -6.09 -47.05 12.87
CA TRP C 241 -7.19 -46.98 13.82
C TRP C 241 -6.95 -48.00 14.92
N PHE C 242 -6.79 -47.52 16.16
CA PHE C 242 -6.61 -48.38 17.32
C PHE C 242 -7.97 -48.56 17.98
N THR C 243 -8.40 -49.81 18.13
CA THR C 243 -9.71 -50.14 18.67
C THR C 243 -9.59 -51.35 19.58
N PRO C 244 -10.50 -51.50 20.55
CA PRO C 244 -10.48 -52.71 21.38
C PRO C 244 -10.64 -53.97 20.53
N PRO C 245 -9.97 -55.06 20.89
CA PRO C 245 -10.05 -56.27 20.06
C PRO C 245 -11.47 -56.81 19.91
N ARG C 246 -12.36 -56.54 20.85
CA ARG C 246 -13.71 -57.08 20.79
C ARG C 246 -14.45 -56.55 19.56
N THR C 247 -14.32 -55.27 19.26
CA THR C 247 -15.07 -54.63 18.19
C THR C 247 -14.26 -54.40 16.93
N SER C 248 -13.10 -55.04 16.79
CA SER C 248 -12.22 -54.75 15.67
C SER C 248 -12.89 -55.08 14.33
N ASN C 249 -13.57 -56.22 14.26
CA ASN C 249 -14.18 -56.64 13.01
C ASN C 249 -15.32 -55.71 12.60
N GLN C 250 -16.11 -55.28 13.58
CA GLN C 250 -17.20 -54.35 13.30
C GLN C 250 -16.65 -53.04 12.73
N TRP C 251 -15.57 -52.55 13.33
CA TRP C 251 -14.93 -51.33 12.82
C TRP C 251 -14.37 -51.56 11.42
N LEU C 252 -13.79 -52.73 11.17
CA LEU C 252 -13.29 -53.03 9.84
C LEU C 252 -14.42 -52.94 8.81
N ASP C 253 -15.56 -53.55 9.12
CA ASP C 253 -16.70 -53.48 8.20
C ASP C 253 -17.18 -52.05 8.03
N PHE C 254 -17.25 -51.29 9.11
CA PHE C 254 -17.71 -49.90 9.03
C PHE C 254 -16.80 -49.08 8.12
N TRP C 255 -15.49 -49.20 8.30
CA TRP C 255 -14.55 -48.45 7.48
C TRP C 255 -14.63 -48.91 6.02
N LEU C 256 -14.75 -50.21 5.79
CA LEU C 256 -14.92 -50.70 4.43
C LEU C 256 -16.11 -50.04 3.76
N ARG C 257 -17.26 -50.04 4.45
CA ARG C 257 -18.47 -49.43 3.94
C ARG C 257 -18.25 -47.96 3.61
N HIS C 258 -17.68 -47.22 4.57
CA HIS C 258 -17.52 -45.77 4.37
C HIS C 258 -16.58 -45.47 3.21
N ARG C 259 -15.46 -46.16 3.13
CA ARG C 259 -14.51 -45.90 2.05
C ARG C 259 -15.10 -46.26 0.70
N LEU C 260 -15.83 -47.36 0.63
CA LEU C 260 -16.47 -47.73 -0.63
C LEU C 260 -17.49 -46.67 -1.05
N GLN C 261 -18.27 -46.18 -0.10
CA GLN C 261 -19.24 -45.12 -0.40
C GLN C 261 -18.52 -43.86 -0.88
N TRP C 262 -17.41 -43.50 -0.24
CA TRP C 262 -16.67 -42.31 -0.64
C TRP C 262 -16.15 -42.45 -2.06
N TRP C 263 -15.61 -43.62 -2.39
CA TRP C 263 -15.12 -43.84 -3.75
C TRP C 263 -16.25 -43.80 -4.77
N ARG C 264 -17.42 -44.36 -4.42
CA ARG C 264 -18.56 -44.30 -5.33
C ARG C 264 -19.14 -42.90 -5.46
N LYS C 265 -18.90 -42.03 -4.50
CA LYS C 265 -19.60 -40.75 -4.46
C LYS C 265 -19.35 -39.92 -5.71
N PHE C 266 -18.08 -39.71 -6.06
CA PHE C 266 -17.73 -38.78 -7.12
C PHE C 266 -17.74 -39.41 -8.51
N ALA C 267 -18.04 -40.70 -8.62
CA ALA C 267 -17.96 -41.41 -9.89
C ALA C 267 -19.29 -41.32 -10.64
N MET C 268 -19.18 -41.24 -11.97
CA MET C 268 -20.37 -41.30 -12.81
C MET C 268 -20.90 -42.72 -12.95
N SER C 269 -20.04 -43.73 -12.77
CA SER C 269 -20.42 -45.13 -12.88
C SER C 269 -19.95 -45.85 -11.62
N PRO C 270 -20.69 -45.72 -10.52
CA PRO C 270 -20.24 -46.31 -9.25
C PRO C 270 -20.02 -47.81 -9.32
N SER C 271 -20.72 -48.52 -10.21
CA SER C 271 -20.58 -49.97 -10.27
C SER C 271 -19.16 -50.40 -10.61
N ASN C 272 -18.38 -49.53 -11.25
CA ASN C 272 -17.01 -49.90 -11.61
C ASN C 272 -16.06 -49.95 -10.41
N PHE C 273 -16.50 -49.50 -9.24
CA PHE C 273 -15.75 -49.66 -8.00
C PHE C 273 -16.26 -50.90 -7.28
N SER C 274 -15.35 -51.79 -6.88
CA SER C 274 -15.73 -53.06 -6.31
C SER C 274 -14.89 -53.35 -5.07
N SER C 275 -15.43 -54.19 -4.19
CA SER C 275 -14.78 -54.61 -2.97
C SER C 275 -14.65 -56.13 -2.93
N SER C 276 -13.63 -56.60 -2.22
CA SER C 276 -13.38 -58.04 -2.12
C SER C 276 -12.79 -58.35 -0.76
N ASP C 277 -12.96 -59.61 -0.35
CA ASP C 277 -12.43 -60.11 0.91
C ASP C 277 -11.16 -60.91 0.68
N CYS C 278 -10.27 -60.89 1.68
CA CYS C 278 -8.99 -61.55 1.55
C CYS C 278 -8.52 -62.00 2.93
N GLN C 279 -7.64 -62.99 2.93
CA GLN C 279 -7.13 -63.60 4.16
C GLN C 279 -5.61 -63.71 4.07
N ASP C 280 -4.97 -63.67 5.23
CA ASP C 280 -3.52 -63.80 5.33
C ASP C 280 -3.16 -64.76 6.45
N GLU C 281 -1.99 -65.39 6.32
CA GLU C 281 -1.46 -66.22 7.40
C GLU C 281 -1.15 -65.36 8.61
N GLU C 282 -0.42 -64.27 8.40
CA GLU C 282 -0.16 -63.28 9.44
C GLU C 282 -1.19 -62.17 9.31
N GLY C 283 -1.86 -61.84 10.41
CA GLY C 283 -2.94 -60.88 10.38
C GLY C 283 -4.30 -61.54 10.19
N ARG C 284 -5.34 -60.78 10.49
CA ARG C 284 -6.71 -61.27 10.45
C ARG C 284 -7.33 -60.97 9.09
N LYS C 285 -8.66 -61.05 9.02
CA LYS C 285 -9.39 -60.78 7.79
C LYS C 285 -9.03 -59.42 7.20
N GLY C 286 -9.19 -59.27 5.88
CA GLY C 286 -8.92 -58.00 5.23
C GLY C 286 -9.80 -57.79 4.03
N ASN C 287 -9.79 -56.55 3.53
CA ASN C 287 -10.60 -56.15 2.39
C ASN C 287 -9.73 -55.41 1.38
N LYS C 288 -10.13 -55.46 0.12
CA LYS C 288 -9.46 -54.77 -0.97
C LYS C 288 -10.47 -54.05 -1.83
N LEU C 289 -10.08 -52.89 -2.34
CA LEU C 289 -10.92 -52.07 -3.20
C LEU C 289 -10.27 -51.98 -4.58
N TYR C 290 -11.07 -52.19 -5.62
CA TYR C 290 -10.58 -52.23 -6.99
C TYR C 290 -11.40 -51.31 -7.87
N TYR C 291 -10.73 -50.76 -8.89
CA TYR C 291 -11.40 -50.00 -9.95
C TYR C 291 -11.15 -50.72 -11.28
N ASN C 292 -12.18 -50.76 -12.11
CA ASN C 292 -12.15 -51.54 -13.34
C ASN C 292 -11.72 -50.64 -14.50
N PHE C 293 -10.42 -50.56 -14.72
CA PHE C 293 -9.90 -49.91 -15.92
C PHE C 293 -10.24 -50.76 -17.14
N PRO C 294 -10.19 -50.17 -18.33
CA PRO C 294 -10.53 -50.94 -19.54
C PRO C 294 -9.73 -52.22 -19.71
N TRP C 295 -8.53 -52.30 -19.14
CA TRP C 295 -7.69 -53.48 -19.28
C TRP C 295 -7.82 -54.47 -18.11
N GLY C 296 -8.57 -54.13 -17.07
CA GLY C 296 -8.75 -55.03 -15.96
C GLY C 296 -8.94 -54.26 -14.66
N LYS C 297 -9.04 -55.01 -13.58
CA LYS C 297 -9.25 -54.43 -12.26
C LYS C 297 -7.91 -54.14 -11.60
N GLU C 298 -7.79 -52.94 -11.04
CA GLU C 298 -6.57 -52.49 -10.37
C GLU C 298 -6.88 -52.11 -8.93
N LEU C 299 -6.00 -52.54 -8.03
CA LEU C 299 -6.16 -52.22 -6.61
C LEU C 299 -5.93 -50.73 -6.37
N ILE C 300 -6.79 -50.13 -5.55
CA ILE C 300 -6.64 -48.72 -5.21
C ILE C 300 -6.61 -48.49 -3.70
N GLU C 301 -7.08 -49.43 -2.89
CA GLU C 301 -7.09 -49.23 -1.44
C GLU C 301 -7.18 -50.60 -0.77
N THR C 302 -6.55 -50.70 0.40
CA THR C 302 -6.50 -51.95 1.15
C THR C 302 -6.78 -51.68 2.62
N LEU C 303 -7.54 -52.58 3.23
CA LEU C 303 -7.83 -52.53 4.66
C LEU C 303 -7.41 -53.84 5.30
N TRP C 304 -6.63 -53.77 6.37
CA TRP C 304 -6.12 -54.94 7.06
C TRP C 304 -6.40 -54.84 8.54
N ASN C 305 -6.80 -55.97 9.12
CA ASN C 305 -6.93 -56.13 10.57
C ASN C 305 -5.70 -56.90 11.03
N LEU C 306 -4.71 -56.17 11.56
CA LEU C 306 -3.40 -56.73 11.86
C LEU C 306 -3.27 -57.19 13.31
N GLY C 307 -4.33 -57.11 14.10
CA GLY C 307 -4.23 -57.54 15.49
C GLY C 307 -3.33 -56.62 16.28
N ASP C 308 -2.36 -57.21 16.98
CA ASP C 308 -1.48 -56.45 17.85
C ASP C 308 -0.01 -56.85 17.74
N HIS C 309 0.35 -57.67 16.75
CA HIS C 309 1.72 -58.16 16.67
C HIS C 309 2.71 -57.01 16.51
N GLU C 310 2.46 -56.12 15.57
CA GLU C 310 3.42 -55.06 15.27
C GLU C 310 3.58 -54.11 16.46
N LEU C 311 2.48 -53.75 17.12
CA LEU C 311 2.58 -52.80 18.23
C LEU C 311 3.42 -53.35 19.37
N LEU C 312 3.28 -54.65 19.66
CA LEU C 312 4.14 -55.28 20.66
C LEU C 312 5.58 -55.36 20.18
N HIS C 313 5.78 -55.78 18.93
CA HIS C 313 7.13 -55.94 18.41
C HIS C 313 7.92 -54.65 18.48
N MET C 314 7.26 -53.50 18.31
CA MET C 314 7.93 -52.21 18.38
C MET C 314 8.22 -51.79 19.81
N TYR C 315 7.54 -52.37 20.79
CA TYR C 315 7.73 -52.06 22.21
C TYR C 315 7.89 -53.37 22.98
N PRO C 316 9.07 -53.97 22.93
CA PRO C 316 9.25 -55.29 23.54
C PRO C 316 9.11 -55.25 25.05
N GLY C 317 8.73 -56.40 25.60
CA GLY C 317 8.68 -56.57 27.05
C GLY C 317 7.49 -55.89 27.71
N ASN C 318 7.76 -54.82 28.45
CA ASN C 318 6.72 -54.15 29.21
C ASN C 318 5.57 -53.72 28.31
N VAL C 319 4.34 -53.90 28.79
CA VAL C 319 3.13 -53.56 28.05
C VAL C 319 2.25 -52.58 28.79
N SER C 320 2.67 -52.09 29.96
CA SER C 320 1.83 -51.19 30.73
C SER C 320 1.53 -49.90 29.98
N LYS C 321 2.53 -49.35 29.28
CA LYS C 321 2.30 -48.15 28.49
C LYS C 321 1.32 -48.42 27.36
N LEU C 322 1.44 -49.58 26.71
CA LEU C 322 0.59 -49.91 25.57
C LEU C 322 -0.87 -50.07 25.95
N HIS C 323 -1.19 -50.19 27.23
CA HIS C 323 -2.57 -50.40 27.65
C HIS C 323 -3.42 -49.18 27.35
N GLY C 324 -4.66 -49.42 26.92
CA GLY C 324 -5.64 -48.38 26.73
C GLY C 324 -6.97 -48.77 27.35
N ARG C 325 -7.82 -47.75 27.52
CA ARG C 325 -9.05 -47.89 28.28
C ARG C 325 -10.17 -48.47 27.44
N ASP C 326 -11.00 -49.30 28.08
CA ASP C 326 -12.24 -49.78 27.49
C ASP C 326 -13.13 -50.21 28.64
N GLY C 327 -14.23 -49.48 28.86
CA GLY C 327 -15.15 -49.84 29.91
C GLY C 327 -14.48 -49.98 31.25
N ARG C 328 -13.60 -49.04 31.58
CA ARG C 328 -12.90 -49.01 32.85
C ARG C 328 -11.97 -50.20 33.05
N LYS C 329 -11.58 -50.89 31.97
CA LYS C 329 -10.59 -51.94 32.04
C LYS C 329 -9.54 -51.73 30.96
N ASN C 330 -8.29 -52.09 31.27
CA ASN C 330 -7.17 -51.84 30.38
C ASN C 330 -6.96 -53.03 29.45
N VAL C 331 -6.61 -52.74 28.20
CA VAL C 331 -6.37 -53.79 27.21
C VAL C 331 -5.42 -53.25 26.16
N VAL C 332 -4.70 -54.15 25.48
CA VAL C 332 -3.81 -53.77 24.39
C VAL C 332 -4.64 -53.69 23.11
N PRO C 333 -4.65 -52.55 22.42
CA PRO C 333 -5.55 -52.40 21.28
C PRO C 333 -5.16 -53.24 20.08
N CYS C 334 -6.15 -53.52 19.26
CA CYS C 334 -5.96 -54.03 17.92
C CYS C 334 -5.87 -52.88 16.93
N VAL C 335 -5.12 -53.09 15.86
CA VAL C 335 -4.78 -52.04 14.90
C VAL C 335 -5.41 -52.38 13.55
N LEU C 336 -6.15 -51.44 13.00
CA LEU C 336 -6.70 -51.52 11.64
C LEU C 336 -5.95 -50.53 10.77
N SER C 337 -5.50 -50.99 9.61
CA SER C 337 -4.73 -50.16 8.68
C SER C 337 -5.51 -50.01 7.39
N VAL C 338 -5.73 -48.76 6.97
CA VAL C 338 -6.39 -48.43 5.72
C VAL C 338 -5.43 -47.60 4.89
N ASN C 339 -5.14 -48.03 3.67
CA ASN C 339 -4.17 -47.36 2.82
C ASN C 339 -4.71 -47.26 1.41
N GLY C 340 -4.81 -46.04 0.88
CA GLY C 340 -5.28 -45.83 -0.47
C GLY C 340 -4.29 -45.02 -1.27
N ASP C 341 -4.33 -45.24 -2.59
CA ASP C 341 -3.39 -44.62 -3.52
C ASP C 341 -4.08 -43.45 -4.21
N LEU C 342 -3.55 -42.24 -3.99
CA LEU C 342 -4.15 -41.04 -4.56
C LEU C 342 -3.83 -40.88 -6.05
N ASP C 343 -2.63 -41.24 -6.48
CA ASP C 343 -2.28 -41.11 -7.89
C ASP C 343 -3.11 -42.07 -8.74
N ARG C 344 -3.18 -43.34 -8.32
CA ARG C 344 -3.99 -44.29 -9.07
C ARG C 344 -5.46 -43.92 -9.02
N GLY C 345 -5.93 -43.37 -7.90
CA GLY C 345 -7.29 -42.88 -7.83
C GLY C 345 -7.56 -41.75 -8.81
N MET C 346 -6.61 -40.82 -8.92
CA MET C 346 -6.75 -39.75 -9.90
C MET C 346 -6.81 -40.31 -11.32
N LEU C 347 -5.96 -41.29 -11.62
CA LEU C 347 -6.00 -41.91 -12.94
C LEU C 347 -7.34 -42.58 -13.19
N ALA C 348 -7.86 -43.28 -12.17
CA ALA C 348 -9.15 -43.95 -12.31
C ALA C 348 -10.27 -42.94 -12.54
N TYR C 349 -10.25 -41.82 -11.83
CA TYR C 349 -11.27 -40.79 -12.03
C TYR C 349 -11.16 -40.18 -13.42
N LEU C 350 -9.93 -39.96 -13.91
CA LEU C 350 -9.76 -39.44 -15.26
C LEU C 350 -10.35 -40.40 -16.28
N TYR C 351 -10.11 -41.70 -16.10
CA TYR C 351 -10.69 -42.69 -17.00
C TYR C 351 -12.21 -42.70 -16.89
N ASP C 352 -12.74 -42.57 -15.67
CA ASP C 352 -14.17 -42.60 -15.45
C ASP C 352 -14.86 -41.42 -16.14
N SER C 353 -14.28 -40.23 -16.03
CA SER C 353 -14.93 -39.04 -16.59
C SER C 353 -14.99 -39.08 -18.12
N PHE C 354 -13.99 -39.69 -18.76
CA PHE C 354 -13.92 -39.68 -20.21
C PHE C 354 -15.01 -40.52 -20.87
N GLN C 355 -15.71 -41.36 -20.11
CA GLN C 355 -16.74 -42.22 -20.68
C GLN C 355 -17.84 -41.39 -21.34
N HIS C 368 -19.65 -38.32 -29.24
CA HIS C 368 -18.71 -38.00 -30.32
C HIS C 368 -18.04 -36.65 -30.10
N ARG C 369 -17.99 -36.21 -28.85
CA ARG C 369 -17.27 -35.00 -28.47
C ARG C 369 -16.31 -35.36 -27.34
N LYS C 370 -15.05 -34.98 -27.50
CA LYS C 370 -14.03 -35.30 -26.51
C LYS C 370 -14.14 -34.33 -25.35
N VAL C 371 -14.54 -34.82 -24.19
CA VAL C 371 -14.79 -33.99 -23.03
C VAL C 371 -14.62 -34.83 -21.78
N LEU C 372 -14.18 -34.20 -20.69
CA LEU C 372 -14.02 -34.85 -19.40
C LEU C 372 -15.07 -34.31 -18.45
N LYS C 373 -16.09 -35.13 -18.15
CA LYS C 373 -17.14 -34.74 -17.21
C LYS C 373 -16.72 -35.06 -15.77
N LEU C 374 -15.62 -34.42 -15.36
CA LEU C 374 -15.14 -34.58 -14.00
C LEU C 374 -16.13 -33.94 -13.02
N HIS C 375 -16.26 -34.55 -11.85
CA HIS C 375 -17.27 -34.09 -10.90
C HIS C 375 -16.97 -32.64 -10.49
N PRO C 376 -17.99 -31.81 -10.28
CA PRO C 376 -17.71 -30.40 -9.95
C PRO C 376 -16.85 -30.22 -8.72
N CYS C 377 -16.97 -31.09 -7.72
CA CYS C 377 -16.16 -30.97 -6.53
C CYS C 377 -14.69 -31.26 -6.78
N LEU C 378 -14.36 -31.88 -7.92
CA LEU C 378 -13.00 -32.28 -8.21
C LEU C 378 -12.40 -31.61 -9.43
N ALA C 379 -13.20 -30.96 -10.27
CA ALA C 379 -12.68 -30.36 -11.48
C ALA C 379 -11.65 -29.29 -11.13
N PRO C 380 -10.44 -29.34 -11.68
CA PRO C 380 -9.42 -28.36 -11.29
C PRO C 380 -9.79 -26.93 -11.63
N ILE C 381 -10.52 -26.70 -12.73
CA ILE C 381 -10.86 -25.36 -13.18
C ILE C 381 -12.38 -25.29 -13.33
N LYS C 382 -12.99 -24.26 -12.74
CA LYS C 382 -14.44 -24.13 -12.74
C LYS C 382 -14.95 -23.37 -13.97
N VAL C 383 -14.49 -22.14 -14.16
CA VAL C 383 -15.03 -21.24 -15.16
C VAL C 383 -13.90 -20.65 -15.99
N ALA C 384 -14.16 -20.46 -17.28
CA ALA C 384 -13.25 -19.81 -18.20
C ALA C 384 -13.83 -18.46 -18.63
N LEU C 385 -12.95 -17.48 -18.82
CA LEU C 385 -13.36 -16.12 -19.12
C LEU C 385 -12.68 -15.63 -20.39
N ASP C 386 -13.43 -14.92 -21.22
CA ASP C 386 -12.92 -14.40 -22.49
C ASP C 386 -13.67 -13.13 -22.85
N VAL C 387 -13.10 -12.37 -23.78
CA VAL C 387 -13.68 -11.12 -24.25
C VAL C 387 -14.06 -11.28 -25.72
N GLY C 388 -15.06 -10.52 -26.13
CA GLY C 388 -15.51 -10.48 -27.51
C GLY C 388 -14.86 -9.38 -28.30
N ARG C 389 -15.56 -8.90 -29.33
CA ARG C 389 -15.04 -7.85 -30.20
C ARG C 389 -15.52 -6.49 -29.70
N GLY C 390 -14.58 -5.55 -29.56
CA GLY C 390 -14.87 -4.23 -29.06
C GLY C 390 -13.63 -3.53 -28.55
N PRO C 391 -13.81 -2.45 -27.79
CA PRO C 391 -12.66 -1.72 -27.24
C PRO C 391 -11.94 -2.57 -26.19
N THR C 392 -10.65 -2.80 -26.42
CA THR C 392 -9.91 -3.75 -25.59
C THR C 392 -9.84 -3.30 -24.14
N LEU C 393 -9.59 -2.02 -23.90
CA LEU C 393 -9.40 -1.54 -22.53
C LEU C 393 -10.65 -1.74 -21.68
N GLU C 394 -11.82 -1.41 -22.22
CA GLU C 394 -13.05 -1.51 -21.45
C GLU C 394 -13.36 -2.95 -21.08
N LEU C 395 -13.34 -3.83 -22.08
CA LEU C 395 -13.63 -5.24 -21.83
C LEU C 395 -12.60 -5.84 -20.89
N ARG C 396 -11.33 -5.45 -21.03
CA ARG C 396 -10.30 -5.96 -20.14
C ARG C 396 -10.53 -5.52 -18.71
N GLN C 397 -10.95 -4.26 -18.50
CA GLN C 397 -11.26 -3.80 -17.15
C GLN C 397 -12.43 -4.58 -16.56
N VAL C 398 -13.48 -4.79 -17.37
CA VAL C 398 -14.64 -5.52 -16.89
C VAL C 398 -14.24 -6.94 -16.49
N CYS C 399 -13.48 -7.61 -17.36
CA CYS C 399 -13.05 -8.96 -17.06
C CYS C 399 -12.11 -9.03 -15.86
N GLN C 400 -11.26 -8.02 -15.68
CA GLN C 400 -10.40 -7.99 -14.51
C GLN C 400 -11.22 -7.90 -13.23
N GLY C 401 -12.24 -7.03 -13.23
CA GLY C 401 -13.11 -6.94 -12.07
C GLY C 401 -13.82 -8.25 -11.79
N LEU C 402 -14.38 -8.87 -12.82
CA LEU C 402 -15.06 -10.14 -12.64
C LEU C 402 -14.11 -11.23 -12.15
N PHE C 403 -12.89 -11.25 -12.69
CA PHE C 403 -11.89 -12.23 -12.29
C PHE C 403 -11.53 -12.07 -10.81
N ASN C 404 -11.30 -10.84 -10.38
CA ASN C 404 -11.00 -10.59 -8.97
C ASN C 404 -12.16 -11.03 -8.09
N GLU C 405 -13.39 -10.68 -8.48
CA GLU C 405 -14.54 -11.05 -7.66
C GLU C 405 -14.69 -12.57 -7.57
N LEU C 406 -14.52 -13.26 -8.69
CA LEU C 406 -14.66 -14.72 -8.67
C LEU C 406 -13.58 -15.37 -7.83
N LEU C 407 -12.33 -14.88 -7.92
CA LEU C 407 -11.26 -15.46 -7.11
C LEU C 407 -11.50 -15.20 -5.62
N GLU C 408 -12.00 -14.01 -5.28
CA GLU C 408 -12.18 -13.67 -3.88
C GLU C 408 -13.13 -14.63 -3.18
N ASN C 409 -14.05 -15.25 -3.92
CA ASN C 409 -15.07 -16.12 -3.35
C ASN C 409 -14.71 -17.60 -3.42
N GLY C 410 -13.53 -17.94 -3.93
CA GLY C 410 -13.06 -19.32 -3.92
C GLY C 410 -13.26 -20.09 -5.21
N ILE C 411 -13.61 -19.43 -6.30
CA ILE C 411 -13.80 -20.09 -7.59
C ILE C 411 -12.53 -19.91 -8.42
N SER C 412 -12.02 -21.02 -8.96
CA SER C 412 -10.85 -20.99 -9.84
C SER C 412 -11.27 -20.57 -11.24
N VAL C 413 -10.46 -19.72 -11.86
CA VAL C 413 -10.80 -19.11 -13.14
C VAL C 413 -9.61 -19.24 -14.08
N TRP C 414 -9.89 -19.47 -15.36
CA TRP C 414 -8.86 -19.48 -16.40
C TRP C 414 -8.93 -18.17 -17.17
N PRO C 415 -7.95 -17.28 -17.05
CA PRO C 415 -8.05 -15.95 -17.72
C PRO C 415 -7.69 -15.99 -19.20
N GLY C 416 -8.66 -16.40 -20.01
CA GLY C 416 -8.46 -16.42 -21.45
C GLY C 416 -8.55 -15.07 -22.13
N TYR C 417 -9.01 -14.04 -21.42
CA TYR C 417 -9.14 -12.72 -22.01
C TYR C 417 -7.80 -12.05 -22.26
N LEU C 418 -6.71 -12.56 -21.68
CA LEU C 418 -5.39 -11.99 -21.92
C LEU C 418 -4.82 -12.38 -23.28
N GLU C 419 -5.35 -13.44 -23.90
CA GLU C 419 -4.87 -13.87 -25.20
C GLU C 419 -5.51 -13.10 -26.35
N THR C 420 -6.57 -12.34 -26.10
CA THR C 420 -7.25 -11.52 -27.09
C THR C 420 -8.09 -12.32 -28.08
N MET C 421 -8.44 -13.55 -27.73
CA MET C 421 -9.33 -14.38 -28.56
C MET C 421 -8.83 -14.47 -29.99
N GLN C 422 -7.70 -15.17 -30.15
CA GLN C 422 -7.08 -15.35 -31.46
C GLN C 422 -7.43 -16.73 -32.02
N SER C 423 -8.73 -16.99 -32.12
CA SER C 423 -9.22 -18.27 -32.62
C SER C 423 -10.74 -18.21 -32.70
N SER C 424 -11.32 -19.22 -33.34
CA SER C 424 -12.76 -19.31 -33.48
C SER C 424 -13.39 -19.83 -32.19
N LEU C 425 -14.72 -19.82 -32.15
CA LEU C 425 -15.44 -20.23 -30.95
C LEU C 425 -15.46 -21.74 -30.78
N GLU C 426 -15.53 -22.49 -31.88
CA GLU C 426 -15.56 -23.95 -31.78
C GLU C 426 -14.28 -24.49 -31.15
N GLN C 427 -13.13 -23.98 -31.60
CA GLN C 427 -11.86 -24.42 -31.03
C GLN C 427 -11.77 -24.05 -29.55
N LEU C 428 -12.25 -22.86 -29.19
CA LEU C 428 -12.23 -22.45 -27.80
C LEU C 428 -13.07 -23.39 -26.94
N TYR C 429 -14.28 -23.73 -27.41
CA TYR C 429 -15.13 -24.65 -26.66
C TYR C 429 -14.49 -26.02 -26.56
N SER C 430 -13.88 -26.51 -27.64
CA SER C 430 -13.22 -27.81 -27.59
C SER C 430 -12.09 -27.81 -26.57
N LYS C 431 -11.27 -26.76 -26.57
CA LYS C 431 -10.17 -26.67 -25.61
C LYS C 431 -10.69 -26.65 -24.18
N TYR C 432 -11.73 -25.86 -23.92
CA TYR C 432 -12.23 -25.76 -22.55
C TYR C 432 -12.91 -27.05 -22.12
N ASP C 433 -13.57 -27.77 -23.03
CA ASP C 433 -14.14 -29.06 -22.69
C ASP C 433 -13.05 -30.07 -22.35
N GLU C 434 -12.00 -30.13 -23.16
CA GLU C 434 -10.91 -31.07 -22.88
C GLU C 434 -10.22 -30.76 -21.57
N MET C 435 -10.34 -29.54 -21.06
CA MET C 435 -9.81 -29.17 -19.76
C MET C 435 -10.81 -29.41 -18.64
N SER C 436 -12.04 -29.81 -18.96
CA SER C 436 -13.07 -30.14 -17.96
C SER C 436 -13.48 -28.90 -17.15
N ILE C 437 -13.73 -27.80 -17.86
CA ILE C 437 -14.17 -26.57 -17.22
C ILE C 437 -15.70 -26.55 -17.22
N LEU C 438 -16.27 -26.25 -16.05
CA LEU C 438 -17.71 -26.37 -15.89
C LEU C 438 -18.47 -25.41 -16.81
N PHE C 439 -18.10 -24.14 -16.79
CA PHE C 439 -18.84 -23.11 -17.52
C PHE C 439 -17.87 -22.20 -18.27
N THR C 440 -18.34 -21.71 -19.42
CA THR C 440 -17.60 -20.73 -20.21
C THR C 440 -18.37 -19.41 -20.20
N VAL C 441 -17.67 -18.33 -19.88
CA VAL C 441 -18.25 -16.99 -19.75
C VAL C 441 -17.64 -16.10 -20.82
N LEU C 442 -18.49 -15.39 -21.55
CA LEU C 442 -18.06 -14.48 -22.60
C LEU C 442 -18.65 -13.09 -22.35
N VAL C 443 -17.79 -12.08 -22.40
CA VAL C 443 -18.16 -10.68 -22.20
C VAL C 443 -17.96 -9.95 -23.52
N THR C 444 -18.99 -9.20 -23.94
CA THR C 444 -19.01 -8.51 -25.20
C THR C 444 -19.21 -7.02 -24.97
N GLU C 445 -19.02 -6.23 -26.03
CA GLU C 445 -19.32 -4.80 -25.95
C GLU C 445 -20.76 -4.58 -25.54
N THR C 446 -21.67 -5.43 -26.03
CA THR C 446 -23.07 -5.32 -25.63
C THR C 446 -23.23 -5.44 -24.12
N THR C 447 -22.35 -6.20 -23.47
CA THR C 447 -22.42 -6.34 -22.02
C THR C 447 -22.25 -5.00 -21.32
N LEU C 448 -21.49 -4.08 -21.93
CA LEU C 448 -21.33 -2.75 -21.34
C LEU C 448 -22.66 -2.01 -21.29
N GLU C 449 -23.58 -2.32 -22.20
CA GLU C 449 -24.83 -1.58 -22.27
C GLU C 449 -25.76 -1.97 -21.12
N ASN C 450 -26.16 -3.24 -21.06
CA ASN C 450 -27.12 -3.70 -20.06
C ASN C 450 -26.50 -4.56 -18.97
N GLY C 451 -25.40 -5.23 -19.24
CA GLY C 451 -24.77 -6.10 -18.28
C GLY C 451 -25.07 -7.57 -18.45
N LEU C 452 -25.26 -8.05 -19.68
CA LEU C 452 -25.56 -9.44 -19.96
C LEU C 452 -24.34 -10.12 -20.56
N ILE C 453 -23.99 -11.28 -20.01
CA ILE C 453 -22.84 -12.06 -20.47
C ILE C 453 -23.36 -13.41 -20.96
N HIS C 454 -22.62 -13.99 -21.90
CA HIS C 454 -22.96 -15.30 -22.43
C HIS C 454 -22.37 -16.39 -21.55
N LEU C 455 -23.18 -17.42 -21.28
CA LEU C 455 -22.78 -18.54 -20.44
C LEU C 455 -23.05 -19.84 -21.20
N ARG C 456 -22.05 -20.71 -21.22
CA ARG C 456 -22.17 -22.04 -21.82
C ARG C 456 -21.87 -23.09 -20.76
N SER C 457 -22.65 -24.16 -20.76
CA SER C 457 -22.55 -25.23 -19.79
C SER C 457 -21.80 -26.42 -20.37
N ARG C 458 -20.90 -26.99 -19.57
CA ARG C 458 -20.09 -28.11 -20.03
C ARG C 458 -20.94 -29.34 -20.31
N ASP C 459 -21.93 -29.61 -19.46
CA ASP C 459 -22.68 -30.86 -19.58
C ASP C 459 -23.76 -30.77 -20.65
N THR C 460 -24.63 -29.76 -20.56
CA THR C 460 -25.74 -29.63 -21.50
C THR C 460 -25.36 -28.94 -22.80
N THR C 461 -24.32 -28.11 -22.80
CA THR C 461 -23.88 -27.37 -23.96
C THR C 461 -24.88 -26.29 -24.38
N MET C 462 -25.79 -25.91 -23.50
CA MET C 462 -26.80 -24.91 -23.82
C MET C 462 -26.31 -23.51 -23.45
N LYS C 463 -26.56 -22.56 -24.33
CA LYS C 463 -26.12 -21.19 -24.15
C LYS C 463 -27.21 -20.36 -23.49
N GLU C 464 -26.79 -19.36 -22.72
CA GLU C 464 -27.72 -18.56 -21.94
C GLU C 464 -27.15 -17.16 -21.77
N MET C 465 -28.02 -16.20 -21.47
CA MET C 465 -27.64 -14.84 -21.14
C MET C 465 -27.91 -14.60 -19.66
N MET C 466 -26.91 -14.10 -18.94
CA MET C 466 -27.06 -13.88 -17.50
C MET C 466 -26.47 -12.53 -17.12
N HIS C 467 -27.06 -11.92 -16.11
CA HIS C 467 -26.54 -10.66 -15.59
C HIS C 467 -25.29 -10.92 -14.75
N ILE C 468 -24.31 -10.02 -14.88
CA ILE C 468 -23.01 -10.22 -14.23
C ILE C 468 -23.17 -10.29 -12.72
N SER C 469 -24.09 -9.48 -12.17
CA SER C 469 -24.23 -9.40 -10.72
C SER C 469 -24.70 -10.72 -10.11
N LYS C 470 -25.22 -11.65 -10.92
CA LYS C 470 -25.78 -12.89 -10.40
C LYS C 470 -24.87 -14.10 -10.59
N LEU C 471 -23.85 -13.97 -11.43
CA LEU C 471 -23.02 -15.11 -11.83
C LEU C 471 -22.34 -15.77 -10.63
N LYS C 472 -21.78 -14.97 -9.73
CA LYS C 472 -21.05 -15.53 -8.59
C LYS C 472 -21.96 -16.38 -7.72
N ASP C 473 -23.11 -15.84 -7.34
CA ASP C 473 -24.06 -16.60 -6.53
C ASP C 473 -24.56 -17.83 -7.27
N PHE C 474 -24.79 -17.69 -8.58
CA PHE C 474 -25.24 -18.85 -9.36
C PHE C 474 -24.22 -19.98 -9.29
N LEU C 475 -22.94 -19.65 -9.50
CA LEU C 475 -21.90 -20.66 -9.47
C LEU C 475 -21.77 -21.28 -8.08
N ILE C 476 -21.83 -20.45 -7.03
CA ILE C 476 -21.70 -20.98 -5.68
C ILE C 476 -22.84 -21.95 -5.38
N LYS C 477 -24.07 -21.57 -5.74
CA LYS C 477 -25.21 -22.45 -5.50
C LYS C 477 -25.09 -23.73 -6.31
N TYR C 478 -24.60 -23.63 -7.55
CA TYR C 478 -24.43 -24.83 -8.37
C TYR C 478 -23.44 -25.79 -7.72
N ILE C 479 -22.31 -25.27 -7.23
CA ILE C 479 -21.33 -26.13 -6.58
C ILE C 479 -21.91 -26.74 -5.31
N SER C 480 -22.64 -25.95 -4.53
CA SER C 480 -23.24 -26.48 -3.30
C SER C 480 -24.23 -27.59 -3.62
N SER C 481 -25.07 -27.40 -4.63
CA SER C 481 -26.05 -28.42 -5.01
C SER C 481 -25.35 -29.68 -5.48
N ALA C 482 -24.27 -29.53 -6.25
CA ALA C 482 -23.51 -30.71 -6.67
C ALA C 482 -22.95 -31.45 -5.47
N LYS C 483 -22.44 -30.71 -4.48
CA LYS C 483 -21.90 -31.35 -3.28
C LYS C 483 -22.98 -32.11 -2.52
N ASN C 484 -24.12 -31.47 -2.28
CA ASN C 484 -25.12 -32.05 -1.39
C ASN C 484 -25.65 -33.37 -1.94
N VAL C 485 -25.93 -33.43 -3.24
CA VAL C 485 -26.45 -34.64 -3.84
C VAL C 485 -25.46 -35.78 -3.66
#